data_2PN3
# 
_entry.id   2PN3 
# 
_audit_conform.dict_name       mmcif_pdbx.dic 
_audit_conform.dict_version    5.387 
_audit_conform.dict_location   http://mmcif.pdb.org/dictionaries/ascii/mmcif_pdbx.dic 
# 
loop_
_database_2.database_id 
_database_2.database_code 
_database_2.pdbx_database_accession 
_database_2.pdbx_DOI 
PDB   2PN3         pdb_00002pn3 10.2210/pdb2pn3/pdb 
NDB   AR0077       ?            ?                   
RCSB  RCSB042560   ?            ?                   
WWPDB D_1000042560 ?            ?                   
# 
loop_
_pdbx_audit_revision_history.ordinal 
_pdbx_audit_revision_history.data_content_type 
_pdbx_audit_revision_history.major_revision 
_pdbx_audit_revision_history.minor_revision 
_pdbx_audit_revision_history.revision_date 
1 'Structure model' 1 0 2008-04-01 
2 'Structure model' 1 1 2011-07-13 
3 'Structure model' 1 2 2024-02-21 
# 
_pdbx_audit_revision_details.ordinal             1 
_pdbx_audit_revision_details.revision_ordinal    1 
_pdbx_audit_revision_details.data_content_type   'Structure model' 
_pdbx_audit_revision_details.provider            repository 
_pdbx_audit_revision_details.type                'Initial release' 
_pdbx_audit_revision_details.description         ? 
_pdbx_audit_revision_details.details             ? 
# 
loop_
_pdbx_audit_revision_group.ordinal 
_pdbx_audit_revision_group.revision_ordinal 
_pdbx_audit_revision_group.data_content_type 
_pdbx_audit_revision_group.group 
1 2 'Structure model' 'Version format compliance' 
2 3 'Structure model' 'Data collection'           
3 3 'Structure model' 'Database references'       
4 3 'Structure model' 'Derived calculations'      
# 
loop_
_pdbx_audit_revision_category.ordinal 
_pdbx_audit_revision_category.revision_ordinal 
_pdbx_audit_revision_category.data_content_type 
_pdbx_audit_revision_category.category 
1 3 'Structure model' chem_comp_atom   
2 3 'Structure model' chem_comp_bond   
3 3 'Structure model' database_2       
4 3 'Structure model' struct_conn      
5 3 'Structure model' struct_conn_type 
# 
loop_
_pdbx_audit_revision_item.ordinal 
_pdbx_audit_revision_item.revision_ordinal 
_pdbx_audit_revision_item.data_content_type 
_pdbx_audit_revision_item.item 
1  3 'Structure model' '_database_2.pdbx_DOI'                
2  3 'Structure model' '_database_2.pdbx_database_accession' 
3  3 'Structure model' '_struct_conn.conn_type_id'           
4  3 'Structure model' '_struct_conn.id'                     
5  3 'Structure model' '_struct_conn.pdbx_dist_value'        
6  3 'Structure model' '_struct_conn.pdbx_leaving_atom_flag' 
7  3 'Structure model' '_struct_conn.ptnr1_auth_asym_id'     
8  3 'Structure model' '_struct_conn.ptnr1_auth_comp_id'     
9  3 'Structure model' '_struct_conn.ptnr1_auth_seq_id'      
10 3 'Structure model' '_struct_conn.ptnr1_label_asym_id'    
11 3 'Structure model' '_struct_conn.ptnr1_label_atom_id'    
12 3 'Structure model' '_struct_conn.ptnr1_label_comp_id'    
13 3 'Structure model' '_struct_conn.ptnr1_label_seq_id'     
14 3 'Structure model' '_struct_conn.ptnr2_auth_asym_id'     
15 3 'Structure model' '_struct_conn.ptnr2_auth_comp_id'     
16 3 'Structure model' '_struct_conn.ptnr2_auth_seq_id'      
17 3 'Structure model' '_struct_conn.ptnr2_label_asym_id'    
18 3 'Structure model' '_struct_conn.ptnr2_label_atom_id'    
19 3 'Structure model' '_struct_conn.ptnr2_label_comp_id'    
20 3 'Structure model' '_struct_conn.ptnr2_label_seq_id'     
21 3 'Structure model' '_struct_conn_type.id'                
# 
_pdbx_database_status.status_code                     REL 
_pdbx_database_status.entry_id                        2PN3 
_pdbx_database_status.recvd_initial_deposition_date   2007-04-23 
_pdbx_database_status.deposit_site                    RCSB 
_pdbx_database_status.process_site                    RCSB 
_pdbx_database_status.status_code_sf                  REL 
_pdbx_database_status.status_code_mr                  ? 
_pdbx_database_status.SG_entry                        ? 
_pdbx_database_status.pdb_format_compatible           Y 
_pdbx_database_status.status_code_cs                  ? 
_pdbx_database_status.status_code_nmr_data            ? 
_pdbx_database_status.methods_development_category    ? 
# 
loop_
_audit_author.name 
_audit_author.pdbx_ordinal 
'Zhao, Q.'        1 
'Han, Q.'         2 
'Kissinger, C.R.' 3 
'Hermann, T.'     4 
'Thompson, P.A.'  5 
# 
_citation.id                        primary 
_citation.title                     'Structure of hepatitis C virus IRES subdomain IIa.' 
_citation.journal_abbrev            'Acta Crystallogr.,Sect.D' 
_citation.journal_volume            64 
_citation.page_first                436 
_citation.page_last                 443 
_citation.year                      2008 
_citation.journal_id_ASTM           ABCRE6 
_citation.country                   DK 
_citation.journal_id_ISSN           0907-4449 
_citation.journal_id_CSD            0766 
_citation.book_publisher            ? 
_citation.pdbx_database_id_PubMed   18391410 
_citation.pdbx_database_id_DOI      10.1107/S0907444908002011 
# 
loop_
_citation_author.citation_id 
_citation_author.name 
_citation_author.ordinal 
_citation_author.identifier_ORCID 
primary 'Zhao, Q.'        1 ? 
primary 'Han, Q.'         2 ? 
primary 'Kissinger, C.R.' 3 ? 
primary 'Hermann, T.'     4 ? 
primary 'Thompson, P.A.'  5 ? 
# 
loop_
_entity.id 
_entity.type 
_entity.src_method 
_entity.pdbx_description 
_entity.formula_weight 
_entity.pdbx_number_of_molecules 
_entity.pdbx_ec 
_entity.pdbx_mutation 
_entity.pdbx_fragment 
_entity.details 
1 polymer     syn "5'-R(*CP*GP*GP*AP*GP*GP*AP*AP*CP*UP*AP*CP*UP*GP*UP*CP*UP*UP*CP*AP*CP*GP*CP*C)-3'" 7644.589 1 ? 
'G47C, U48G, A70C' 'HCV IRES Subdomain IIa (residue 47-70)'  ? 
2 polymer     syn "5'-R(*GP*CP*GP*(5BU)P*GP*UP*CP*GP*UP*GP*CP*AP*GP*CP*CP*(5BU)P*CP*CP*GP*G)-3'"     6564.623 1 ? 'A99C, A116G' 
'HCV IRES Subdomain IIa (residue 98-117)' ? 
3 non-polymer syn 'MAGNESIUM ION'                                                                    24.305   2 ? ? ? ? 
# 
loop_
_entity_poly.entity_id 
_entity_poly.type 
_entity_poly.nstd_linkage 
_entity_poly.nstd_monomer 
_entity_poly.pdbx_seq_one_letter_code 
_entity_poly.pdbx_seq_one_letter_code_can 
_entity_poly.pdbx_strand_id 
_entity_poly.pdbx_target_identifier 
1 polyribonucleotide no no  CGGAGGAACUACUGUCUUCACGCC       CGGAGGAACUACUGUCUUCACGCC A ? 
2 polyribonucleotide no yes 'GCG(5BU)GUCGUGCAGCC(5BU)CCGG' GCGUGUCGUGCAGCCUCCGG     B ? 
# 
_pdbx_entity_nonpoly.entity_id   3 
_pdbx_entity_nonpoly.name        'MAGNESIUM ION' 
_pdbx_entity_nonpoly.comp_id     MG 
# 
loop_
_entity_poly_seq.entity_id 
_entity_poly_seq.num 
_entity_poly_seq.mon_id 
_entity_poly_seq.hetero 
1 1  C   n 
1 2  G   n 
1 3  G   n 
1 4  A   n 
1 5  G   n 
1 6  G   n 
1 7  A   n 
1 8  A   n 
1 9  C   n 
1 10 U   n 
1 11 A   n 
1 12 C   n 
1 13 U   n 
1 14 G   n 
1 15 U   n 
1 16 C   n 
1 17 U   n 
1 18 U   n 
1 19 C   n 
1 20 A   n 
1 21 C   n 
1 22 G   n 
1 23 C   n 
1 24 C   n 
2 1  G   n 
2 2  C   n 
2 3  G   n 
2 4  5BU n 
2 5  G   n 
2 6  U   n 
2 7  C   n 
2 8  G   n 
2 9  U   n 
2 10 G   n 
2 11 C   n 
2 12 A   n 
2 13 G   n 
2 14 C   n 
2 15 C   n 
2 16 5BU n 
2 17 C   n 
2 18 C   n 
2 19 G   n 
2 20 G   n 
# 
loop_
_pdbx_entity_src_syn.entity_id 
_pdbx_entity_src_syn.pdbx_src_id 
_pdbx_entity_src_syn.pdbx_alt_source_flag 
_pdbx_entity_src_syn.pdbx_beg_seq_num 
_pdbx_entity_src_syn.pdbx_end_seq_num 
_pdbx_entity_src_syn.organism_scientific 
_pdbx_entity_src_syn.organism_common_name 
_pdbx_entity_src_syn.ncbi_taxonomy_id 
_pdbx_entity_src_syn.details 
1 1 sample ? ? ? ? ? 'This sequence occurs naturally in hepatitis C virus' 
2 1 sample ? ? ? ? ? 'This sequence occurs naturally in hepatitis C virus' 
# 
loop_
_chem_comp.id 
_chem_comp.type 
_chem_comp.mon_nstd_flag 
_chem_comp.name 
_chem_comp.pdbx_synonyms 
_chem_comp.formula 
_chem_comp.formula_weight 
5BU 'RNA linking' n "5-BROMO-URIDINE-5'-MONOPHOSPHATE" ? 'C9 H12 Br N2 O9 P' 403.077 
A   'RNA linking' y "ADENOSINE-5'-MONOPHOSPHATE"       ? 'C10 H14 N5 O7 P'   347.221 
C   'RNA linking' y "CYTIDINE-5'-MONOPHOSPHATE"        ? 'C9 H14 N3 O8 P'    323.197 
G   'RNA linking' y "GUANOSINE-5'-MONOPHOSPHATE"       ? 'C10 H14 N5 O8 P'   363.221 
MG  non-polymer   . 'MAGNESIUM ION'                    ? 'Mg 2'              24.305  
U   'RNA linking' y "URIDINE-5'-MONOPHOSPHATE"         ? 'C9 H13 N2 O9 P'    324.181 
# 
loop_
_pdbx_poly_seq_scheme.asym_id 
_pdbx_poly_seq_scheme.entity_id 
_pdbx_poly_seq_scheme.seq_id 
_pdbx_poly_seq_scheme.mon_id 
_pdbx_poly_seq_scheme.ndb_seq_num 
_pdbx_poly_seq_scheme.pdb_seq_num 
_pdbx_poly_seq_scheme.auth_seq_num 
_pdbx_poly_seq_scheme.pdb_mon_id 
_pdbx_poly_seq_scheme.auth_mon_id 
_pdbx_poly_seq_scheme.pdb_strand_id 
_pdbx_poly_seq_scheme.pdb_ins_code 
_pdbx_poly_seq_scheme.hetero 
A 1 1  C   1  47  47  C   C   A . n 
A 1 2  G   2  48  48  G   G   A . n 
A 1 3  G   3  49  49  G   G   A . n 
A 1 4  A   4  50  50  A   A   A . n 
A 1 5  G   5  51  51  G   G   A . n 
A 1 6  G   6  52  52  G   G   A . n 
A 1 7  A   7  53  53  A   A   A . n 
A 1 8  A   8  54  54  A   A   A . n 
A 1 9  C   9  55  55  C   C   A . n 
A 1 10 U   10 56  56  U   U   A . n 
A 1 11 A   11 57  57  A   A   A . n 
A 1 12 C   12 58  58  C   C   A . n 
A 1 13 U   13 59  59  U   U   A . n 
A 1 14 G   14 60  60  G   G   A . n 
A 1 15 U   15 61  61  U   U   A . n 
A 1 16 C   16 62  62  C   C   A . n 
A 1 17 U   17 63  63  U   U   A . n 
A 1 18 U   18 64  64  U   U   A . n 
A 1 19 C   19 65  65  C   C   A . n 
A 1 20 A   20 66  66  A   A   A . n 
A 1 21 C   21 67  67  C   C   A . n 
A 1 22 G   22 68  68  G   G   A . n 
A 1 23 C   23 69  69  C   C   A . n 
A 1 24 C   24 70  70  C   C   A . n 
B 2 1  G   1  98  98  G   G   B . n 
B 2 2  C   2  99  99  C   C   B . n 
B 2 3  G   3  100 100 G   G   B . n 
B 2 4  5BU 4  101 101 5BU 5BU B . n 
B 2 5  G   5  102 102 G   G   B . n 
B 2 6  U   6  103 103 U   U   B . n 
B 2 7  C   7  104 104 C   C   B . n 
B 2 8  G   8  105 105 G   G   B . n 
B 2 9  U   9  106 106 U   U   B . n 
B 2 10 G   10 107 107 G   G   B . n 
B 2 11 C   11 108 108 C   C   B . n 
B 2 12 A   12 109 109 A   A   B . n 
B 2 13 G   13 110 110 G   G   B . n 
B 2 14 C   14 111 111 C   C   B . n 
B 2 15 C   15 112 112 C   C   B . n 
B 2 16 5BU 16 113 113 5BU 5BU B . n 
B 2 17 C   17 114 114 C   C   B . n 
B 2 18 C   18 115 115 C   C   B . n 
B 2 19 G   19 116 116 G   G   B . n 
B 2 20 G   20 117 117 G   G   B . n 
# 
loop_
_pdbx_nonpoly_scheme.asym_id 
_pdbx_nonpoly_scheme.entity_id 
_pdbx_nonpoly_scheme.mon_id 
_pdbx_nonpoly_scheme.ndb_seq_num 
_pdbx_nonpoly_scheme.pdb_seq_num 
_pdbx_nonpoly_scheme.auth_seq_num 
_pdbx_nonpoly_scheme.pdb_mon_id 
_pdbx_nonpoly_scheme.auth_mon_id 
_pdbx_nonpoly_scheme.pdb_strand_id 
_pdbx_nonpoly_scheme.pdb_ins_code 
C 3 MG 1 1 1 MG MG A . 
D 3 MG 1 2 2 MG MG A . 
# 
loop_
_software.name 
_software.classification 
_software.version 
_software.citation_id 
_software.pdbx_ordinal 
REFMAC   refinement        5.2.0019                ? 1 
APS      'data collection' 'BioCARS developed GUI' ? 2 
HKL-2000 'data reduction'  .                       ? 3 
HKL-2000 'data scaling'    .                       ? 4 
SOLVE    phasing           .                       ? 5 
# 
_cell.entry_id           2PN3 
_cell.length_a           48.945 
_cell.length_b           48.945 
_cell.length_c           120.942 
_cell.angle_alpha        90.00 
_cell.angle_beta         90.00 
_cell.angle_gamma        90.00 
_cell.Z_PDB              8 
_cell.pdbx_unique_axis   ? 
_cell.length_a_esd       ? 
_cell.length_b_esd       ? 
_cell.length_c_esd       ? 
_cell.angle_alpha_esd    ? 
_cell.angle_beta_esd     ? 
_cell.angle_gamma_esd    ? 
# 
_symmetry.entry_id                         2PN3 
_symmetry.space_group_name_H-M             'P 43 21 2' 
_symmetry.pdbx_full_space_group_name_H-M   ? 
_symmetry.cell_setting                     ? 
_symmetry.Int_Tables_number                96 
_symmetry.space_group_name_Hall            ? 
# 
_exptl.entry_id          2PN3 
_exptl.method            'X-RAY DIFFRACTION' 
_exptl.crystals_number   1 
# 
_exptl_crystal.id                    1 
_exptl_crystal.density_meas          ? 
_exptl_crystal.density_Matthews      2.55 
_exptl_crystal.density_percent_sol   51.74 
_exptl_crystal.description           ? 
_exptl_crystal.F_000                 ? 
_exptl_crystal.preparation           ? 
# 
_exptl_crystal_grow.crystal_id      1 
_exptl_crystal_grow.method          EVAPORATION 
_exptl_crystal_grow.temp            290.0 
_exptl_crystal_grow.temp_details    ? 
_exptl_crystal_grow.pH              6.2 
_exptl_crystal_grow.pdbx_details    
'5% MPD, 5mM MgSO4, 12.5mM NaCl, 50mM KCl, 25mM Cacodylate equilibrated with 65%MPD, pH 6.2, EVAPORATION, temperature 290.0K' 
_exptl_crystal_grow.pdbx_pH_range   . 
# 
loop_
_exptl_crystal_grow_comp.crystal_id 
_exptl_crystal_grow_comp.id 
_exptl_crystal_grow_comp.sol_id 
_exptl_crystal_grow_comp.name 
_exptl_crystal_grow_comp.volume 
_exptl_crystal_grow_comp.conc 
_exptl_crystal_grow_comp.details 
1 1 1 '5% MPD'   ? ? ? 
1 2 1 MgSO4      ? ? ? 
1 3 1 NaCl       ? ? ? 
1 4 1 KCl        ? ? ? 
1 5 1 Cacodylate ? ? ? 
1 6 2 '65% MPD'  ? ? ? 
# 
_diffrn.id                     1 
_diffrn.ambient_temp           77.0 
_diffrn.ambient_temp_details   ? 
_diffrn.crystal_id             1 
# 
_diffrn_detector.diffrn_id              1 
_diffrn_detector.detector               CCD 
_diffrn_detector.type                   'MAR CCD 165 mm' 
_diffrn_detector.pdbx_collection_date   2004-10-30 
_diffrn_detector.details                mirrors 
# 
_diffrn_radiation.diffrn_id                        1 
_diffrn_radiation.wavelength_id                    1 
_diffrn_radiation.pdbx_monochromatic_or_laue_m_l   M 
_diffrn_radiation.monochromator                    'double-crystal Si 111' 
_diffrn_radiation.pdbx_diffrn_protocol             MAD 
_diffrn_radiation.pdbx_scattering_type             x-ray 
# 
loop_
_diffrn_radiation_wavelength.id 
_diffrn_radiation_wavelength.wavelength 
_diffrn_radiation_wavelength.wt 
1 0.9203  1.0 
2 0.9197  1.0 
3 0.90686 1.0 
# 
_diffrn_source.diffrn_id                   1 
_diffrn_source.source                      SYNCHROTRON 
_diffrn_source.type                        'APS BEAMLINE 14-ID-B' 
_diffrn_source.pdbx_synchrotron_site       APS 
_diffrn_source.pdbx_synchrotron_beamline   14-ID-B 
_diffrn_source.pdbx_wavelength             ? 
_diffrn_source.pdbx_wavelength_list        '0.9203, 0.9197, 0.90686' 
# 
_reflns.entry_id                     2PN3 
_reflns.observed_criterion_sigma_F   0 
_reflns.observed_criterion_sigma_I   0 
_reflns.d_resolution_high            2.9 
_reflns.d_resolution_low             50 
_reflns.number_all                   3650 
_reflns.number_obs                   3420 
_reflns.percent_possible_obs         93.7 
_reflns.pdbx_Rmerge_I_obs            0.081 
_reflns.pdbx_Rsym_value              ? 
_reflns.pdbx_netI_over_sigmaI        27.5 
_reflns.B_iso_Wilson_estimate        55.3 
_reflns.pdbx_redundancy              11.2 
_reflns.R_free_details               ? 
_reflns.pdbx_chi_squared             ? 
_reflns.pdbx_scaling_rejects         ? 
_reflns.pdbx_diffrn_id               1 
_reflns.pdbx_ordinal                 1 
# 
_reflns_shell.d_res_high             2.90 
_reflns_shell.d_res_low              3.00 
_reflns_shell.percent_possible_all   75.1 
_reflns_shell.Rmerge_I_obs           0.345 
_reflns_shell.pdbx_Rsym_value        ? 
_reflns_shell.meanI_over_sigI_obs    4.6 
_reflns_shell.pdbx_redundancy        8.1 
_reflns_shell.percent_possible_obs   ? 
_reflns_shell.number_unique_all      253 
_reflns_shell.number_measured_all    ? 
_reflns_shell.number_measured_obs    ? 
_reflns_shell.number_unique_obs      ? 
_reflns_shell.pdbx_chi_squared       ? 
_reflns_shell.pdbx_diffrn_id         ? 
_reflns_shell.pdbx_ordinal           1 
# 
_refine.entry_id                                 2PN3 
_refine.ls_number_reflns_obs                     3202 
_refine.ls_number_reflns_all                     3452 
_refine.pdbx_ls_sigma_I                          ? 
_refine.pdbx_ls_sigma_F                          0 
_refine.pdbx_data_cutoff_high_absF               ? 
_refine.pdbx_data_cutoff_low_absF                ? 
_refine.pdbx_data_cutoff_high_rms_absF           ? 
_refine.ls_d_res_low                             45.00 
_refine.ls_d_res_high                            2.90 
_refine.ls_percent_reflns_obs                    92.74 
_refine.ls_R_factor_obs                          0.22969 
_refine.ls_R_factor_all                          0.23204 
_refine.ls_R_factor_R_work                       0.2288 
_refine.ls_R_factor_R_free                       0.28263 
_refine.ls_R_factor_R_free_error                 ? 
_refine.ls_R_factor_R_free_error_details         ? 
_refine.ls_percent_reflns_R_free                 4.3 
_refine.ls_number_reflns_R_free                  143 
_refine.ls_number_parameters                     ? 
_refine.ls_number_restraints                     ? 
_refine.occupancy_min                            ? 
_refine.occupancy_max                            ? 
_refine.correlation_coeff_Fo_to_Fc               0.891 
_refine.correlation_coeff_Fo_to_Fc_free          0.843 
_refine.B_iso_mean                               44.297 
_refine.aniso_B[1][1]                            -2.08 
_refine.aniso_B[2][2]                            -2.08 
_refine.aniso_B[3][3]                            4.16 
_refine.aniso_B[1][2]                            0.00 
_refine.aniso_B[1][3]                            0.00 
_refine.aniso_B[2][3]                            0.00 
_refine.solvent_model_details                    MASK 
_refine.solvent_model_param_ksol                 ? 
_refine.solvent_model_param_bsol                 ? 
_refine.pdbx_solvent_vdw_probe_radii             1.40 
_refine.pdbx_solvent_ion_probe_radii             0.80 
_refine.pdbx_solvent_shrinkage_radii             0.80 
_refine.pdbx_ls_cross_valid_method               THROUGHOUT 
_refine.details                                  'HYDROGENS HAVE BEEN ADDED IN THE RIDING POSITIONS' 
_refine.pdbx_starting_model                      ? 
_refine.pdbx_method_to_determine_struct          MAD 
_refine.pdbx_isotropic_thermal_model             Isotropic 
_refine.pdbx_stereochemistry_target_values       'MAXIMUM LIKELIHOOD' 
_refine.pdbx_stereochem_target_val_spec_case     ? 
_refine.pdbx_R_Free_selection_details            RANDOM 
_refine.pdbx_overall_ESU_R                       ? 
_refine.pdbx_overall_ESU_R_Free                  0.460 
_refine.overall_SU_ML                            0.349 
_refine.overall_SU_B                             18.570 
_refine.ls_redundancy_reflns_obs                 ? 
_refine.overall_SU_R_Cruickshank_DPI             ? 
_refine.overall_SU_R_free                        ? 
_refine.ls_wR_factor_R_free                      ? 
_refine.ls_wR_factor_R_work                      ? 
_refine.overall_FOM_free_R_set                   ? 
_refine.overall_FOM_work_R_set                   ? 
_refine.pdbx_overall_phase_error                 ? 
_refine.pdbx_refine_id                           'X-RAY DIFFRACTION' 
_refine.pdbx_diffrn_id                           1 
_refine.pdbx_TLS_residual_ADP_flag               ? 
_refine.pdbx_overall_SU_R_free_Cruickshank_DPI   ? 
_refine.pdbx_overall_SU_R_Blow_DPI               ? 
_refine.pdbx_overall_SU_R_free_Blow_DPI          ? 
# 
_refine_analyze.entry_id                        2PN3 
_refine_analyze.Luzzati_coordinate_error_obs    0.35 
_refine_analyze.Luzzati_sigma_a_obs             0.32 
_refine_analyze.Luzzati_d_res_low_obs           5 
_refine_analyze.Luzzati_coordinate_error_free   0.4 
_refine_analyze.Luzzati_sigma_a_free            0.420 
_refine_analyze.Luzzati_d_res_low_free          ? 
_refine_analyze.number_disordered_residues      ? 
_refine_analyze.occupancy_sum_non_hydrogen      ? 
_refine_analyze.occupancy_sum_hydrogen          ? 
_refine_analyze.pdbx_refine_id                  'X-RAY DIFFRACTION' 
# 
_refine_hist.pdbx_refine_id                   'X-RAY DIFFRACTION' 
_refine_hist.cycle_id                         LAST 
_refine_hist.pdbx_number_atoms_protein        0 
_refine_hist.pdbx_number_atoms_nucleic_acid   930 
_refine_hist.pdbx_number_atoms_ligand         2 
_refine_hist.number_atoms_solvent             0 
_refine_hist.number_atoms_total               932 
_refine_hist.d_res_high                       2.90 
_refine_hist.d_res_low                        45.00 
# 
loop_
_refine_ls_restr.type 
_refine_ls_restr.dev_ideal 
_refine_ls_restr.dev_ideal_target 
_refine_ls_restr.weight 
_refine_ls_restr.number 
_refine_ls_restr.pdbx_refine_id 
_refine_ls_restr.pdbx_restraint_function 
r_bond_refined_d         0.012 0.021 ? 1036 'X-RAY DIFFRACTION' ? 
r_angle_refined_deg      1.885 3.000 ? 1612 'X-RAY DIFFRACTION' ? 
r_chiral_restr           0.071 0.200 ? 218  'X-RAY DIFFRACTION' ? 
r_gen_planes_refined     0.005 0.020 ? 452  'X-RAY DIFFRACTION' ? 
r_nbd_refined            0.195 0.200 ? 405  'X-RAY DIFFRACTION' ? 
r_nbtor_refined          0.299 0.200 ? 673  'X-RAY DIFFRACTION' ? 
r_xyhbond_nbd_refined    0.193 0.200 ? 33   'X-RAY DIFFRACTION' ? 
r_symmetry_vdw_refined   0.172 0.200 ? 28   'X-RAY DIFFRACTION' ? 
r_symmetry_hbond_refined 0.305 0.200 ? 2    'X-RAY DIFFRACTION' ? 
r_scbond_it              1.177 3.000 ? 1470 'X-RAY DIFFRACTION' ? 
r_scangle_it             2.006 4.500 ? 1612 'X-RAY DIFFRACTION' ? 
# 
_refine_ls_shell.pdbx_total_number_of_bins_used   20 
_refine_ls_shell.d_res_high                       2.9 
_refine_ls_shell.d_res_low                        2.977 
_refine_ls_shell.number_reflns_R_work             169 
_refine_ls_shell.R_factor_R_work                  0.356 
_refine_ls_shell.percent_reflns_obs               70.63 
_refine_ls_shell.R_factor_R_free                  0.421 
_refine_ls_shell.R_factor_R_free_error            ? 
_refine_ls_shell.percent_reflns_R_free            ? 
_refine_ls_shell.number_reflns_R_free             9 
_refine_ls_shell.number_reflns_all                ? 
_refine_ls_shell.R_factor_all                     ? 
_refine_ls_shell.number_reflns_obs                253 
_refine_ls_shell.redundancy_reflns_obs            ? 
_refine_ls_shell.pdbx_refine_id                   'X-RAY DIFFRACTION' 
# 
_struct.entry_id                  2PN3 
_struct.title                     'Crystal Structure of Hepatitis C Virus IRES Subdomain IIa' 
_struct.pdbx_model_details        ? 
_struct.pdbx_CASP_flag            ? 
_struct.pdbx_model_type_details   ? 
# 
_struct_keywords.entry_id        2PN3 
_struct_keywords.pdbx_keywords   RNA 
_struct_keywords.text            'HCV, IRES, Loop IIa, RNA, Magnesium, Crystallization' 
# 
loop_
_struct_asym.id 
_struct_asym.pdbx_blank_PDB_chainid_flag 
_struct_asym.pdbx_modified 
_struct_asym.entity_id 
_struct_asym.details 
A N N 1 ? 
B N N 2 ? 
C N N 3 ? 
D N N 3 ? 
# 
loop_
_struct_ref.id 
_struct_ref.db_name 
_struct_ref.db_code 
_struct_ref.pdbx_db_accession 
_struct_ref.entity_id 
_struct_ref.pdbx_align_begin 
_struct_ref.pdbx_seq_one_letter_code 
_struct_ref.pdbx_db_isoform 
1 PDB 2PN3 2PN3 1 ? CGGAGGAACUACUGUCUUCACGCC ? 
2 PDB 2PN3 2PN3 2 ? GCGUGUCGUGCAGCCUCCGG     ? 
# 
loop_
_struct_ref_seq.align_id 
_struct_ref_seq.ref_id 
_struct_ref_seq.pdbx_PDB_id_code 
_struct_ref_seq.pdbx_strand_id 
_struct_ref_seq.seq_align_beg 
_struct_ref_seq.pdbx_seq_align_beg_ins_code 
_struct_ref_seq.seq_align_end 
_struct_ref_seq.pdbx_seq_align_end_ins_code 
_struct_ref_seq.pdbx_db_accession 
_struct_ref_seq.db_align_beg 
_struct_ref_seq.pdbx_db_align_beg_ins_code 
_struct_ref_seq.db_align_end 
_struct_ref_seq.pdbx_db_align_end_ins_code 
_struct_ref_seq.pdbx_auth_seq_align_beg 
_struct_ref_seq.pdbx_auth_seq_align_end 
1 1 2PN3 A 1 ? 24 ? 2PN3 47 ? 70  ? 47 70  
2 2 2PN3 B 1 ? 20 ? 2PN3 98 ? 117 ? 98 117 
# 
_pdbx_struct_assembly.id                   1 
_pdbx_struct_assembly.details              author_and_software_defined_assembly 
_pdbx_struct_assembly.method_details       PISA 
_pdbx_struct_assembly.oligomeric_details   dimeric 
_pdbx_struct_assembly.oligomeric_count     2 
# 
loop_
_pdbx_struct_assembly_prop.biol_id 
_pdbx_struct_assembly_prop.type 
_pdbx_struct_assembly_prop.value 
_pdbx_struct_assembly_prop.details 
1 'ABSA (A^2)' 3610  ? 
1 MORE         -23.8 ? 
1 'SSA (A^2)'  7620  ? 
# 
_pdbx_struct_assembly_gen.assembly_id       1 
_pdbx_struct_assembly_gen.oper_expression   1 
_pdbx_struct_assembly_gen.asym_id_list      A,B,C,D 
# 
_pdbx_struct_oper_list.id                   1 
_pdbx_struct_oper_list.type                 'identity operation' 
_pdbx_struct_oper_list.name                 1_555 
_pdbx_struct_oper_list.symmetry_operation   x,y,z 
_pdbx_struct_oper_list.matrix[1][1]         1.0000000000 
_pdbx_struct_oper_list.matrix[1][2]         0.0000000000 
_pdbx_struct_oper_list.matrix[1][3]         0.0000000000 
_pdbx_struct_oper_list.vector[1]            0.0000000000 
_pdbx_struct_oper_list.matrix[2][1]         0.0000000000 
_pdbx_struct_oper_list.matrix[2][2]         1.0000000000 
_pdbx_struct_oper_list.matrix[2][3]         0.0000000000 
_pdbx_struct_oper_list.vector[2]            0.0000000000 
_pdbx_struct_oper_list.matrix[3][1]         0.0000000000 
_pdbx_struct_oper_list.matrix[3][2]         0.0000000000 
_pdbx_struct_oper_list.matrix[3][3]         1.0000000000 
_pdbx_struct_oper_list.vector[3]            0.0000000000 
# 
loop_
_struct_conn.id 
_struct_conn.conn_type_id 
_struct_conn.pdbx_leaving_atom_flag 
_struct_conn.pdbx_PDB_id 
_struct_conn.ptnr1_label_asym_id 
_struct_conn.ptnr1_label_comp_id 
_struct_conn.ptnr1_label_seq_id 
_struct_conn.ptnr1_label_atom_id 
_struct_conn.pdbx_ptnr1_label_alt_id 
_struct_conn.pdbx_ptnr1_PDB_ins_code 
_struct_conn.pdbx_ptnr1_standard_comp_id 
_struct_conn.ptnr1_symmetry 
_struct_conn.ptnr2_label_asym_id 
_struct_conn.ptnr2_label_comp_id 
_struct_conn.ptnr2_label_seq_id 
_struct_conn.ptnr2_label_atom_id 
_struct_conn.pdbx_ptnr2_label_alt_id 
_struct_conn.pdbx_ptnr2_PDB_ins_code 
_struct_conn.ptnr1_auth_asym_id 
_struct_conn.ptnr1_auth_comp_id 
_struct_conn.ptnr1_auth_seq_id 
_struct_conn.ptnr2_auth_asym_id 
_struct_conn.ptnr2_auth_comp_id 
_struct_conn.ptnr2_auth_seq_id 
_struct_conn.ptnr2_symmetry 
_struct_conn.pdbx_ptnr3_label_atom_id 
_struct_conn.pdbx_ptnr3_label_seq_id 
_struct_conn.pdbx_ptnr3_label_comp_id 
_struct_conn.pdbx_ptnr3_label_asym_id 
_struct_conn.pdbx_ptnr3_label_alt_id 
_struct_conn.pdbx_ptnr3_PDB_ins_code 
_struct_conn.details 
_struct_conn.pdbx_dist_value 
_struct_conn.pdbx_value_order 
_struct_conn.pdbx_role 
covale1  covale both ? B G   3  "O3'" ? ? ? 1_555 B 5BU 4  P  ? ? B G   100 B 5BU 101 1_555 ? ? ? ? ? ? ?            1.598 ? ? 
covale2  covale both ? B 5BU 4  "O3'" ? ? ? 1_555 B G   5  P  ? ? B 5BU 101 B G   102 1_555 ? ? ? ? ? ? ?            1.606 ? ? 
covale3  covale both ? B C   15 "O3'" ? ? ? 1_555 B 5BU 16 P  ? ? B C   112 B 5BU 113 1_555 ? ? ? ? ? ? ?            1.585 ? ? 
covale4  covale both ? B 5BU 16 "O3'" ? ? ? 1_555 B C   17 P  ? ? B 5BU 113 B C   114 1_555 ? ? ? ? ? ? ?            1.584 ? ? 
metalc1  metalc ?    ? D MG  .  MG    ? ? ? 1_555 A U   15 O4 ? ? A MG  2   A U   61  1_555 ? ? ? ? ? ? ?            2.288 ? ? 
hydrog1  hydrog ?    ? A C   1  N3    ? ? ? 1_555 B G   19 N1 ? ? A C   47  B G   116 1_555 ? ? ? ? ? ? WATSON-CRICK ?     ? ? 
hydrog2  hydrog ?    ? A C   1  N4    ? ? ? 1_555 B G   19 O6 ? ? A C   47  B G   116 1_555 ? ? ? ? ? ? WATSON-CRICK ?     ? ? 
hydrog3  hydrog ?    ? A C   1  O2    ? ? ? 1_555 B G   19 N2 ? ? A C   47  B G   116 1_555 ? ? ? ? ? ? WATSON-CRICK ?     ? ? 
hydrog4  hydrog ?    ? A G   2  N1    ? ? ? 1_555 B C   18 N3 ? ? A G   48  B C   115 1_555 ? ? ? ? ? ? WATSON-CRICK ?     ? ? 
hydrog5  hydrog ?    ? A G   2  N2    ? ? ? 1_555 B C   18 O2 ? ? A G   48  B C   115 1_555 ? ? ? ? ? ? WATSON-CRICK ?     ? ? 
hydrog6  hydrog ?    ? A G   2  O6    ? ? ? 1_555 B C   18 N4 ? ? A G   48  B C   115 1_555 ? ? ? ? ? ? WATSON-CRICK ?     ? ? 
hydrog7  hydrog ?    ? A G   3  N1    ? ? ? 1_555 B C   17 N3 ? ? A G   49  B C   114 1_555 ? ? ? ? ? ? WATSON-CRICK ?     ? ? 
hydrog8  hydrog ?    ? A G   3  N2    ? ? ? 1_555 B C   17 O2 ? ? A G   49  B C   114 1_555 ? ? ? ? ? ? WATSON-CRICK ?     ? ? 
hydrog9  hydrog ?    ? A G   3  O6    ? ? ? 1_555 B C   17 N4 ? ? A G   49  B C   114 1_555 ? ? ? ? ? ? WATSON-CRICK ?     ? ? 
hydrog10 hydrog ?    ? A A   4  N1    ? ? ? 1_555 B 5BU 16 N3 ? ? A A   50  B 5BU 113 1_555 ? ? ? ? ? ? WATSON-CRICK ?     ? ? 
hydrog11 hydrog ?    ? A A   4  N6    ? ? ? 1_555 B 5BU 16 O4 ? ? A A   50  B 5BU 113 1_555 ? ? ? ? ? ? WATSON-CRICK ?     ? ? 
hydrog12 hydrog ?    ? A G   5  N1    ? ? ? 1_555 B C   15 N3 ? ? A G   51  B C   112 1_555 ? ? ? ? ? ? WATSON-CRICK ?     ? ? 
hydrog13 hydrog ?    ? A G   5  N2    ? ? ? 1_555 B C   15 O2 ? ? A G   51  B C   112 1_555 ? ? ? ? ? ? WATSON-CRICK ?     ? ? 
hydrog14 hydrog ?    ? A G   5  O6    ? ? ? 1_555 B C   15 N4 ? ? A G   51  B C   112 1_555 ? ? ? ? ? ? WATSON-CRICK ?     ? ? 
hydrog15 hydrog ?    ? A G   6  N1    ? ? ? 1_555 B C   14 N3 ? ? A G   52  B C   111 1_555 ? ? ? ? ? ? WATSON-CRICK ?     ? ? 
hydrog16 hydrog ?    ? A G   6  N2    ? ? ? 1_555 B C   14 O2 ? ? A G   52  B C   111 1_555 ? ? ? ? ? ? WATSON-CRICK ?     ? ? 
hydrog17 hydrog ?    ? A G   6  O6    ? ? ? 1_555 B C   14 N4 ? ? A G   52  B C   111 1_555 ? ? ? ? ? ? WATSON-CRICK ?     ? ? 
hydrog18 hydrog ?    ? A C   12 N3    ? ? ? 1_555 B G   13 N1 ? ? A C   58  B G   110 1_555 ? ? ? ? ? ? WATSON-CRICK ?     ? ? 
hydrog19 hydrog ?    ? A C   12 N4    ? ? ? 1_555 B G   13 O6 ? ? A C   58  B G   110 1_555 ? ? ? ? ? ? WATSON-CRICK ?     ? ? 
hydrog20 hydrog ?    ? A C   12 O2    ? ? ? 1_555 B G   13 N2 ? ? A C   58  B G   110 1_555 ? ? ? ? ? ? WATSON-CRICK ?     ? ? 
hydrog21 hydrog ?    ? A U   13 N3    ? ? ? 1_555 B A   12 N1 ? ? A U   59  B A   109 1_555 ? ? ? ? ? ? WATSON-CRICK ?     ? ? 
hydrog22 hydrog ?    ? A U   13 O4    ? ? ? 1_555 B A   12 N6 ? ? A U   59  B A   109 1_555 ? ? ? ? ? ? WATSON-CRICK ?     ? ? 
hydrog23 hydrog ?    ? A G   14 N1    ? ? ? 1_555 B C   11 N3 ? ? A G   60  B C   108 1_555 ? ? ? ? ? ? WATSON-CRICK ?     ? ? 
hydrog24 hydrog ?    ? A G   14 N2    ? ? ? 1_555 B C   11 O2 ? ? A G   60  B C   108 1_555 ? ? ? ? ? ? WATSON-CRICK ?     ? ? 
hydrog25 hydrog ?    ? A G   14 O6    ? ? ? 1_555 B C   11 N4 ? ? A G   60  B C   108 1_555 ? ? ? ? ? ? WATSON-CRICK ?     ? ? 
hydrog26 hydrog ?    ? A U   15 N3    ? ? ? 1_555 B G   10 O6 ? ? A U   61  B G   107 1_555 ? ? ? ? ? ? TYPE_28_PAIR ?     ? ? 
hydrog27 hydrog ?    ? A U   15 O2    ? ? ? 1_555 B G   10 N1 ? ? A U   61  B G   107 1_555 ? ? ? ? ? ? TYPE_28_PAIR ?     ? ? 
hydrog28 hydrog ?    ? A C   16 N3    ? ? ? 1_555 B G   8  N1 ? ? A C   62  B G   105 1_555 ? ? ? ? ? ? WATSON-CRICK ?     ? ? 
hydrog29 hydrog ?    ? A C   16 N4    ? ? ? 1_555 B G   8  O6 ? ? A C   62  B G   105 1_555 ? ? ? ? ? ? WATSON-CRICK ?     ? ? 
hydrog30 hydrog ?    ? A C   16 O2    ? ? ? 1_555 B G   8  N2 ? ? A C   62  B G   105 1_555 ? ? ? ? ? ? WATSON-CRICK ?     ? ? 
hydrog31 hydrog ?    ? A U   17 N3    ? ? ? 1_555 B C   7  N3 ? ? A U   63  B C   104 1_555 ? ? ? ? ? ? TYPE_18_PAIR ?     ? ? 
hydrog32 hydrog ?    ? A U   17 O4    ? ? ? 1_555 B C   7  N4 ? ? A U   63  B C   104 1_555 ? ? ? ? ? ? TYPE_18_PAIR ?     ? ? 
hydrog33 hydrog ?    ? A U   18 N3    ? ? ? 1_555 B U   6  O2 ? ? A U   64  B U   103 1_555 ? ? ? ? ? ? TYPE_16_PAIR ?     ? ? 
hydrog34 hydrog ?    ? A U   18 O4    ? ? ? 1_555 B U   6  N3 ? ? A U   64  B U   103 1_555 ? ? ? ? ? ? TYPE_16_PAIR ?     ? ? 
hydrog35 hydrog ?    ? A C   19 O2    ? ? ? 1_555 B G   5  N1 ? ? A C   65  B G   102 1_555 ? ? ? ? ? ? 'C-G PAIR'   ?     ? ? 
hydrog36 hydrog ?    ? A A   20 N1    ? ? ? 1_555 B 5BU 4  N3 ? ? A A   66  B 5BU 101 1_555 ? ? ? ? ? ? WATSON-CRICK ?     ? ? 
hydrog37 hydrog ?    ? A A   20 N6    ? ? ? 1_555 B 5BU 4  O4 ? ? A A   66  B 5BU 101 1_555 ? ? ? ? ? ? WATSON-CRICK ?     ? ? 
hydrog38 hydrog ?    ? A C   21 N3    ? ? ? 1_555 B G   3  N1 ? ? A C   67  B G   100 1_555 ? ? ? ? ? ? WATSON-CRICK ?     ? ? 
hydrog39 hydrog ?    ? A C   21 N4    ? ? ? 1_555 B G   3  O6 ? ? A C   67  B G   100 1_555 ? ? ? ? ? ? WATSON-CRICK ?     ? ? 
hydrog40 hydrog ?    ? A C   21 O2    ? ? ? 1_555 B G   3  N2 ? ? A C   67  B G   100 1_555 ? ? ? ? ? ? WATSON-CRICK ?     ? ? 
hydrog41 hydrog ?    ? A G   22 N1    ? ? ? 1_555 B C   2  N3 ? ? A G   68  B C   99  1_555 ? ? ? ? ? ? WATSON-CRICK ?     ? ? 
hydrog42 hydrog ?    ? A G   22 N2    ? ? ? 1_555 B C   2  O2 ? ? A G   68  B C   99  1_555 ? ? ? ? ? ? WATSON-CRICK ?     ? ? 
hydrog43 hydrog ?    ? A G   22 O6    ? ? ? 1_555 B C   2  N4 ? ? A G   68  B C   99  1_555 ? ? ? ? ? ? WATSON-CRICK ?     ? ? 
hydrog44 hydrog ?    ? A C   23 N3    ? ? ? 1_555 B G   1  N1 ? ? A C   69  B G   98  1_555 ? ? ? ? ? ? WATSON-CRICK ?     ? ? 
hydrog45 hydrog ?    ? A C   23 N4    ? ? ? 1_555 B G   1  O6 ? ? A C   69  B G   98  1_555 ? ? ? ? ? ? WATSON-CRICK ?     ? ? 
hydrog46 hydrog ?    ? A C   23 O2    ? ? ? 1_555 B G   1  N2 ? ? A C   69  B G   98  1_555 ? ? ? ? ? ? WATSON-CRICK ?     ? ? 
# 
loop_
_struct_conn_type.id 
_struct_conn_type.criteria 
_struct_conn_type.reference 
covale ? ? 
metalc ? ? 
hydrog ? ? 
# 
loop_
_pdbx_validate_rmsd_angle.id 
_pdbx_validate_rmsd_angle.PDB_model_num 
_pdbx_validate_rmsd_angle.auth_atom_id_1 
_pdbx_validate_rmsd_angle.auth_asym_id_1 
_pdbx_validate_rmsd_angle.auth_comp_id_1 
_pdbx_validate_rmsd_angle.auth_seq_id_1 
_pdbx_validate_rmsd_angle.PDB_ins_code_1 
_pdbx_validate_rmsd_angle.label_alt_id_1 
_pdbx_validate_rmsd_angle.auth_atom_id_2 
_pdbx_validate_rmsd_angle.auth_asym_id_2 
_pdbx_validate_rmsd_angle.auth_comp_id_2 
_pdbx_validate_rmsd_angle.auth_seq_id_2 
_pdbx_validate_rmsd_angle.PDB_ins_code_2 
_pdbx_validate_rmsd_angle.label_alt_id_2 
_pdbx_validate_rmsd_angle.auth_atom_id_3 
_pdbx_validate_rmsd_angle.auth_asym_id_3 
_pdbx_validate_rmsd_angle.auth_comp_id_3 
_pdbx_validate_rmsd_angle.auth_seq_id_3 
_pdbx_validate_rmsd_angle.PDB_ins_code_3 
_pdbx_validate_rmsd_angle.label_alt_id_3 
_pdbx_validate_rmsd_angle.angle_value 
_pdbx_validate_rmsd_angle.angle_target_value 
_pdbx_validate_rmsd_angle.angle_deviation 
_pdbx_validate_rmsd_angle.angle_standard_deviation 
_pdbx_validate_rmsd_angle.linker_flag 
1 1 "O5'" A C 55  ? ? "C5'" A C 55  ? ? "C4'" A C 55  ? ? 102.54 109.40 -6.86 0.80 N 
2 1 "O4'" A U 56  ? ? "C1'" A U 56  ? ? N1    A U 56  ? ? 114.17 108.50 5.67  0.70 N 
3 1 "O4'" A G 60  ? ? "C4'" A G 60  ? ? "C3'" A G 60  ? ? 97.33  104.00 -6.67 1.00 N 
4 1 "C4'" A C 70  ? ? "C3'" A C 70  ? ? "C2'" A C 70  ? ? 95.44  102.60 -7.16 1.00 N 
5 1 "C3'" B G 105 ? ? "O3'" B G 105 ? ? P     B U 106 ? ? 127.78 119.70 8.08  1.20 Y 
6 1 "O5'" B G 110 ? ? "C5'" B G 110 ? ? "C4'" B G 110 ? ? 103.61 109.40 -5.79 0.80 N 
7 1 "O4'" B C 111 ? ? "C1'" B C 111 ? ? N1    B C 111 ? ? 113.45 108.50 4.95  0.70 N 
# 
loop_
_pdbx_struct_mod_residue.id 
_pdbx_struct_mod_residue.label_asym_id 
_pdbx_struct_mod_residue.label_comp_id 
_pdbx_struct_mod_residue.label_seq_id 
_pdbx_struct_mod_residue.auth_asym_id 
_pdbx_struct_mod_residue.auth_comp_id 
_pdbx_struct_mod_residue.auth_seq_id 
_pdbx_struct_mod_residue.PDB_ins_code 
_pdbx_struct_mod_residue.parent_comp_id 
_pdbx_struct_mod_residue.details 
1 B 5BU 4  B 5BU 101 ? U "5-BROMO-URIDINE-5'-MONOPHOSPHATE" 
2 B 5BU 16 B 5BU 113 ? U "5-BROMO-URIDINE-5'-MONOPHOSPHATE" 
# 
loop_
_chem_comp_atom.comp_id 
_chem_comp_atom.atom_id 
_chem_comp_atom.type_symbol 
_chem_comp_atom.pdbx_aromatic_flag 
_chem_comp_atom.pdbx_stereo_config 
_chem_comp_atom.pdbx_ordinal 
5BU P      P  N N 1   
5BU OP1    O  N N 2   
5BU OP2    O  N N 3   
5BU OP3    O  N N 4   
5BU "O5'"  O  N N 5   
5BU "C5'"  C  N N 6   
5BU "C4'"  C  N R 7   
5BU "O4'"  O  N N 8   
5BU "C3'"  C  N S 9   
5BU "O3'"  O  N N 10  
5BU "C2'"  C  N R 11  
5BU "O2'"  O  N N 12  
5BU "C1'"  C  N R 13  
5BU N1     N  N N 14  
5BU C2     C  N N 15  
5BU O2     O  N N 16  
5BU N3     N  N N 17  
5BU C4     C  N N 18  
5BU O4     O  N N 19  
5BU C5     C  N N 20  
5BU C6     C  N N 21  
5BU BR     BR N N 22  
5BU HOP2   H  N N 23  
5BU HOP3   H  N N 24  
5BU "H5'"  H  N N 25  
5BU "H5''" H  N N 26  
5BU "H4'"  H  N N 27  
5BU "H3'"  H  N N 28  
5BU "HO3'" H  N N 29  
5BU "H2'"  H  N N 30  
5BU "HO2'" H  N N 31  
5BU "H1'"  H  N N 32  
5BU H3     H  N N 33  
5BU H6     H  N N 34  
A   OP3    O  N N 35  
A   P      P  N N 36  
A   OP1    O  N N 37  
A   OP2    O  N N 38  
A   "O5'"  O  N N 39  
A   "C5'"  C  N N 40  
A   "C4'"  C  N R 41  
A   "O4'"  O  N N 42  
A   "C3'"  C  N S 43  
A   "O3'"  O  N N 44  
A   "C2'"  C  N R 45  
A   "O2'"  O  N N 46  
A   "C1'"  C  N R 47  
A   N9     N  Y N 48  
A   C8     C  Y N 49  
A   N7     N  Y N 50  
A   C5     C  Y N 51  
A   C6     C  Y N 52  
A   N6     N  N N 53  
A   N1     N  Y N 54  
A   C2     C  Y N 55  
A   N3     N  Y N 56  
A   C4     C  Y N 57  
A   HOP3   H  N N 58  
A   HOP2   H  N N 59  
A   "H5'"  H  N N 60  
A   "H5''" H  N N 61  
A   "H4'"  H  N N 62  
A   "H3'"  H  N N 63  
A   "HO3'" H  N N 64  
A   "H2'"  H  N N 65  
A   "HO2'" H  N N 66  
A   "H1'"  H  N N 67  
A   H8     H  N N 68  
A   H61    H  N N 69  
A   H62    H  N N 70  
A   H2     H  N N 71  
C   OP3    O  N N 72  
C   P      P  N N 73  
C   OP1    O  N N 74  
C   OP2    O  N N 75  
C   "O5'"  O  N N 76  
C   "C5'"  C  N N 77  
C   "C4'"  C  N R 78  
C   "O4'"  O  N N 79  
C   "C3'"  C  N S 80  
C   "O3'"  O  N N 81  
C   "C2'"  C  N R 82  
C   "O2'"  O  N N 83  
C   "C1'"  C  N R 84  
C   N1     N  N N 85  
C   C2     C  N N 86  
C   O2     O  N N 87  
C   N3     N  N N 88  
C   C4     C  N N 89  
C   N4     N  N N 90  
C   C5     C  N N 91  
C   C6     C  N N 92  
C   HOP3   H  N N 93  
C   HOP2   H  N N 94  
C   "H5'"  H  N N 95  
C   "H5''" H  N N 96  
C   "H4'"  H  N N 97  
C   "H3'"  H  N N 98  
C   "HO3'" H  N N 99  
C   "H2'"  H  N N 100 
C   "HO2'" H  N N 101 
C   "H1'"  H  N N 102 
C   H41    H  N N 103 
C   H42    H  N N 104 
C   H5     H  N N 105 
C   H6     H  N N 106 
G   OP3    O  N N 107 
G   P      P  N N 108 
G   OP1    O  N N 109 
G   OP2    O  N N 110 
G   "O5'"  O  N N 111 
G   "C5'"  C  N N 112 
G   "C4'"  C  N R 113 
G   "O4'"  O  N N 114 
G   "C3'"  C  N S 115 
G   "O3'"  O  N N 116 
G   "C2'"  C  N R 117 
G   "O2'"  O  N N 118 
G   "C1'"  C  N R 119 
G   N9     N  Y N 120 
G   C8     C  Y N 121 
G   N7     N  Y N 122 
G   C5     C  Y N 123 
G   C6     C  N N 124 
G   O6     O  N N 125 
G   N1     N  N N 126 
G   C2     C  N N 127 
G   N2     N  N N 128 
G   N3     N  N N 129 
G   C4     C  Y N 130 
G   HOP3   H  N N 131 
G   HOP2   H  N N 132 
G   "H5'"  H  N N 133 
G   "H5''" H  N N 134 
G   "H4'"  H  N N 135 
G   "H3'"  H  N N 136 
G   "HO3'" H  N N 137 
G   "H2'"  H  N N 138 
G   "HO2'" H  N N 139 
G   "H1'"  H  N N 140 
G   H8     H  N N 141 
G   H1     H  N N 142 
G   H21    H  N N 143 
G   H22    H  N N 144 
MG  MG     MG N N 145 
U   OP3    O  N N 146 
U   P      P  N N 147 
U   OP1    O  N N 148 
U   OP2    O  N N 149 
U   "O5'"  O  N N 150 
U   "C5'"  C  N N 151 
U   "C4'"  C  N R 152 
U   "O4'"  O  N N 153 
U   "C3'"  C  N S 154 
U   "O3'"  O  N N 155 
U   "C2'"  C  N R 156 
U   "O2'"  O  N N 157 
U   "C1'"  C  N R 158 
U   N1     N  N N 159 
U   C2     C  N N 160 
U   O2     O  N N 161 
U   N3     N  N N 162 
U   C4     C  N N 163 
U   O4     O  N N 164 
U   C5     C  N N 165 
U   C6     C  N N 166 
U   HOP3   H  N N 167 
U   HOP2   H  N N 168 
U   "H5'"  H  N N 169 
U   "H5''" H  N N 170 
U   "H4'"  H  N N 171 
U   "H3'"  H  N N 172 
U   "HO3'" H  N N 173 
U   "H2'"  H  N N 174 
U   "HO2'" H  N N 175 
U   "H1'"  H  N N 176 
U   H3     H  N N 177 
U   H5     H  N N 178 
U   H6     H  N N 179 
# 
loop_
_chem_comp_bond.comp_id 
_chem_comp_bond.atom_id_1 
_chem_comp_bond.atom_id_2 
_chem_comp_bond.value_order 
_chem_comp_bond.pdbx_aromatic_flag 
_chem_comp_bond.pdbx_stereo_config 
_chem_comp_bond.pdbx_ordinal 
5BU P     OP1    doub N N 1   
5BU P     OP2    sing N N 2   
5BU P     OP3    sing N N 3   
5BU P     "O5'"  sing N N 4   
5BU OP2   HOP2   sing N N 5   
5BU OP3   HOP3   sing N N 6   
5BU "O5'" "C5'"  sing N N 7   
5BU "C5'" "C4'"  sing N N 8   
5BU "C5'" "H5'"  sing N N 9   
5BU "C5'" "H5''" sing N N 10  
5BU "C4'" "O4'"  sing N N 11  
5BU "C4'" "C3'"  sing N N 12  
5BU "C4'" "H4'"  sing N N 13  
5BU "O4'" "C1'"  sing N N 14  
5BU "C3'" "O3'"  sing N N 15  
5BU "C3'" "C2'"  sing N N 16  
5BU "C3'" "H3'"  sing N N 17  
5BU "O3'" "HO3'" sing N N 18  
5BU "C2'" "O2'"  sing N N 19  
5BU "C2'" "C1'"  sing N N 20  
5BU "C2'" "H2'"  sing N N 21  
5BU "O2'" "HO2'" sing N N 22  
5BU "C1'" N1     sing N N 23  
5BU "C1'" "H1'"  sing N N 24  
5BU N1    C2     sing N N 25  
5BU N1    C6     sing N N 26  
5BU C2    O2     doub N N 27  
5BU C2    N3     sing N N 28  
5BU N3    C4     sing N N 29  
5BU N3    H3     sing N N 30  
5BU C4    O4     doub N N 31  
5BU C4    C5     sing N N 32  
5BU C5    C6     doub N N 33  
5BU C5    BR     sing N N 34  
5BU C6    H6     sing N N 35  
A   OP3   P      sing N N 36  
A   OP3   HOP3   sing N N 37  
A   P     OP1    doub N N 38  
A   P     OP2    sing N N 39  
A   P     "O5'"  sing N N 40  
A   OP2   HOP2   sing N N 41  
A   "O5'" "C5'"  sing N N 42  
A   "C5'" "C4'"  sing N N 43  
A   "C5'" "H5'"  sing N N 44  
A   "C5'" "H5''" sing N N 45  
A   "C4'" "O4'"  sing N N 46  
A   "C4'" "C3'"  sing N N 47  
A   "C4'" "H4'"  sing N N 48  
A   "O4'" "C1'"  sing N N 49  
A   "C3'" "O3'"  sing N N 50  
A   "C3'" "C2'"  sing N N 51  
A   "C3'" "H3'"  sing N N 52  
A   "O3'" "HO3'" sing N N 53  
A   "C2'" "O2'"  sing N N 54  
A   "C2'" "C1'"  sing N N 55  
A   "C2'" "H2'"  sing N N 56  
A   "O2'" "HO2'" sing N N 57  
A   "C1'" N9     sing N N 58  
A   "C1'" "H1'"  sing N N 59  
A   N9    C8     sing Y N 60  
A   N9    C4     sing Y N 61  
A   C8    N7     doub Y N 62  
A   C8    H8     sing N N 63  
A   N7    C5     sing Y N 64  
A   C5    C6     sing Y N 65  
A   C5    C4     doub Y N 66  
A   C6    N6     sing N N 67  
A   C6    N1     doub Y N 68  
A   N6    H61    sing N N 69  
A   N6    H62    sing N N 70  
A   N1    C2     sing Y N 71  
A   C2    N3     doub Y N 72  
A   C2    H2     sing N N 73  
A   N3    C4     sing Y N 74  
C   OP3   P      sing N N 75  
C   OP3   HOP3   sing N N 76  
C   P     OP1    doub N N 77  
C   P     OP2    sing N N 78  
C   P     "O5'"  sing N N 79  
C   OP2   HOP2   sing N N 80  
C   "O5'" "C5'"  sing N N 81  
C   "C5'" "C4'"  sing N N 82  
C   "C5'" "H5'"  sing N N 83  
C   "C5'" "H5''" sing N N 84  
C   "C4'" "O4'"  sing N N 85  
C   "C4'" "C3'"  sing N N 86  
C   "C4'" "H4'"  sing N N 87  
C   "O4'" "C1'"  sing N N 88  
C   "C3'" "O3'"  sing N N 89  
C   "C3'" "C2'"  sing N N 90  
C   "C3'" "H3'"  sing N N 91  
C   "O3'" "HO3'" sing N N 92  
C   "C2'" "O2'"  sing N N 93  
C   "C2'" "C1'"  sing N N 94  
C   "C2'" "H2'"  sing N N 95  
C   "O2'" "HO2'" sing N N 96  
C   "C1'" N1     sing N N 97  
C   "C1'" "H1'"  sing N N 98  
C   N1    C2     sing N N 99  
C   N1    C6     sing N N 100 
C   C2    O2     doub N N 101 
C   C2    N3     sing N N 102 
C   N3    C4     doub N N 103 
C   C4    N4     sing N N 104 
C   C4    C5     sing N N 105 
C   N4    H41    sing N N 106 
C   N4    H42    sing N N 107 
C   C5    C6     doub N N 108 
C   C5    H5     sing N N 109 
C   C6    H6     sing N N 110 
G   OP3   P      sing N N 111 
G   OP3   HOP3   sing N N 112 
G   P     OP1    doub N N 113 
G   P     OP2    sing N N 114 
G   P     "O5'"  sing N N 115 
G   OP2   HOP2   sing N N 116 
G   "O5'" "C5'"  sing N N 117 
G   "C5'" "C4'"  sing N N 118 
G   "C5'" "H5'"  sing N N 119 
G   "C5'" "H5''" sing N N 120 
G   "C4'" "O4'"  sing N N 121 
G   "C4'" "C3'"  sing N N 122 
G   "C4'" "H4'"  sing N N 123 
G   "O4'" "C1'"  sing N N 124 
G   "C3'" "O3'"  sing N N 125 
G   "C3'" "C2'"  sing N N 126 
G   "C3'" "H3'"  sing N N 127 
G   "O3'" "HO3'" sing N N 128 
G   "C2'" "O2'"  sing N N 129 
G   "C2'" "C1'"  sing N N 130 
G   "C2'" "H2'"  sing N N 131 
G   "O2'" "HO2'" sing N N 132 
G   "C1'" N9     sing N N 133 
G   "C1'" "H1'"  sing N N 134 
G   N9    C8     sing Y N 135 
G   N9    C4     sing Y N 136 
G   C8    N7     doub Y N 137 
G   C8    H8     sing N N 138 
G   N7    C5     sing Y N 139 
G   C5    C6     sing N N 140 
G   C5    C4     doub Y N 141 
G   C6    O6     doub N N 142 
G   C6    N1     sing N N 143 
G   N1    C2     sing N N 144 
G   N1    H1     sing N N 145 
G   C2    N2     sing N N 146 
G   C2    N3     doub N N 147 
G   N2    H21    sing N N 148 
G   N2    H22    sing N N 149 
G   N3    C4     sing N N 150 
U   OP3   P      sing N N 151 
U   OP3   HOP3   sing N N 152 
U   P     OP1    doub N N 153 
U   P     OP2    sing N N 154 
U   P     "O5'"  sing N N 155 
U   OP2   HOP2   sing N N 156 
U   "O5'" "C5'"  sing N N 157 
U   "C5'" "C4'"  sing N N 158 
U   "C5'" "H5'"  sing N N 159 
U   "C5'" "H5''" sing N N 160 
U   "C4'" "O4'"  sing N N 161 
U   "C4'" "C3'"  sing N N 162 
U   "C4'" "H4'"  sing N N 163 
U   "O4'" "C1'"  sing N N 164 
U   "C3'" "O3'"  sing N N 165 
U   "C3'" "C2'"  sing N N 166 
U   "C3'" "H3'"  sing N N 167 
U   "O3'" "HO3'" sing N N 168 
U   "C2'" "O2'"  sing N N 169 
U   "C2'" "C1'"  sing N N 170 
U   "C2'" "H2'"  sing N N 171 
U   "O2'" "HO2'" sing N N 172 
U   "C1'" N1     sing N N 173 
U   "C1'" "H1'"  sing N N 174 
U   N1    C2     sing N N 175 
U   N1    C6     sing N N 176 
U   C2    O2     doub N N 177 
U   C2    N3     sing N N 178 
U   N3    C4     sing N N 179 
U   N3    H3     sing N N 180 
U   C4    O4     doub N N 181 
U   C4    C5     sing N N 182 
U   C5    C6     doub N N 183 
U   C5    H5     sing N N 184 
U   C6    H6     sing N N 185 
# 
loop_
_ndb_struct_conf_na.entry_id 
_ndb_struct_conf_na.feature 
2PN3 'double helix'         
2PN3 'a-form double helix'  
2PN3 'bulge loop'           
2PN3 'mismatched base pair' 
# 
loop_
_ndb_struct_na_base_pair.model_number 
_ndb_struct_na_base_pair.i_label_asym_id 
_ndb_struct_na_base_pair.i_label_comp_id 
_ndb_struct_na_base_pair.i_label_seq_id 
_ndb_struct_na_base_pair.i_symmetry 
_ndb_struct_na_base_pair.j_label_asym_id 
_ndb_struct_na_base_pair.j_label_comp_id 
_ndb_struct_na_base_pair.j_label_seq_id 
_ndb_struct_na_base_pair.j_symmetry 
_ndb_struct_na_base_pair.shear 
_ndb_struct_na_base_pair.stretch 
_ndb_struct_na_base_pair.stagger 
_ndb_struct_na_base_pair.buckle 
_ndb_struct_na_base_pair.propeller 
_ndb_struct_na_base_pair.opening 
_ndb_struct_na_base_pair.pair_number 
_ndb_struct_na_base_pair.pair_name 
_ndb_struct_na_base_pair.i_auth_asym_id 
_ndb_struct_na_base_pair.i_auth_seq_id 
_ndb_struct_na_base_pair.i_PDB_ins_code 
_ndb_struct_na_base_pair.j_auth_asym_id 
_ndb_struct_na_base_pair.j_auth_seq_id 
_ndb_struct_na_base_pair.j_PDB_ins_code 
_ndb_struct_na_base_pair.hbond_type_28 
_ndb_struct_na_base_pair.hbond_type_12 
1 A C 1  1_555 B G   19 1_555 -0.233 -0.169 -0.010 4.306   -11.369 -0.697 1  A_C47:G116_B   A 47 ? B 116 ? 19 1 
1 A G 2  1_555 B C   18 1_555 0.184  0.016  -0.169 -4.972  -9.488  -2.224 2  A_G48:C115_B   A 48 ? B 115 ? 19 1 
1 A G 3  1_555 B C   17 1_555 -0.507 -0.321 0.254  -4.815  -14.447 2.759  3  A_G49:C114_B   A 49 ? B 114 ? 19 1 
1 A A 4  1_555 B 5BU 16 1_555 0.459  -0.305 -0.106 -5.076  -9.925  -4.513 4  A_A50:5BU113_B A 50 ? B 113 ? 20 1 
1 A G 5  1_555 B C   15 1_555 -0.057 -0.182 0.174  -1.575  -6.053  -3.289 5  A_G51:C112_B   A 51 ? B 112 ? 19 1 
1 A G 6  1_555 B C   14 1_555 -0.342 -0.365 0.141  -1.544  0.538   -2.875 6  A_G52:C111_B   A 52 ? B 111 ? 19 1 
1 A C 12 1_555 B G   13 1_555 0.091  -0.372 -0.100 8.795   -19.974 -2.656 7  A_C58:G110_B   A 58 ? B 110 ? 19 1 
1 A U 13 1_555 B A   12 1_555 -0.270 -0.392 -0.110 1.685   -18.252 -4.368 8  A_U59:A109_B   A 59 ? B 109 ? 20 1 
1 A G 14 1_555 B C   11 1_555 -0.612 -0.083 0.583  6.527   -13.744 0.752  9  A_G60:C108_B   A 60 ? B 108 ? 19 1 
1 A U 15 1_555 B G   10 1_555 1.676  -0.646 0.402  5.921   -9.501  -5.273 10 A_U61:G107_B   A 61 ? B 107 ? 28 1 
1 A C 16 1_555 B G   8  1_555 0.612  -0.031 0.171  7.804   -14.627 1.761  11 A_C62:G105_B   A 62 ? B 105 ? 19 1 
1 A U 17 1_555 B C   7  1_555 0.430  -1.985 0.690  7.249   -19.408 13.310 12 A_U63:C104_B   A 63 ? B 104 ? 18 1 
1 A U 18 1_555 B U   6  1_555 -1.989 -2.225 0.834  -6.755  -26.358 7.788  13 A_U64:U103_B   A 64 ? B 103 ? 16 1 
1 A C 19 1_555 B G   5  1_555 0.834  0.033  1.034  -7.415  -21.324 8.789  14 A_C65:G102_B   A 65 ? B 102 ? ?  1 
1 A A 20 1_555 B 5BU 4  1_555 -0.098 -0.230 0.731  7.204   -10.522 -4.987 15 A_A66:5BU101_B A 66 ? B 101 ? 20 1 
1 A C 21 1_555 B G   3  1_555 0.001  -0.115 0.085  2.275   -20.225 -6.980 16 A_C67:G100_B   A 67 ? B 100 ? 19 1 
1 A G 22 1_555 B C   2  1_555 0.042  -0.543 0.575  -1.782  -14.703 -3.216 17 A_G68:C99_B    A 68 ? B 99  ? 19 1 
1 A C 23 1_555 B G   1  1_555 1.242  -0.534 0.573  -10.992 -10.392 2.297  18 A_C69:G98_B    A 69 ? B 98  ? 19 1 
# 
loop_
_ndb_struct_na_base_pair_step.model_number 
_ndb_struct_na_base_pair_step.i_label_asym_id_1 
_ndb_struct_na_base_pair_step.i_label_comp_id_1 
_ndb_struct_na_base_pair_step.i_label_seq_id_1 
_ndb_struct_na_base_pair_step.i_symmetry_1 
_ndb_struct_na_base_pair_step.j_label_asym_id_1 
_ndb_struct_na_base_pair_step.j_label_comp_id_1 
_ndb_struct_na_base_pair_step.j_label_seq_id_1 
_ndb_struct_na_base_pair_step.j_symmetry_1 
_ndb_struct_na_base_pair_step.i_label_asym_id_2 
_ndb_struct_na_base_pair_step.i_label_comp_id_2 
_ndb_struct_na_base_pair_step.i_label_seq_id_2 
_ndb_struct_na_base_pair_step.i_symmetry_2 
_ndb_struct_na_base_pair_step.j_label_asym_id_2 
_ndb_struct_na_base_pair_step.j_label_comp_id_2 
_ndb_struct_na_base_pair_step.j_label_seq_id_2 
_ndb_struct_na_base_pair_step.j_symmetry_2 
_ndb_struct_na_base_pair_step.shift 
_ndb_struct_na_base_pair_step.slide 
_ndb_struct_na_base_pair_step.rise 
_ndb_struct_na_base_pair_step.tilt 
_ndb_struct_na_base_pair_step.roll 
_ndb_struct_na_base_pair_step.twist 
_ndb_struct_na_base_pair_step.x_displacement 
_ndb_struct_na_base_pair_step.y_displacement 
_ndb_struct_na_base_pair_step.helical_rise 
_ndb_struct_na_base_pair_step.inclination 
_ndb_struct_na_base_pair_step.tip 
_ndb_struct_na_base_pair_step.helical_twist 
_ndb_struct_na_base_pair_step.step_number 
_ndb_struct_na_base_pair_step.step_name 
_ndb_struct_na_base_pair_step.i_auth_asym_id_1 
_ndb_struct_na_base_pair_step.i_auth_seq_id_1 
_ndb_struct_na_base_pair_step.i_PDB_ins_code_1 
_ndb_struct_na_base_pair_step.j_auth_asym_id_1 
_ndb_struct_na_base_pair_step.j_auth_seq_id_1 
_ndb_struct_na_base_pair_step.j_PDB_ins_code_1 
_ndb_struct_na_base_pair_step.i_auth_asym_id_2 
_ndb_struct_na_base_pair_step.i_auth_seq_id_2 
_ndb_struct_na_base_pair_step.i_PDB_ins_code_2 
_ndb_struct_na_base_pair_step.j_auth_asym_id_2 
_ndb_struct_na_base_pair_step.j_auth_seq_id_2 
_ndb_struct_na_base_pair_step.j_PDB_ins_code_2 
1 A C 1  1_555 B G   19 1_555 A G 2  1_555 B C   18 1_555 -0.505 -1.758 3.414 -1.230 11.380 34.727 -4.325 0.642  2.738 18.456 
1.995  36.510 1  AA_C47G48:C115G116_BB   A 47 ? B 116 ? A 48 ? B 115 ? 
1 A G 2  1_555 B C   18 1_555 A G 3  1_555 B C   17 1_555 0.384  -2.050 3.114 -3.136 6.723  28.211 -5.355 -1.361 2.512 13.499 
6.297  29.151 2  AA_G48G49:C114C115_BB   A 48 ? B 115 ? A 49 ? B 114 ? 
1 A G 3  1_555 B C   17 1_555 A A 4  1_555 B 5BU 16 1_555 -0.744 -1.454 3.302 0.274  1.501  36.693 -2.512 1.219  3.236 2.383  
-0.436 36.723 3  AA_G49A50:5BU113C114_BB A 49 ? B 114 ? A 50 ? B 113 ? 
1 A A 4  1_555 B 5BU 16 1_555 A G 5  1_555 B C   15 1_555 0.813  -2.205 3.156 0.344  3.041  28.362 -5.122 -1.578 2.918 6.183  
-0.699 28.523 4  AA_A50G51:C1125BU113_BB A 50 ? B 113 ? A 51 ? B 112 ? 
1 A G 5  1_555 B C   15 1_555 A G 6  1_555 B C   14 1_555 0.624  -2.185 3.306 1.479  -0.218 25.197 -4.935 -0.988 3.354 -0.499 
-3.386 25.240 5  AA_G51G52:C111C112_BB   A 51 ? B 112 ? A 52 ? B 111 ? 
1 A C 12 1_555 B G   13 1_555 A U 13 1_555 B A   12 1_555 -0.544 -1.462 3.374 -2.605 16.746 31.447 -4.667 0.536  2.358 28.458 
4.427  35.622 6  AA_C58U59:A109G110_BB   A 58 ? B 110 ? A 59 ? B 109 ? 
1 A U 13 1_555 B A   12 1_555 A G 14 1_555 B C   11 1_555 0.456  -1.560 3.097 -4.360 2.675  26.480 -3.970 -1.995 2.818 5.771  
9.407  26.961 7  AA_U59G60:C108A109_BB   A 59 ? B 109 ? A 60 ? B 108 ? 
1 A G 14 1_555 B C   11 1_555 A U 15 1_555 B G   10 1_555 0.614  -1.275 3.156 3.565  6.251  47.582 -2.030 -0.488 3.012 7.696  
-4.389 48.092 8  AA_G60U61:G107C108_BB   A 60 ? B 108 ? A 61 ? B 107 ? 
1 A U 15 1_555 B G   10 1_555 A C 16 1_555 B G   8  1_555 0.423  -2.298 3.004 3.238  4.835  25.971 -6.089 -0.187 2.574 10.590 
-7.092 26.604 9  AA_U61C62:G105G107_BB   A 61 ? B 107 ? A 62 ? B 105 ? 
1 A C 16 1_555 B G   8  1_555 A U 17 1_555 B C   7  1_555 0.428  -0.761 3.375 -9.704 9.412  30.803 -2.834 -2.306 2.775 16.744 
17.264 33.573 10 AA_C62U63:C104G105_BB   A 62 ? B 105 ? A 63 ? B 104 ? 
1 A U 17 1_555 B C   7  1_555 A U 18 1_555 B U   6  1_555 0.471  -1.795 3.133 2.049  10.820 31.542 -4.699 -0.523 2.428 19.186 
-3.634 33.363 11 AA_U63U64:U103C104_BB   A 63 ? B 104 ? A 64 ? B 103 ? 
1 A U 18 1_555 B U   6  1_555 A C 19 1_555 B G   5  1_555 -0.111 -1.140 3.077 -0.561 6.078  44.746 -1.985 0.098  2.907 7.940  
0.733  45.139 12 AA_U64C65:G102U103_BB   A 64 ? B 103 ? A 65 ? B 102 ? 
1 A C 19 1_555 B G   5  1_555 A A 20 1_555 B 5BU 4  1_555 -1.049 -1.371 2.347 -0.523 11.790 24.786 -4.727 2.132  1.565 25.688 
1.140  27.412 13 AA_C65A66:5BU101G102_BB A 65 ? B 102 ? A 66 ? B 101 ? 
1 A A 20 1_555 B 5BU 4  1_555 A C 21 1_555 B G   3  1_555 -0.169 -2.159 3.427 2.602  1.249  33.927 -3.892 0.718  3.326 2.136  
-4.449 34.046 14 AA_A66C67:G1005BU101_BB A 66 ? B 101 ? A 67 ? B 100 ? 
1 A C 21 1_555 B G   3  1_555 A G 22 1_555 B C   2  1_555 -0.364 -1.804 3.061 -5.872 10.870 31.399 -4.632 -0.192 2.354 19.181 
10.361 33.685 15 AA_C67G68:C99G100_BB    A 67 ? B 100 ? A 68 ? B 99  ? 
1 A G 22 1_555 B C   2  1_555 A C 23 1_555 B G   1  1_555 -0.293 -1.486 3.461 0.031  3.188  40.650 -2.499 0.424  3.340 4.580  
-0.044 40.769 16 AA_G68C69:G98C99_BB     A 68 ? B 99  ? A 69 ? B 98  ? 
# 
_atom_sites.entry_id                    2PN3 
_atom_sites.fract_transf_matrix[1][1]   0.01046519 
_atom_sites.fract_transf_matrix[1][2]   -0.01609007 
_atom_sites.fract_transf_matrix[1][3]   -0.00700108 
_atom_sites.fract_transf_matrix[2][1]   0.01119531 
_atom_sites.fract_transf_matrix[2][2]   0.01239944 
_atom_sites.fract_transf_matrix[2][3]   -0.01176201 
_atom_sites.fract_transf_matrix[3][1]   0.00546797 
_atom_sites.fract_transf_matrix[3][2]   0.00088562 
_atom_sites.fract_transf_matrix[3][3]   0.00613814 
_atom_sites.fract_transf_vector[1]      0.850299 
_atom_sites.fract_transf_vector[2]      0.557007 
_atom_sites.fract_transf_vector[3]      0.253015 
# 
loop_
_atom_type.symbol 
BR 
C  
MG 
N  
O  
P  
# 
loop_
_atom_site.group_PDB 
_atom_site.id 
_atom_site.type_symbol 
_atom_site.label_atom_id 
_atom_site.label_alt_id 
_atom_site.label_comp_id 
_atom_site.label_asym_id 
_atom_site.label_entity_id 
_atom_site.label_seq_id 
_atom_site.pdbx_PDB_ins_code 
_atom_site.Cartn_x 
_atom_site.Cartn_y 
_atom_site.Cartn_z 
_atom_site.occupancy 
_atom_site.B_iso_or_equiv 
_atom_site.pdbx_formal_charge 
_atom_site.auth_seq_id 
_atom_site.auth_comp_id 
_atom_site.auth_asym_id 
_atom_site.auth_atom_id 
_atom_site.pdbx_PDB_model_num 
ATOM   1   O  "O5'" . C   A 1 1  ? 2.894   13.499  9.377   1.00 30.84 ? 47  C   A "O5'" 1 
ATOM   2   C  "C5'" . C   A 1 1  ? 4.050   13.672  8.537   1.00 28.80 ? 47  C   A "C5'" 1 
ATOM   3   C  "C4'" . C   A 1 1  ? 5.297   13.887  9.372   1.00 26.90 ? 47  C   A "C4'" 1 
ATOM   4   O  "O4'" . C   A 1 1  ? 4.965   14.734  10.488  1.00 26.06 ? 47  C   A "O4'" 1 
ATOM   5   C  "C3'" . C   A 1 1  ? 5.838   12.661  10.084  1.00 26.97 ? 47  C   A "C3'" 1 
ATOM   6   O  "O3'" . C   A 1 1  ? 6.651   11.893  9.238   1.00 27.50 ? 47  C   A "O3'" 1 
ATOM   7   C  "C2'" . C   A 1 1  ? 6.709   13.323  11.129  1.00 26.97 ? 47  C   A "C2'" 1 
ATOM   8   O  "O2'" . C   A 1 1  ? 7.897   13.890  10.582  1.00 29.65 ? 47  C   A "O2'" 1 
ATOM   9   C  "C1'" . C   A 1 1  ? 5.768   14.412  11.605  1.00 24.27 ? 47  C   A "C1'" 1 
ATOM   10  N  N1    . C   A 1 1  ? 4.916   14.014  12.758  1.00 22.50 ? 47  C   A N1    1 
ATOM   11  C  C2    . C   A 1 1  ? 5.505   13.901  14.021  1.00 21.23 ? 47  C   A C2    1 
ATOM   12  O  O2    . C   A 1 1  ? 6.699   14.119  14.175  1.00 22.04 ? 47  C   A O2    1 
ATOM   13  N  N3    . C   A 1 1  ? 4.748   13.550  15.071  1.00 21.97 ? 47  C   A N3    1 
ATOM   14  C  C4    . C   A 1 1  ? 3.438   13.319  14.909  1.00 23.38 ? 47  C   A C4    1 
ATOM   15  N  N4    . C   A 1 1  ? 2.756   12.970  16.008  1.00 22.74 ? 47  C   A N4    1 
ATOM   16  C  C5    . C   A 1 1  ? 2.792   13.421  13.627  1.00 22.36 ? 47  C   A C5    1 
ATOM   17  C  C6    . C   A 1 1  ? 3.570   13.775  12.591  1.00 22.94 ? 47  C   A C6    1 
ATOM   18  P  P     . G   A 1 2  ? 6.657   10.313  9.393   1.00 27.92 ? 48  G   A P     1 
ATOM   19  O  OP1   . G   A 1 2  ? 7.376   9.793   8.216   1.00 27.32 ? 48  G   A OP1   1 
ATOM   20  O  OP2   . G   A 1 2  ? 5.267   9.858   9.682   1.00 27.26 ? 48  G   A OP2   1 
ATOM   21  O  "O5'" . G   A 1 2  ? 7.557   10.080  10.680  1.00 25.56 ? 48  G   A "O5'" 1 
ATOM   22  C  "C5'" . G   A 1 2  ? 8.923   10.004  10.484  1.00 24.76 ? 48  G   A "C5'" 1 
ATOM   23  C  "C4'" . G   A 1 2  ? 9.679   9.959   11.794  1.00 24.51 ? 48  G   A "C4'" 1 
ATOM   24  O  "O4'" . G   A 1 2  ? 9.236   11.002  12.701  1.00 25.47 ? 48  G   A "O4'" 1 
ATOM   25  C  "C3'" . G   A 1 2  ? 9.443   8.710   12.582  1.00 23.11 ? 48  G   A "C3'" 1 
ATOM   26  O  "O3'" . G   A 1 2  ? 10.216  7.704   12.041  1.00 21.00 ? 48  G   A "O3'" 1 
ATOM   27  C  "C2'" . G   A 1 2  ? 9.905   9.177   13.962  1.00 24.27 ? 48  G   A "C2'" 1 
ATOM   28  O  "O2'" . G   A 1 2  ? 11.293  9.359   14.089  1.00 24.34 ? 48  G   A "O2'" 1 
ATOM   29  C  "C1'" . G   A 1 2  ? 9.234   10.526  14.028  1.00 23.78 ? 48  G   A "C1'" 1 
ATOM   30  N  N9    . G   A 1 2  ? 7.854   10.439  14.468  1.00 23.56 ? 48  G   A N9    1 
ATOM   31  C  C8    . G   A 1 2  ? 6.707   10.626  13.742  1.00 23.73 ? 48  G   A C8    1 
ATOM   32  N  N7    . G   A 1 2  ? 5.608   10.488  14.438  1.00 23.70 ? 48  G   A N7    1 
ATOM   33  C  C5    . G   A 1 2  ? 6.073   10.187  15.701  1.00 23.59 ? 48  G   A C5    1 
ATOM   34  C  C6    . G   A 1 2  ? 5.366   9.922   16.879  1.00 24.10 ? 48  G   A C6    1 
ATOM   35  O  O6    . G   A 1 2  ? 4.137   9.923   17.010  1.00 25.19 ? 48  G   A O6    1 
ATOM   36  N  N1    . G   A 1 2  ? 6.205   9.661   17.959  1.00 23.45 ? 48  G   A N1    1 
ATOM   37  C  C2    . G   A 1 2  ? 7.569   9.657   17.882  1.00 23.51 ? 48  G   A C2    1 
ATOM   38  N  N2    . G   A 1 2  ? 8.259   9.382   18.989  1.00 24.27 ? 48  G   A N2    1 
ATOM   39  N  N3    . G   A 1 2  ? 8.245   9.900   16.783  1.00 24.17 ? 48  G   A N3    1 
ATOM   40  C  C4    . G   A 1 2  ? 7.439   10.153  15.736  1.00 23.84 ? 48  G   A C4    1 
ATOM   41  P  P     . G   A 1 3  ? 9.677   6.202   12.165  1.00 21.87 ? 49  G   A P     1 
ATOM   42  O  OP1   . G   A 1 3  ? 10.656  5.281   11.556  1.00 21.75 ? 49  G   A OP1   1 
ATOM   43  O  OP2   . G   A 1 3  ? 8.290   6.127   11.632  1.00 21.19 ? 49  G   A OP2   1 
ATOM   44  O  "O5'" . G   A 1 3  ? 9.744   5.954   13.744  1.00 19.60 ? 49  G   A "O5'" 1 
ATOM   45  C  "C5'" . G   A 1 3  ? 10.993  5.799   14.374  1.00 18.81 ? 49  G   A "C5'" 1 
ATOM   46  C  "C4'" . G   A 1 3  ? 10.770  5.625   15.854  1.00 19.99 ? 49  G   A "C4'" 1 
ATOM   47  O  "O4'" . G   A 1 3  ? 9.962   6.691   16.378  1.00 20.01 ? 49  G   A "O4'" 1 
ATOM   48  C  "C3'" . G   A 1 3  ? 9.919   4.429   16.195  1.00 20.89 ? 49  G   A "C3'" 1 
ATOM   49  O  "O3'" . G   A 1 3  ? 10.739  3.309   16.079  1.00 22.30 ? 49  G   A "O3'" 1 
ATOM   50  C  "C2'" . G   A 1 3  ? 9.628   4.762   17.644  1.00 20.48 ? 49  G   A "C2'" 1 
ATOM   51  O  "O2'" . G   A 1 3  ? 10.789  4.680   18.428  1.00 21.41 ? 49  G   A "O2'" 1 
ATOM   52  C  "C1'" . G   A 1 3  ? 9.246   6.210   17.490  1.00 20.64 ? 49  G   A "C1'" 1 
ATOM   53  N  N9    . G   A 1 3  ? 7.833   6.367   17.233  1.00 20.47 ? 49  G   A N9    1 
ATOM   54  C  C8    . G   A 1 3  ? 7.238   6.714   16.055  1.00 21.10 ? 49  G   A C8    1 
ATOM   55  N  N7    . G   A 1 3  ? 5.933   6.780   16.125  1.00 20.76 ? 49  G   A N7    1 
ATOM   56  C  C5    . G   A 1 3  ? 5.660   6.459   17.432  1.00 20.27 ? 49  G   A C5    1 
ATOM   57  C  C6    . G   A 1 3  ? 4.418   6.369   18.079  1.00 21.85 ? 49  G   A C6    1 
ATOM   58  O  O6    . G   A 1 3  ? 3.286   6.576   17.601  1.00 21.44 ? 49  G   A O6    1 
ATOM   59  N  N1    . G   A 1 3  ? 4.575   5.994   19.412  1.00 21.70 ? 49  G   A N1    1 
ATOM   60  C  C2    . G   A 1 3  ? 5.784   5.763   20.024  1.00 21.21 ? 49  G   A C2    1 
ATOM   61  N  N2    . G   A 1 3  ? 5.736   5.420   21.326  1.00 20.89 ? 49  G   A N2    1 
ATOM   62  N  N3    . G   A 1 3  ? 6.956   5.856   19.410  1.00 20.56 ? 49  G   A N3    1 
ATOM   63  C  C4    . G   A 1 3  ? 6.812   6.200   18.124  1.00 20.07 ? 49  G   A C4    1 
ATOM   64  P  P     . A   A 1 4  ? 10.169  1.837   15.931  1.00 21.73 ? 50  A   A P     1 
ATOM   65  O  OP1   . A   A 1 4  ? 11.383  1.014   15.921  1.00 19.14 ? 50  A   A OP1   1 
ATOM   66  O  OP2   . A   A 1 4  ? 9.194   1.783   14.827  1.00 21.22 ? 50  A   A OP2   1 
ATOM   67  O  "O5'" . A   A 1 4  ? 9.361   1.602   17.291  1.00 22.05 ? 50  A   A "O5'" 1 
ATOM   68  C  "C5'" . A   A 1 4  ? 10.105  1.101   18.390  1.00 22.64 ? 50  A   A "C5'" 1 
ATOM   69  C  "C4'" . A   A 1 4  ? 9.228   0.963   19.619  1.00 23.23 ? 50  A   A "C4'" 1 
ATOM   70  O  "O4'" . A   A 1 4  ? 8.592   2.231   19.853  1.00 22.17 ? 50  A   A "O4'" 1 
ATOM   71  C  "C3'" . A   A 1 4  ? 8.036   0.017   19.556  1.00 22.71 ? 50  A   A "C3'" 1 
ATOM   72  O  "O3'" . A   A 1 4  ? 8.452   -1.274  19.779  1.00 24.64 ? 50  A   A "O3'" 1 
ATOM   73  C  "C2'" . A   A 1 4  ? 7.293   0.505   20.775  1.00 21.91 ? 50  A   A "C2'" 1 
ATOM   74  O  "O2'" . A   A 1 4  ? 7.954   0.187   21.981  1.00 22.36 ? 50  A   A "O2'" 1 
ATOM   75  C  "C1'" . A   A 1 4  ? 7.374   1.992   20.487  1.00 19.86 ? 50  A   A "C1'" 1 
ATOM   76  N  N9    . A   A 1 4  ? 6.404   2.391   19.509  1.00 18.65 ? 50  A   A N9    1 
ATOM   77  C  C8    . A   A 1 4  ? 6.595   2.699   18.202  1.00 18.60 ? 50  A   A C8    1 
ATOM   78  N  N7    . A   A 1 4  ? 5.482   3.029   17.593  1.00 18.64 ? 50  A   A N7    1 
ATOM   79  C  C5    . A   A 1 4  ? 4.529   2.911   18.561  1.00 17.77 ? 50  A   A C5    1 
ATOM   80  C  C6    . A   A 1 4  ? 3.159   3.110   18.556  1.00 18.79 ? 50  A   A C6    1 
ATOM   81  N  N6    . A   A 1 4  ? 2.472   3.484   17.491  1.00 18.59 ? 50  A   A N6    1 
ATOM   82  N  N1    . A   A 1 4  ? 2.501   2.901   19.709  1.00 20.02 ? 50  A   A N1    1 
ATOM   83  C  C2    . A   A 1 4  ? 3.170   2.513   20.806  1.00 19.47 ? 50  A   A C2    1 
ATOM   84  N  N3    . A   A 1 4  ? 4.468   2.284   20.929  1.00 18.69 ? 50  A   A N3    1 
ATOM   85  C  C4    . A   A 1 4  ? 5.077   2.512   19.753  1.00 18.58 ? 50  A   A C4    1 
ATOM   86  P  P     . G   A 1 5  ? 7.991   -2.436  18.788  1.00 26.81 ? 51  G   A P     1 
ATOM   87  O  OP1   . G   A 1 5  ? 8.897   -3.570  19.128  1.00 25.49 ? 51  G   A OP1   1 
ATOM   88  O  OP2   . G   A 1 5  ? 7.856   -2.005  17.378  1.00 25.25 ? 51  G   A OP2   1 
ATOM   89  O  "O5'" . G   A 1 5  ? 6.521   -2.654  19.369  1.00 26.23 ? 51  G   A "O5'" 1 
ATOM   90  C  "C5'" . G   A 1 5  ? 6.421   -3.237  20.663  1.00 25.89 ? 51  G   A "C5'" 1 
ATOM   91  C  "C4'" . G   A 1 5  ? 5.079   -2.925  21.269  1.00 25.89 ? 51  G   A "C4'" 1 
ATOM   92  O  "O4'" . G   A 1 5  ? 4.774   -1.552  21.001  1.00 25.27 ? 51  G   A "O4'" 1 
ATOM   93  C  "C3'" . G   A 1 5  ? 3.906   -3.588  20.585  1.00 25.62 ? 51  G   A "C3'" 1 
ATOM   94  O  "O3'" . G   A 1 5  ? 3.837   -4.949  20.904  1.00 26.55 ? 51  G   A "O3'" 1 
ATOM   95  C  "C2'" . G   A 1 5  ? 2.780   -2.773  21.181  1.00 25.30 ? 51  G   A "C2'" 1 
ATOM   96  O  "O2'" . G   A 1 5  ? 2.530   -3.030  22.550  1.00 25.12 ? 51  G   A "O2'" 1 
ATOM   97  C  "C1'" . G   A 1 5  ? 3.376   -1.392  20.969  1.00 25.03 ? 51  G   A "C1'" 1 
ATOM   98  N  N9    . G   A 1 5  ? 3.004   -0.840  19.678  1.00 24.96 ? 51  G   A N9    1 
ATOM   99  C  C8    . G   A 1 5  ? 3.810   -0.628  18.591  1.00 25.63 ? 51  G   A C8    1 
ATOM   100 N  N7    . G   A 1 5  ? 3.188   -0.122  17.562  1.00 25.44 ? 51  G   A N7    1 
ATOM   101 C  C5    . G   A 1 5  ? 1.880   0.000   17.997  1.00 25.18 ? 51  G   A C5    1 
ATOM   102 C  C6    . G   A 1 5  ? 0.737   0.486   17.321  1.00 25.84 ? 51  G   A C6    1 
ATOM   103 O  O6    . G   A 1 5  ? 0.660   0.924   16.159  1.00 25.59 ? 51  G   A O6    1 
ATOM   104 N  N1    . G   A 1 5  ? -0.402  0.439   18.132  1.00 25.68 ? 51  G   A N1    1 
ATOM   105 C  C2    . G   A 1 5  ? -0.423  -0.006  19.433  1.00 25.37 ? 51  G   A C2    1 
ATOM   106 N  N2    . G   A 1 5  ? -1.600  0.032   20.074  1.00 25.26 ? 51  G   A N2    1 
ATOM   107 N  N3    . G   A 1 5  ? 0.641   -0.466  20.064  1.00 24.85 ? 51  G   A N3    1 
ATOM   108 C  C4    . G   A 1 5  ? 1.753   -0.432  19.293  1.00 24.89 ? 51  G   A C4    1 
ATOM   109 P  P     . G   A 1 6  ? 3.618   -5.911  19.653  1.00 28.93 ? 52  G   A P     1 
ATOM   110 O  OP1   . G   A 1 6  ? 4.007   -7.278  20.064  1.00 27.45 ? 52  G   A OP1   1 
ATOM   111 O  OP2   . G   A 1 6  ? 4.149   -5.327  18.404  1.00 28.29 ? 52  G   A OP2   1 
ATOM   112 O  "O5'" . G   A 1 6  ? 2.039   -5.789  19.505  1.00 27.74 ? 52  G   A "O5'" 1 
ATOM   113 C  "C5'" . G   A 1 6  ? 1.300   -6.079  20.657  1.00 26.26 ? 52  G   A "C5'" 1 
ATOM   114 C  "C4'" . G   A 1 6  ? -0.066  -5.483  20.543  1.00 24.83 ? 52  G   A "C4'" 1 
ATOM   115 O  "O4'" . G   A 1 6  ? 0.057   -4.086  20.224  1.00 25.47 ? 52  G   A "O4'" 1 
ATOM   116 C  "C3'" . G   A 1 6  ? -0.836  -5.977  19.342  1.00 23.65 ? 52  G   A "C3'" 1 
ATOM   117 O  "O3'" . G   A 1 6  ? -1.265  -7.280  19.522  1.00 21.52 ? 52  G   A "O3'" 1 
ATOM   118 C  "C2'" . G   A 1 6  ? -1.973  -4.970  19.379  1.00 23.46 ? 52  G   A "C2'" 1 
ATOM   119 O  "O2'" . G   A 1 6  ? -2.848  -5.137  20.466  1.00 21.48 ? 52  G   A "O2'" 1 
ATOM   120 C  "C1'" . G   A 1 6  ? -1.118  -3.707  19.532  1.00 24.21 ? 52  G   A "C1'" 1 
ATOM   121 N  N9    . G   A 1 6  ? -0.793  -3.195  18.218  1.00 23.08 ? 52  G   A N9    1 
ATOM   122 C  C8    . G   A 1 6  ? 0.392   -3.200  17.575  1.00 23.58 ? 52  G   A C8    1 
ATOM   123 N  N7    . G   A 1 6  ? 0.311   -2.677  16.390  1.00 23.95 ? 52  G   A N7    1 
ATOM   124 C  C5    . G   A 1 6  ? -1.013  -2.317  16.240  1.00 23.71 ? 52  G   A C5    1 
ATOM   125 C  C6    . G   A 1 6  ? -1.711  -1.698  15.166  1.00 24.53 ? 52  G   A C6    1 
ATOM   126 O  O6    . G   A 1 6  ? -1.300  -1.330  14.055  1.00 24.26 ? 52  G   A O6    1 
ATOM   127 N  N1    . G   A 1 6  ? -3.054  -1.519  15.444  1.00 23.89 ? 52  G   A N1    1 
ATOM   128 C  C2    . G   A 1 6  ? -3.639  -1.884  16.619  1.00 24.29 ? 52  G   A C2    1 
ATOM   129 N  N2    . G   A 1 6  ? -4.942  -1.633  16.718  1.00 24.55 ? 52  G   A N2    1 
ATOM   130 N  N3    . G   A 1 6  ? -3.011  -2.456  17.630  1.00 24.29 ? 52  G   A N3    1 
ATOM   131 C  C4    . G   A 1 6  ? -1.699  -2.642  17.365  1.00 23.52 ? 52  G   A C4    1 
ATOM   132 P  P     . A   A 1 7  ? -1.412  -8.257  18.277  1.00 20.80 ? 53  A   A P     1 
ATOM   133 O  OP1   . A   A 1 7  ? -1.478  -9.585  18.951  1.00 18.62 ? 53  A   A OP1   1 
ATOM   134 O  OP2   . A   A 1 7  ? -0.453  -7.945  17.179  1.00 18.01 ? 53  A   A OP2   1 
ATOM   135 O  "O5'" . A   A 1 7  ? -2.820  -7.894  17.633  1.00 19.16 ? 53  A   A "O5'" 1 
ATOM   136 C  "C5'" . A   A 1 7  ? -3.951  -7.774  18.408  1.00 19.76 ? 53  A   A "C5'" 1 
ATOM   137 C  "C4'" . A   A 1 7  ? -5.018  -7.139  17.568  1.00 20.36 ? 53  A   A "C4'" 1 
ATOM   138 O  "O4'" . A   A 1 7  ? -4.599  -5.794  17.289  1.00 21.60 ? 53  A   A "O4'" 1 
ATOM   139 C  "C3'" . A   A 1 7  ? -5.183  -7.728  16.188  1.00 21.16 ? 53  A   A "C3'" 1 
ATOM   140 O  "O3'" . A   A 1 7  ? -5.994  -8.848  16.246  1.00 21.94 ? 53  A   A "O3'" 1 
ATOM   141 C  "C2'" . A   A 1 7  ? -5.927  -6.585  15.527  1.00 22.33 ? 53  A   A "C2'" 1 
ATOM   142 O  "O2'" . A   A 1 7  ? -7.257  -6.519  15.958  1.00 22.00 ? 53  A   A "O2'" 1 
ATOM   143 C  "C1'" . A   A 1 7  ? -5.163  -5.380  16.045  1.00 23.47 ? 53  A   A "C1'" 1 
ATOM   144 N  N9    . A   A 1 7  ? -4.121  -4.992  15.099  1.00 23.43 ? 53  A   A N9    1 
ATOM   145 C  C8    . A   A 1 7  ? -2.787  -5.225  15.248  1.00 24.78 ? 53  A   A C8    1 
ATOM   146 N  N7    . A   A 1 7  ? -2.043  -4.799  14.264  1.00 25.65 ? 53  A   A N7    1 
ATOM   147 C  C5    . A   A 1 7  ? -2.964  -4.241  13.392  1.00 25.04 ? 53  A   A C5    1 
ATOM   148 C  C6    . A   A 1 7  ? -2.804  -3.614  12.139  1.00 24.72 ? 53  A   A C6    1 
ATOM   149 N  N6    . A   A 1 7  ? -1.615  -3.452  11.556  1.00 24.23 ? 53  A   A N6    1 
ATOM   150 N  N1    . A   A 1 7  ? -3.905  -3.167  11.512  1.00 24.48 ? 53  A   A N1    1 
ATOM   151 C  C2    . A   A 1 7  ? -5.080  -3.349  12.126  1.00 24.68 ? 53  A   A C2    1 
ATOM   152 N  N3    . A   A 1 7  ? -5.353  -3.932  13.292  1.00 24.31 ? 53  A   A N3    1 
ATOM   153 C  C4    . A   A 1 7  ? -4.243  -4.357  13.892  1.00 23.76 ? 53  A   A C4    1 
ATOM   154 P  P     . A   A 1 8  ? -6.010  -9.964  15.103  1.00 22.87 ? 54  A   A P     1 
ATOM   155 O  OP1   . A   A 1 8  ? -7.058  -10.927 15.479  1.00 22.74 ? 54  A   A OP1   1 
ATOM   156 O  OP2   . A   A 1 8  ? -4.636  -10.411 14.853  1.00 22.77 ? 54  A   A OP2   1 
ATOM   157 O  "O5'" . A   A 1 8  ? -6.451  -9.200  13.792  1.00 23.04 ? 54  A   A "O5'" 1 
ATOM   158 C  "C5'" . A   A 1 8  ? -7.811  -9.032  13.496  1.00 24.64 ? 54  A   A "C5'" 1 
ATOM   159 C  "C4'" . A   A 1 8  ? -7.960  -8.235  12.219  1.00 25.49 ? 54  A   A "C4'" 1 
ATOM   160 O  "O4'" . A   A 1 8  ? -7.215  -7.004  12.332  1.00 27.40 ? 54  A   A "O4'" 1 
ATOM   161 C  "C3'" . A   A 1 8  ? -7.316  -8.839  11.006  1.00 25.50 ? 54  A   A "C3'" 1 
ATOM   162 O  "O3'" . A   A 1 8  ? -8.167  -9.823  10.535  1.00 25.74 ? 54  A   A "O3'" 1 
ATOM   163 C  "C2'" . A   A 1 8  ? -7.260  -7.608  10.112  1.00 26.67 ? 54  A   A "C2'" 1 
ATOM   164 O  "O2'" . A   A 1 8  ? -8.520  -7.129  9.680   1.00 26.81 ? 54  A   A "O2'" 1 
ATOM   165 C  "C1'" . A   A 1 8  ? -6.682  -6.618  11.090  1.00 26.62 ? 54  A   A "C1'" 1 
ATOM   166 N  N9    . A   A 1 8  ? -5.249  -6.715  11.232  1.00 26.36 ? 54  A   A N9    1 
ATOM   167 C  C8    . A   A 1 8  ? -4.602  -7.239  12.298  1.00 26.48 ? 54  A   A C8    1 
ATOM   168 N  N7    . A   A 1 8  ? -3.306  -7.201  12.186  1.00 27.44 ? 54  A   A N7    1 
ATOM   169 C  C5    . A   A 1 8  ? -3.090  -6.610  10.961  1.00 27.31 ? 54  A   A C5    1 
ATOM   170 C  C6    . A   A 1 8  ? -1.905  -6.295  10.272  1.00 27.40 ? 54  A   A C6    1 
ATOM   171 N  N6    . A   A 1 8  ? -0.690  -6.559  10.766  1.00 27.13 ? 54  A   A N6    1 
ATOM   172 N  N1    . A   A 1 8  ? -2.031  -5.715  9.057   1.00 27.29 ? 54  A   A N1    1 
ATOM   173 C  C2    . A   A 1 8  ? -3.267  -5.463  8.571   1.00 27.34 ? 54  A   A C2    1 
ATOM   174 N  N3    . A   A 1 8  ? -4.447  -5.714  9.135   1.00 27.44 ? 54  A   A N3    1 
ATOM   175 C  C4    . A   A 1 8  ? -4.285  -6.296  10.346  1.00 27.28 ? 54  A   A C4    1 
ATOM   176 P  P     . C   A 1 9  ? -7.558  -11.055 9.740   1.00 26.42 ? 55  C   A P     1 
ATOM   177 O  OP1   . C   A 1 9  ? -8.680  -11.908 9.326   1.00 25.19 ? 55  C   A OP1   1 
ATOM   178 O  OP2   . C   A 1 9  ? -6.394  -11.640 10.432  1.00 26.83 ? 55  C   A OP2   1 
ATOM   179 O  "O5'" . C   A 1 9  ? -6.925  -10.301 8.513   1.00 27.52 ? 55  C   A "O5'" 1 
ATOM   180 C  "C5'" . C   A 1 9  ? -7.727  -9.795  7.512   1.00 30.07 ? 55  C   A "C5'" 1 
ATOM   181 C  "C4'" . C   A 1 9  ? -6.726  -9.204  6.559   1.00 34.02 ? 55  C   A "C4'" 1 
ATOM   182 O  "O4'" . C   A 1 9  ? -5.759  -8.379  7.247   1.00 34.74 ? 55  C   A "O4'" 1 
ATOM   183 C  "C3'" . C   A 1 9  ? -5.804  -10.215 5.918   1.00 35.60 ? 55  C   A "C3'" 1 
ATOM   184 O  "O3'" . C   A 1 9  ? -6.587  -10.974 5.019   1.00 38.81 ? 55  C   A "O3'" 1 
ATOM   185 C  "C2'" . C   A 1 9  ? -4.857  -9.224  5.254   1.00 35.36 ? 55  C   A "C2'" 1 
ATOM   186 O  "O2'" . C   A 1 9  ? -5.507  -8.521  4.213   1.00 34.75 ? 55  C   A "O2'" 1 
ATOM   187 C  "C1'" . C   A 1 9  ? -4.634  -8.247  6.400   1.00 35.01 ? 55  C   A "C1'" 1 
ATOM   188 N  N1    . C   A 1 9  ? -3.469  -8.530  7.227   1.00 35.21 ? 55  C   A N1    1 
ATOM   189 C  C2    . C   A 1 9  ? -2.189  -8.073  6.848   1.00 36.85 ? 55  C   A C2    1 
ATOM   190 O  O2    . C   A 1 9  ? -2.007  -7.425  5.793   1.00 36.72 ? 55  C   A O2    1 
ATOM   191 N  N3    . C   A 1 9  ? -1.157  -8.367  7.690   1.00 37.06 ? 55  C   A N3    1 
ATOM   192 C  C4    . C   A 1 9  ? -1.377  -9.070  8.812   1.00 35.37 ? 55  C   A C4    1 
ATOM   193 N  N4    . C   A 1 9  ? -0.335  -9.329  9.595   1.00 35.88 ? 55  C   A N4    1 
ATOM   194 C  C5    . C   A 1 9  ? -2.663  -9.529  9.198   1.00 34.71 ? 55  C   A C5    1 
ATOM   195 C  C6    . C   A 1 9  ? -3.666  -9.231  8.383   1.00 34.45 ? 55  C   A C6    1 
ATOM   196 P  P     . U   A 1 10 ? -6.004  -12.287 4.340   1.00 40.40 ? 56  U   A P     1 
ATOM   197 O  OP1   . U   A 1 10 ? -7.126  -13.237 4.207   1.00 39.45 ? 56  U   A OP1   1 
ATOM   198 O  OP2   . U   A 1 10 ? -4.773  -12.638 5.079   1.00 40.47 ? 56  U   A OP2   1 
ATOM   199 O  "O5'" . U   A 1 10 ? -5.591  -11.746 2.888   1.00 41.99 ? 56  U   A "O5'" 1 
ATOM   200 C  "C5'" . U   A 1 10 ? -4.252  -11.754 2.408   1.00 44.29 ? 56  U   A "C5'" 1 
ATOM   201 C  "C4'" . U   A 1 10 ? -4.238  -12.707 1.236   1.00 46.52 ? 56  U   A "C4'" 1 
ATOM   202 O  "O4'" . U   A 1 10 ? -4.671  -14.005 1.713   1.00 50.01 ? 56  U   A "O4'" 1 
ATOM   203 C  "C3'" . U   A 1 10 ? -5.280  -12.392 0.180   1.00 45.34 ? 56  U   A "C3'" 1 
ATOM   204 O  "O3'" . U   A 1 10 ? -4.727  -11.509 -0.769  1.00 39.88 ? 56  U   A "O3'" 1 
ATOM   205 C  "C2'" . U   A 1 10 ? -5.625  -13.774 -0.389  1.00 49.17 ? 56  U   A "C2'" 1 
ATOM   206 O  "O2'" . U   A 1 10 ? -5.137  -14.027 -1.693  1.00 51.05 ? 56  U   A "O2'" 1 
ATOM   207 C  "C1'" . U   A 1 10 ? -4.955  -14.761 0.563   1.00 53.15 ? 56  U   A "C1'" 1 
ATOM   208 N  N1    . U   A 1 10 ? -5.762  -16.040 0.835   1.00 56.18 ? 56  U   A N1    1 
ATOM   209 C  C2    . U   A 1 10 ? -5.112  -17.199 1.285   1.00 57.63 ? 56  U   A C2    1 
ATOM   210 O  O2    . U   A 1 10 ? -3.914  -17.262 1.514   1.00 57.59 ? 56  U   A O2    1 
ATOM   211 N  N3    . U   A 1 10 ? -5.931  -18.309 1.472   1.00 58.02 ? 56  U   A N3    1 
ATOM   212 C  C4    . U   A 1 10 ? -7.312  -18.394 1.251   1.00 57.36 ? 56  U   A C4    1 
ATOM   213 O  O4    . U   A 1 10 ? -7.915  -19.461 1.461   1.00 56.46 ? 56  U   A O4    1 
ATOM   214 C  C5    . U   A 1 10 ? -7.918  -17.150 0.778   1.00 57.73 ? 56  U   A C5    1 
ATOM   215 C  C6    . U   A 1 10 ? -7.142  -16.060 0.591   1.00 56.92 ? 56  U   A C6    1 
ATOM   216 P  P     . A   A 1 11 ? -5.635  -10.822 -1.883  1.00 36.70 ? 57  A   A P     1 
ATOM   217 O  OP1   . A   A 1 11 ? -5.842  -11.663 -3.083  1.00 35.42 ? 57  A   A OP1   1 
ATOM   218 O  OP2   . A   A 1 11 ? -5.055  -9.491  -2.093  1.00 37.86 ? 57  A   A OP2   1 
ATOM   219 O  "O5'" . A   A 1 11 ? -7.012  -10.692 -1.096  1.00 35.72 ? 57  A   A "O5'" 1 
ATOM   220 C  "C5'" . A   A 1 11 ? -8.106  -11.449 -1.585  1.00 34.32 ? 57  A   A "C5'" 1 
ATOM   221 C  "C4'" . A   A 1 11 ? -9.456  -10.848 -1.270  1.00 31.64 ? 57  A   A "C4'" 1 
ATOM   222 O  "O4'" . A   A 1 11 ? -9.700  -10.976 0.141   1.00 30.42 ? 57  A   A "O4'" 1 
ATOM   223 C  "C3'" . A   A 1 11 ? -9.625  -9.381  -1.583  1.00 30.42 ? 57  A   A "C3'" 1 
ATOM   224 O  "O3'" . A   A 1 11 ? -10.165 -9.281  -2.862  1.00 30.57 ? 57  A   A "O3'" 1 
ATOM   225 C  "C2'" . A   A 1 11 ? -10.717 -9.014  -0.601  1.00 30.75 ? 57  A   A "C2'" 1 
ATOM   226 O  "O2'" . A   A 1 11 ? -12.005 -9.419  -1.009  1.00 32.01 ? 57  A   A "O2'" 1 
ATOM   227 C  "C1'" . A   A 1 11 ? -10.339 -9.823  0.605   1.00 28.52 ? 57  A   A "C1'" 1 
ATOM   228 N  N9    . A   A 1 11 ? -9.451  -9.120  1.497   1.00 28.04 ? 57  A   A N9    1 
ATOM   229 C  C8    . A   A 1 11 ? -8.158  -9.387  1.817   1.00 28.30 ? 57  A   A C8    1 
ATOM   230 N  N7    . A   A 1 11 ? -7.624  -8.571  2.692   1.00 26.98 ? 57  A   A N7    1 
ATOM   231 C  C5    . A   A 1 11 ? -8.659  -7.720  2.954   1.00 27.51 ? 57  A   A C5    1 
ATOM   232 C  C6    . A   A 1 11 ? -8.757  -6.626  3.801   1.00 27.92 ? 57  A   A C6    1 
ATOM   233 N  N6    . A   A 1 11 ? -7.753  -6.185  4.552   1.00 28.17 ? 57  A   A N6    1 
ATOM   234 N  N1    . A   A 1 11 ? -9.931  -5.982  3.809   1.00 28.10 ? 57  A   A N1    1 
ATOM   235 C  C2    . A   A 1 11 ? -10.942 -6.401  3.046   1.00 27.61 ? 57  A   A C2    1 
ATOM   236 N  N3    . A   A 1 11 ? -10.977 -7.420  2.215   1.00 27.57 ? 57  A   A N3    1 
ATOM   237 C  C4    . A   A 1 11 ? -9.787  -8.033  2.227   1.00 27.79 ? 57  A   A C4    1 
ATOM   238 P  P     . C   A 1 12 ? -9.865  -8.011  -3.779  1.00 32.33 ? 58  C   A P     1 
ATOM   239 O  OP1   . C   A 1 12 ? -10.665 -8.205  -5.021  1.00 30.74 ? 58  C   A OP1   1 
ATOM   240 O  OP2   . C   A 1 12 ? -8.399  -7.807  -3.795  1.00 31.60 ? 58  C   A OP2   1 
ATOM   241 O  "O5'" . C   A 1 12 ? -10.430 -6.755  -2.967  1.00 31.02 ? 58  C   A "O5'" 1 
ATOM   242 C  "C5'" . C   A 1 12 ? -11.830 -6.520  -2.853  1.00 28.66 ? 58  C   A "C5'" 1 
ATOM   243 C  "C4'" . C   A 1 12 ? -12.024 -5.343  -1.946  1.00 26.64 ? 58  C   A "C4'" 1 
ATOM   244 O  "O4'" . C   A 1 12 ? -11.429 -5.645  -0.676  1.00 26.43 ? 58  C   A "O4'" 1 
ATOM   245 C  "C3'" . C   A 1 12 ? -11.208 -4.146  -2.340  1.00 27.09 ? 58  C   A "C3'" 1 
ATOM   246 O  "O3'" . C   A 1 12 ? -11.868 -3.527  -3.388  1.00 27.48 ? 58  C   A "O3'" 1 
ATOM   247 C  "C2'" . C   A 1 12 ? -11.251 -3.349  -1.041  1.00 27.47 ? 58  C   A "C2'" 1 
ATOM   248 O  "O2'" . C   A 1 12 ? -12.486 -2.688  -0.819  1.00 29.66 ? 58  C   A "O2'" 1 
ATOM   249 C  "C1'" . C   A 1 12 ? -11.080 -4.455  -0.017  1.00 26.19 ? 58  C   A "C1'" 1 
ATOM   250 N  N1    . C   A 1 12 ? -9.709  -4.660  0.475   1.00 26.14 ? 58  C   A N1    1 
ATOM   251 C  C2    . C   A 1 12 ? -9.169  -3.844  1.490   1.00 26.75 ? 58  C   A C2    1 
ATOM   252 O  O2    . C   A 1 12 ? -9.834  -2.935  1.991   1.00 26.69 ? 58  C   A O2    1 
ATOM   253 N  N3    . C   A 1 12 ? -7.907  -4.081  1.919   1.00 26.39 ? 58  C   A N3    1 
ATOM   254 C  C4    . C   A 1 12 ? -7.212  -5.072  1.358   1.00 26.23 ? 58  C   A C4    1 
ATOM   255 N  N4    . C   A 1 12 ? -5.986  -5.282  1.809   1.00 26.85 ? 58  C   A N4    1 
ATOM   256 C  C5    . C   A 1 12 ? -7.730  -5.905  0.330   1.00 25.57 ? 58  C   A C5    1 
ATOM   257 C  C6    . C   A 1 12 ? -8.971  -5.667  -0.075  1.00 25.27 ? 58  C   A C6    1 
ATOM   258 P  P     . U   A 1 13 ? -11.134 -2.507  -4.353  1.00 27.96 ? 59  U   A P     1 
ATOM   259 O  OP1   . U   A 1 13 ? -12.233 -2.074  -5.234  1.00 27.73 ? 59  U   A OP1   1 
ATOM   260 O  OP2   . U   A 1 13 ? -9.895  -3.072  -4.897  1.00 27.45 ? 59  U   A OP2   1 
ATOM   261 O  "O5'" . U   A 1 13 ? -10.638 -1.326  -3.420  1.00 27.57 ? 59  U   A "O5'" 1 
ATOM   262 C  "C5'" . U   A 1 13 ? -11.290 -0.081  -3.511  1.00 28.88 ? 59  U   A "C5'" 1 
ATOM   263 C  "C4'" . U   A 1 13 ? -10.616 0.886   -2.582  1.00 28.32 ? 59  U   A "C4'" 1 
ATOM   264 O  "O4'" . U   A 1 13 ? -10.186 0.178   -1.397  1.00 28.29 ? 59  U   A "O4'" 1 
ATOM   265 C  "C3'" . U   A 1 13 ? -9.296  1.358   -3.109  1.00 28.82 ? 59  U   A "C3'" 1 
ATOM   266 O  "O3'" . U   A 1 13 ? -9.538  2.323   -4.108  1.00 29.90 ? 59  U   A "O3'" 1 
ATOM   267 C  "C2'" . U   A 1 13 ? -8.723  1.916   -1.811  1.00 28.32 ? 59  U   A "C2'" 1 
ATOM   268 O  "O2'" . U   A 1 13 ? -9.452  3.039   -1.372  1.00 29.88 ? 59  U   A "O2'" 1 
ATOM   269 C  "C1'" . U   A 1 13 ? -9.041  0.801   -0.836  1.00 26.33 ? 59  U   A "C1'" 1 
ATOM   270 N  N1    . U   A 1 13 ? -7.944  -0.191  -0.568  1.00 24.92 ? 59  U   A N1    1 
ATOM   271 C  C2    . U   A 1 13 ? -6.890  0.096   0.281   1.00 24.84 ? 59  U   A C2    1 
ATOM   272 O  O2    . U   A 1 13 ? -6.735  1.138   0.876   1.00 25.99 ? 59  U   A O2    1 
ATOM   273 N  N3    . U   A 1 13 ? -5.968  -0.895  0.439   1.00 24.21 ? 59  U   A N3    1 
ATOM   274 C  C4    . U   A 1 13 ? -5.973  -2.132  -0.151  1.00 25.00 ? 59  U   A C4    1 
ATOM   275 O  O4    . U   A 1 13 ? -5.073  -2.920  0.078   1.00 25.15 ? 59  U   A O4    1 
ATOM   276 C  C5    . U   A 1 13 ? -7.088  -2.373  -1.013  1.00 25.85 ? 59  U   A C5    1 
ATOM   277 C  C6    . U   A 1 13 ? -8.012  -1.420  -1.176  1.00 25.63 ? 59  U   A C6    1 
ATOM   278 P  P     . G   A 1 14 ? -8.470  2.544   -5.281  1.00 30.56 ? 60  G   A P     1 
ATOM   279 O  OP1   . G   A 1 14 ? -9.055  3.500   -6.243  1.00 29.67 ? 60  G   A OP1   1 
ATOM   280 O  OP2   . G   A 1 14 ? -8.006  1.216   -5.743  1.00 29.85 ? 60  G   A OP2   1 
ATOM   281 O  "O5'" . G   A 1 14 ? -7.253  3.247   -4.541  1.00 28.93 ? 60  G   A "O5'" 1 
ATOM   282 C  "C5'" . G   A 1 14 ? -7.289  4.604   -4.165  1.00 29.19 ? 60  G   A "C5'" 1 
ATOM   283 C  "C4'" . G   A 1 14 ? -6.151  4.783   -3.189  1.00 30.80 ? 60  G   A "C4'" 1 
ATOM   284 O  "O4'" . G   A 1 14 ? -6.140  3.625   -2.323  1.00 31.50 ? 60  G   A "O4'" 1 
ATOM   285 C  "C3'" . G   A 1 14 ? -4.771  4.599   -3.775  1.00 32.10 ? 60  G   A "C3'" 1 
ATOM   286 O  "O3'" . G   A 1 14 ? -4.349  5.698   -4.529  1.00 34.18 ? 60  G   A "O3'" 1 
ATOM   287 C  "C2'" . G   A 1 14 ? -3.955  4.415   -2.510  1.00 31.91 ? 60  G   A "C2'" 1 
ATOM   288 O  "O2'" . G   A 1 14 ? -3.856  5.570   -1.712  1.00 33.36 ? 60  G   A "O2'" 1 
ATOM   289 C  "C1'" . G   A 1 14 ? -4.843  3.427   -1.787  1.00 30.24 ? 60  G   A "C1'" 1 
ATOM   290 N  N9    . G   A 1 14 ? -4.390  2.048   -1.936  1.00 28.91 ? 60  G   A N9    1 
ATOM   291 C  C8    . G   A 1 14 ? -4.958  1.046   -2.670  1.00 29.21 ? 60  G   A C8    1 
ATOM   292 N  N7    . G   A 1 14 ? -4.302  -0.088  -2.592  1.00 29.19 ? 60  G   A N7    1 
ATOM   293 C  C5    . G   A 1 14 ? -3.237  0.191   -1.747  1.00 28.90 ? 60  G   A C5    1 
ATOM   294 C  C6    . G   A 1 14 ? -2.170  -0.636  -1.289  1.00 30.44 ? 60  G   A C6    1 
ATOM   295 O  O6    . G   A 1 14 ? -1.951  -1.838  -1.544  1.00 30.24 ? 60  G   A O6    1 
ATOM   296 N  N1    . G   A 1 14 ? -1.280  0.052   -0.455  1.00 29.71 ? 60  G   A N1    1 
ATOM   297 C  C2    . G   A 1 14 ? -1.407  1.374   -0.113  1.00 29.18 ? 60  G   A C2    1 
ATOM   298 N  N2    . G   A 1 14 ? -0.468  1.871   0.706   1.00 28.90 ? 60  G   A N2    1 
ATOM   299 N  N3    . G   A 1 14 ? -2.406  2.144   -0.532  1.00 29.01 ? 60  G   A N3    1 
ATOM   300 C  C4    . G   A 1 14 ? -3.279  1.499   -1.342  1.00 28.14 ? 60  G   A C4    1 
ATOM   301 P  P     . U   A 1 15 ? -3.638  5.426   -5.940  1.00 35.70 ? 61  U   A P     1 
ATOM   302 O  OP1   . U   A 1 15 ? -3.761  6.668   -6.728  1.00 35.45 ? 61  U   A OP1   1 
ATOM   303 O  OP2   . U   A 1 15 ? -4.144  4.181   -6.552  1.00 34.53 ? 61  U   A OP2   1 
ATOM   304 O  "O5'" . U   A 1 15 ? -2.131  5.158   -5.496  1.00 34.01 ? 61  U   A "O5'" 1 
ATOM   305 C  "C5'" . U   A 1 15 ? -1.438  6.080   -4.718  1.00 34.08 ? 61  U   A "C5'" 1 
ATOM   306 C  "C4'" . U   A 1 15 ? -0.263  5.374   -4.071  1.00 36.41 ? 61  U   A "C4'" 1 
ATOM   307 O  "O4'" . U   A 1 15 ? -0.723  4.247   -3.297  1.00 35.25 ? 61  U   A "O4'" 1 
ATOM   308 C  "C3'" . U   A 1 15 ? 0.734   4.713   -5.015  1.00 37.56 ? 61  U   A "C3'" 1 
ATOM   309 O  "O3'" . U   A 1 15 ? 1.636   5.671   -5.525  1.00 39.59 ? 61  U   A "O3'" 1 
ATOM   310 C  "C2'" . U   A 1 15 ? 1.438   3.734   -4.079  1.00 36.12 ? 61  U   A "C2'" 1 
ATOM   311 O  "O2'" . U   A 1 15 ? 2.316   4.368   -3.173  1.00 37.07 ? 61  U   A "O2'" 1 
ATOM   312 C  "C1'" . U   A 1 15 ? 0.272   3.232   -3.274  1.00 34.33 ? 61  U   A "C1'" 1 
ATOM   313 N  N1    . U   A 1 15 ? -0.304  1.945   -3.735  1.00 33.46 ? 61  U   A N1    1 
ATOM   314 C  C2    . U   A 1 15 ? 0.312   0.762   -3.386  1.00 33.27 ? 61  U   A C2    1 
ATOM   315 O  O2    . U   A 1 15 ? 1.337   0.709   -2.742  1.00 34.76 ? 61  U   A O2    1 
ATOM   316 N  N3    . U   A 1 15 ? -0.300  -0.373  -3.831  1.00 32.33 ? 61  U   A N3    1 
ATOM   317 C  C4    . U   A 1 15 ? -1.459  -0.434  -4.571  1.00 33.25 ? 61  U   A C4    1 
ATOM   318 O  O4    . U   A 1 15 ? -1.908  -1.517  -4.889  1.00 34.43 ? 61  U   A O4    1 
ATOM   319 C  C5    . U   A 1 15 ? -2.062  0.826   -4.900  1.00 33.91 ? 61  U   A C5    1 
ATOM   320 C  C6    . U   A 1 15 ? -1.472  1.949   -4.471  1.00 33.89 ? 61  U   A C6    1 
ATOM   321 P  P     . C   A 1 16 ? 2.443   5.334   -6.852  1.00 41.50 ? 62  C   A P     1 
ATOM   322 O  OP1   . C   A 1 16 ? 3.254   6.552   -7.095  1.00 40.95 ? 62  C   A OP1   1 
ATOM   323 O  OP2   . C   A 1 16 ? 1.454   4.822   -7.838  1.00 39.77 ? 62  C   A OP2   1 
ATOM   324 O  "O5'" . C   A 1 16 ? 3.419   4.116   -6.482  1.00 40.99 ? 62  C   A "O5'" 1 
ATOM   325 C  "C5'" . C   A 1 16 ? 4.643   4.334   -5.782  1.00 42.22 ? 62  C   A "C5'" 1 
ATOM   326 C  "C4'" . C   A 1 16 ? 5.249   2.996   -5.405  1.00 43.96 ? 62  C   A "C4'" 1 
ATOM   327 O  "O4'" . C   A 1 16 ? 4.221   2.173   -4.818  1.00 44.44 ? 62  C   A "O4'" 1 
ATOM   328 C  "C3'" . C   A 1 16 ? 5.669   2.096   -6.552  1.00 45.43 ? 62  C   A "C3'" 1 
ATOM   329 O  "O3'" . C   A 1 16 ? 6.914   2.479   -7.108  1.00 47.31 ? 62  C   A "O3'" 1 
ATOM   330 C  "C2'" . C   A 1 16 ? 5.758   0.744   -5.858  1.00 44.96 ? 62  C   A "C2'" 1 
ATOM   331 O  "O2'" . C   A 1 16 ? 6.878   0.571   -5.024  1.00 45.83 ? 62  C   A "O2'" 1 
ATOM   332 C  "C1'" . C   A 1 16 ? 4.545   0.809   -4.972  1.00 44.51 ? 62  C   A "C1'" 1 
ATOM   333 N  N1    . C   A 1 16 ? 3.413   0.043   -5.548  1.00 44.94 ? 62  C   A N1    1 
ATOM   334 C  C2    . C   A 1 16 ? 3.406   -1.363  -5.407  1.00 45.55 ? 62  C   A C2    1 
ATOM   335 O  O2    . C   A 1 16 ? 4.321   -1.958  -4.828  1.00 45.99 ? 62  C   A O2    1 
ATOM   336 N  N3    . C   A 1 16 ? 2.382   -2.074  -5.916  1.00 45.11 ? 62  C   A N3    1 
ATOM   337 C  C4    . C   A 1 16 ? 1.401   -1.438  -6.539  1.00 44.82 ? 62  C   A C4    1 
ATOM   338 N  N4    . C   A 1 16 ? 0.434   -2.221  -7.009  1.00 45.28 ? 62  C   A N4    1 
ATOM   339 C  C5    . C   A 1 16 ? 1.376   -0.016  -6.705  1.00 44.62 ? 62  C   A C5    1 
ATOM   340 C  C6    . C   A 1 16 ? 2.396   0.687   -6.197  1.00 44.52 ? 62  C   A C6    1 
ATOM   341 P  P     . U   A 1 17 ? 7.204   2.254   -8.670  1.00 47.84 ? 63  U   A P     1 
ATOM   342 O  OP1   . U   A 1 17 ? 8.423   3.042   -8.954  1.00 47.43 ? 63  U   A OP1   1 
ATOM   343 O  OP2   . U   A 1 17 ? 5.976   2.485   -9.464  1.00 46.18 ? 63  U   A OP2   1 
ATOM   344 O  "O5'" . U   A 1 17 ? 7.551   0.698   -8.728  1.00 47.26 ? 63  U   A "O5'" 1 
ATOM   345 C  "C5'" . U   A 1 17 ? 8.705   0.254   -8.052  1.00 48.79 ? 63  U   A "C5'" 1 
ATOM   346 C  "C4'" . U   A 1 17 ? 8.634   -1.244  -7.905  1.00 50.56 ? 63  U   A "C4'" 1 
ATOM   347 O  "O4'" . U   A 1 17 ? 7.395   -1.584  -7.257  1.00 49.73 ? 63  U   A "O4'" 1 
ATOM   348 C  "C3'" . U   A 1 17 ? 8.505   -2.002  -9.211  1.00 52.64 ? 63  U   A "C3'" 1 
ATOM   349 O  "O3'" . U   A 1 17 ? 9.750   -2.127  -9.865  1.00 55.88 ? 63  U   A "O3'" 1 
ATOM   350 C  "C2'" . U   A 1 17 ? 7.990   -3.337  -8.708  1.00 51.41 ? 63  U   A "C2'" 1 
ATOM   351 O  "O2'" . U   A 1 17 ? 8.989   -4.101  -8.067  1.00 52.62 ? 63  U   A "O2'" 1 
ATOM   352 C  "C1'" . U   A 1 17 ? 6.964   -2.858  -7.694  1.00 49.41 ? 63  U   A "C1'" 1 
ATOM   353 N  N1    . U   A 1 17 ? 5.589   -2.750  -8.273  1.00 48.43 ? 63  U   A N1    1 
ATOM   354 C  C2    . U   A 1 17 ? 4.887   -3.894  -8.636  1.00 47.99 ? 63  U   A C2    1 
ATOM   355 O  O2    . U   A 1 17 ? 5.304   -5.037  -8.523  1.00 47.79 ? 63  U   A O2    1 
ATOM   356 N  N3    . U   A 1 17 ? 3.639   -3.654  -9.148  1.00 47.87 ? 63  U   A N3    1 
ATOM   357 C  C4    . U   A 1 17 ? 3.032   -2.423  -9.339  1.00 48.31 ? 63  U   A C4    1 
ATOM   358 O  O4    . U   A 1 17 ? 1.901   -2.357  -9.823  1.00 48.43 ? 63  U   A O4    1 
ATOM   359 C  C5    . U   A 1 17 ? 3.829   -1.297  -8.933  1.00 47.88 ? 63  U   A C5    1 
ATOM   360 C  C6    . U   A 1 17 ? 5.047   -1.496  -8.431  1.00 47.63 ? 63  U   A C6    1 
ATOM   361 P  P     . U   A 1 18 ? 9.841   -1.855  -11.439 1.00 57.81 ? 64  U   A P     1 
ATOM   362 O  OP1   . U   A 1 18 ? 11.293  -1.837  -11.710 1.00 58.22 ? 64  U   A OP1   1 
ATOM   363 O  OP2   . U   A 1 18 ? 9.026   -0.686  -11.838 1.00 56.98 ? 64  U   A OP2   1 
ATOM   364 O  "O5'" . U   A 1 18 ? 9.167   -3.169  -12.051 1.00 58.24 ? 64  U   A "O5'" 1 
ATOM   365 C  "C5'" . U   A 1 18 ? 9.944   -4.352  -12.112 1.00 60.48 ? 64  U   A "C5'" 1 
ATOM   366 C  "C4'" . U   A 1 18 ? 9.074   -5.576  -12.253 1.00 62.22 ? 64  U   A "C4'" 1 
ATOM   367 O  "O4'" . U   A 1 18 ? 7.864   -5.400  -11.483 1.00 63.11 ? 64  U   A "O4'" 1 
ATOM   368 C  "C3'" . U   A 1 18 ? 8.515   -5.819  -13.636 1.00 63.52 ? 64  U   A "C3'" 1 
ATOM   369 O  "O3'" . U   A 1 18 ? 9.478   -6.349  -14.504 1.00 65.06 ? 64  U   A "O3'" 1 
ATOM   370 C  "C2'" . U   A 1 18 ? 7.442   -6.841  -13.309 1.00 63.70 ? 64  U   A "C2'" 1 
ATOM   371 O  "O2'" . U   A 1 18 ? 7.983   -8.126  -13.083 1.00 64.41 ? 64  U   A "O2'" 1 
ATOM   372 C  "C1'" . U   A 1 18 ? 6.861   -6.235  -12.033 1.00 63.08 ? 64  U   A "C1'" 1 
ATOM   373 N  N1    . U   A 1 18 ? 5.641   -5.423  -12.286 1.00 62.53 ? 64  U   A N1    1 
ATOM   374 C  C2    . U   A 1 18 ? 4.491   -6.055  -12.731 1.00 62.77 ? 64  U   A C2    1 
ATOM   375 O  O2    . U   A 1 18 ? 4.405   -7.253  -12.930 1.00 63.19 ? 64  U   A O2    1 
ATOM   376 N  N3    . U   A 1 18 ? 3.416   -5.224  -12.939 1.00 62.85 ? 64  U   A N3    1 
ATOM   377 C  C4    . U   A 1 18 ? 3.369   -3.853  -12.751 1.00 63.04 ? 64  U   A C4    1 
ATOM   378 O  O4    . U   A 1 18 ? 2.322   -3.248  -12.984 1.00 62.71 ? 64  U   A O4    1 
ATOM   379 C  C5    . U   A 1 18 ? 4.612   -3.266  -12.290 1.00 63.04 ? 64  U   A C5    1 
ATOM   380 C  C6    . U   A 1 18 ? 5.675   -4.056  -12.075 1.00 62.43 ? 64  U   A C6    1 
ATOM   381 P  P     . C   A 1 19 ? 9.787   -5.509  -15.824 1.00 66.80 ? 65  C   A P     1 
ATOM   382 O  OP1   . C   A 1 19 ? 11.147  -5.912  -16.225 1.00 66.92 ? 65  C   A OP1   1 
ATOM   383 O  OP2   . C   A 1 19 ? 9.500   -4.082  -15.588 1.00 66.98 ? 65  C   A OP2   1 
ATOM   384 O  "O5'" . C   A 1 19 ? 8.685   -5.970  -16.883 1.00 67.25 ? 65  C   A "O5'" 1 
ATOM   385 C  "C5'" . C   A 1 19 ? 8.748   -7.266  -17.416 1.00 69.83 ? 65  C   A "C5'" 1 
ATOM   386 C  "C4'" . C   A 1 19 ? 7.366   -7.861  -17.484 1.00 71.74 ? 65  C   A "C4'" 1 
ATOM   387 O  "O4'" . C   A 1 19 ? 6.656   -7.558  -16.259 1.00 72.65 ? 65  C   A "O4'" 1 
ATOM   388 C  "C3'" . C   A 1 19 ? 6.455   -7.243  -18.526 1.00 72.71 ? 65  C   A "C3'" 1 
ATOM   389 O  "O3'" . C   A 1 19 ? 6.765   -7.645  -19.835 1.00 73.49 ? 65  C   A "O3'" 1 
ATOM   390 C  "C2'" . C   A 1 19 ? 5.116   -7.758  -18.027 1.00 73.08 ? 65  C   A "C2'" 1 
ATOM   391 O  "O2'" . C   A 1 19 ? 4.941   -9.154  -18.172 1.00 73.20 ? 65  C   A "O2'" 1 
ATOM   392 C  "C1'" . C   A 1 19 ? 5.280   -7.373  -16.557 1.00 73.31 ? 65  C   A "C1'" 1 
ATOM   393 N  N1    . C   A 1 19 ? 4.860   -5.949  -16.275 1.00 73.47 ? 65  C   A N1    1 
ATOM   394 C  C2    . C   A 1 19 ? 3.508   -5.568  -16.385 1.00 73.59 ? 65  C   A C2    1 
ATOM   395 O  O2    . C   A 1 19 ? 2.658   -6.397  -16.711 1.00 74.13 ? 65  C   A O2    1 
ATOM   396 N  N3    . C   A 1 19 ? 3.140   -4.289  -16.131 1.00 73.63 ? 65  C   A N3    1 
ATOM   397 C  C4    . C   A 1 19 ? 4.066   -3.396  -15.785 1.00 73.80 ? 65  C   A C4    1 
ATOM   398 N  N4    . C   A 1 19 ? 3.658   -2.148  -15.542 1.00 73.78 ? 65  C   A N4    1 
ATOM   399 C  C5    . C   A 1 19 ? 5.445   -3.748  -15.662 1.00 74.21 ? 65  C   A C5    1 
ATOM   400 C  C6    . C   A 1 19 ? 5.791   -5.017  -15.914 1.00 73.93 ? 65  C   A C6    1 
ATOM   401 P  P     . A   A 1 20 ? 7.332   -6.524  -20.832 1.00 75.14 ? 66  A   A P     1 
ATOM   402 O  OP1   . A   A 1 20 ? 8.515   -7.109  -21.499 1.00 74.88 ? 66  A   A OP1   1 
ATOM   403 O  OP2   . A   A 1 20 ? 7.442   -5.209  -20.157 1.00 74.07 ? 66  A   A OP2   1 
ATOM   404 O  "O5'" . A   A 1 20 ? 6.164   -6.389  -21.902 1.00 75.87 ? 66  A   A "O5'" 1 
ATOM   405 C  "C5'" . A   A 1 20 ? 5.737   -7.543  -22.593 1.00 77.56 ? 66  A   A "C5'" 1 
ATOM   406 C  "C4'" . A   A 1 20 ? 4.235   -7.625  -22.507 1.00 78.89 ? 66  A   A "C4'" 1 
ATOM   407 O  "O4'" . A   A 1 20 ? 3.818   -7.461  -21.127 1.00 79.45 ? 66  A   A "O4'" 1 
ATOM   408 C  "C3'" . A   A 1 20 ? 3.504   -6.495  -23.215 1.00 80.00 ? 66  A   A "C3'" 1 
ATOM   409 O  "O3'" . A   A 1 20 ? 3.467   -6.672  -24.635 1.00 79.83 ? 66  A   A "O3'" 1 
ATOM   410 C  "C2'" . A   A 1 20 ? 2.133   -6.632  -22.561 1.00 80.46 ? 66  A   A "C2'" 1 
ATOM   411 O  "O2'" . A   A 1 20 ? 1.426   -7.762  -23.030 1.00 81.39 ? 66  A   A "O2'" 1 
ATOM   412 C  "C1'" . A   A 1 20 ? 2.530   -6.854  -21.103 1.00 79.98 ? 66  A   A "C1'" 1 
ATOM   413 N  N9    . A   A 1 20 ? 2.527   -5.624  -20.298 1.00 80.09 ? 66  A   A N9    1 
ATOM   414 C  C8    . A   A 1 20 ? 3.607   -5.003  -19.726 1.00 80.12 ? 66  A   A C8    1 
ATOM   415 N  N7    . A   A 1 20 ? 3.308   -3.915  -19.056 1.00 80.15 ? 66  A   A N7    1 
ATOM   416 C  C5    . A   A 1 20 ? 1.930   -3.801  -19.190 1.00 80.21 ? 66  A   A C5    1 
ATOM   417 C  C6    . A   A 1 20 ? 0.986   -2.855  -18.712 1.00 79.84 ? 66  A   A C6    1 
ATOM   418 N  N6    . A   A 1 20 ? 1.307   -1.795  -17.963 1.00 79.63 ? 66  A   A N6    1 
ATOM   419 N  N1    . A   A 1 20 ? -0.316  -3.036  -19.034 1.00 79.97 ? 66  A   A N1    1 
ATOM   420 C  C2    . A   A 1 20 ? -0.657  -4.095  -19.784 1.00 80.05 ? 66  A   A C2    1 
ATOM   421 N  N3    . A   A 1 20 ? 0.136   -5.047  -20.288 1.00 80.19 ? 66  A   A N3    1 
ATOM   422 C  C4    . A   A 1 20 ? 1.430   -4.848  -19.956 1.00 80.24 ? 66  A   A C4    1 
ATOM   423 P  P     . C   A 1 21 ? 3.456   -5.401  -25.617 1.00 79.70 ? 67  C   A P     1 
ATOM   424 O  OP1   . C   A 1 21 ? 3.593   -5.911  -27.005 1.00 79.72 ? 67  C   A OP1   1 
ATOM   425 O  OP2   . C   A 1 21 ? 4.378   -4.375  -25.071 1.00 79.16 ? 67  C   A OP2   1 
ATOM   426 O  "O5'" . C   A 1 21 ? 1.984   -4.826  -25.479 1.00 78.89 ? 67  C   A "O5'" 1 
ATOM   427 C  "C5'" . C   A 1 21 ? 0.956   -5.487  -26.168 1.00 78.73 ? 67  C   A "C5'" 1 
ATOM   428 C  "C4'" . C   A 1 21 ? -0.346  -4.946  -25.646 1.00 79.26 ? 67  C   A "C4'" 1 
ATOM   429 O  "O4'" . C   A 1 21 ? -0.293  -4.862  -24.199 1.00 79.15 ? 67  C   A "O4'" 1 
ATOM   430 C  "C3'" . C   A 1 21 ? -0.622  -3.503  -26.010 1.00 79.76 ? 67  C   A "C3'" 1 
ATOM   431 O  "O3'" . C   A 1 21 ? -0.942  -3.350  -27.395 1.00 80.37 ? 67  C   A "O3'" 1 
ATOM   432 C  "C2'" . C   A 1 21 ? -1.782  -3.271  -25.050 1.00 79.77 ? 67  C   A "C2'" 1 
ATOM   433 O  "O2'" . C   A 1 21 ? -2.941  -4.016  -25.388 1.00 80.26 ? 67  C   A "O2'" 1 
ATOM   434 C  "C1'" . C   A 1 21 ? -1.159  -3.827  -23.766 1.00 79.25 ? 67  C   A "C1'" 1 
ATOM   435 N  N1    . C   A 1 21 ? -0.394  -2.803  -22.958 1.00 79.17 ? 67  C   A N1    1 
ATOM   436 C  C2    . C   A 1 21 ? -1.074  -1.784  -22.261 1.00 79.40 ? 67  C   A C2    1 
ATOM   437 O  O2    . C   A 1 21 ? -2.307  -1.719  -22.287 1.00 80.02 ? 67  C   A O2    1 
ATOM   438 N  N3    . C   A 1 21 ? -0.372  -0.871  -21.549 1.00 78.93 ? 67  C   A N3    1 
ATOM   439 C  C4    . C   A 1 21 ? 0.953   -0.940  -21.515 1.00 79.00 ? 67  C   A C4    1 
ATOM   440 N  N4    . C   A 1 21 ? 1.589   -0.012  -20.799 1.00 79.35 ? 67  C   A N4    1 
ATOM   441 C  C5    . C   A 1 21 ? 1.676   -1.956  -22.208 1.00 79.26 ? 67  C   A C5    1 
ATOM   442 C  C6    . C   A 1 21 ? 0.971   -2.855  -22.909 1.00 79.21 ? 67  C   A C6    1 
ATOM   443 P  P     . G   A 1 22 ? -0.428  -2.050  -28.197 1.00 80.27 ? 68  G   A P     1 
ATOM   444 O  OP1   . G   A 1 22 ? -0.551  -2.329  -29.645 1.00 79.88 ? 68  G   A OP1   1 
ATOM   445 O  OP2   . G   A 1 22 ? 0.890   -1.662  -27.634 1.00 80.10 ? 68  G   A OP2   1 
ATOM   446 O  "O5'" . G   A 1 22 ? -1.505  -0.921  -27.806 1.00 79.27 ? 68  G   A "O5'" 1 
ATOM   447 C  "C5'" . G   A 1 22 ? -2.904  -1.092  -28.081 1.00 77.06 ? 68  G   A "C5'" 1 
ATOM   448 C  "C4'" . G   A 1 22 ? -3.743  -0.149  -27.242 1.00 75.78 ? 68  G   A "C4'" 1 
ATOM   449 O  "O4'" . G   A 1 22 ? -3.374  -0.260  -25.848 1.00 75.26 ? 68  G   A "O4'" 1 
ATOM   450 C  "C3'" . G   A 1 22 ? -3.488  1.322   -27.492 1.00 75.12 ? 68  G   A "C3'" 1 
ATOM   451 O  "O3'" . G   A 1 22 ? -4.156  1.766   -28.629 1.00 74.45 ? 68  G   A "O3'" 1 
ATOM   452 C  "C2'" . G   A 1 22 ? -4.050  1.981   -26.247 1.00 74.90 ? 68  G   A "C2'" 1 
ATOM   453 O  "O2'" . G   A 1 22 ? -5.464  2.012   -26.260 1.00 75.32 ? 68  G   A "O2'" 1 
ATOM   454 C  "C1'" . G   A 1 22 ? -3.534  1.005   -25.207 1.00 74.71 ? 68  G   A "C1'" 1 
ATOM   455 N  N9    . G   A 1 22 ? -2.272  1.366   -24.553 1.00 74.61 ? 68  G   A N9    1 
ATOM   456 C  C8    . G   A 1 22 ? -1.122  0.620   -24.626 1.00 74.47 ? 68  G   A C8    1 
ATOM   457 N  N7    . G   A 1 22 ? -0.135  1.124   -23.942 1.00 74.94 ? 68  G   A N7    1 
ATOM   458 C  C5    . G   A 1 22 ? -0.656  2.277   -23.367 1.00 74.61 ? 68  G   A C5    1 
ATOM   459 C  C6    . G   A 1 22 ? -0.031  3.224   -22.518 1.00 74.33 ? 68  G   A C6    1 
ATOM   460 O  O6    . G   A 1 22 ? 1.134   3.217   -22.108 1.00 74.49 ? 68  G   A O6    1 
ATOM   461 N  N1    . G   A 1 22 ? -0.883  4.254   -22.145 1.00 74.11 ? 68  G   A N1    1 
ATOM   462 C  C2    . G   A 1 22 ? -2.188  4.351   -22.547 1.00 74.50 ? 68  G   A C2    1 
ATOM   463 N  N2    . G   A 1 22 ? -2.849  5.418   -22.077 1.00 74.51 ? 68  G   A N2    1 
ATOM   464 N  N3    . G   A 1 22 ? -2.796  3.467   -23.347 1.00 74.61 ? 68  G   A N3    1 
ATOM   465 C  C4    . G   A 1 22 ? -1.976  2.448   -23.729 1.00 74.65 ? 68  G   A C4    1 
ATOM   466 P  P     . C   A 1 23 ? -3.398  2.905   -29.444 1.00 74.07 ? 69  C   A P     1 
ATOM   467 O  OP1   . C   A 1 23 ? -4.203  3.126   -30.667 1.00 74.78 ? 69  C   A OP1   1 
ATOM   468 O  OP2   . C   A 1 23 ? -1.978  2.499   -29.539 1.00 73.81 ? 69  C   A OP2   1 
ATOM   469 O  "O5'" . C   A 1 23 ? -3.488  4.223   -28.528 1.00 72.96 ? 69  C   A "O5'" 1 
ATOM   470 C  "C5'" . C   A 1 23 ? -4.768  4.816   -28.281 1.00 71.31 ? 69  C   A "C5'" 1 
ATOM   471 C  "C4'" . C   A 1 23 ? -4.662  6.055   -27.418 1.00 69.84 ? 69  C   A "C4'" 1 
ATOM   472 O  "O4'" . C   A 1 23 ? -4.122  5.721   -26.120 1.00 68.91 ? 69  C   A "O4'" 1 
ATOM   473 C  "C3'" . C   A 1 23 ? -3.716  7.093   -27.975 1.00 69.35 ? 69  C   A "C3'" 1 
ATOM   474 O  "O3'" . C   A 1 23 ? -4.427  7.913   -28.860 1.00 69.16 ? 69  C   A "O3'" 1 
ATOM   475 C  "C2'" . C   A 1 23 ? -3.229  7.845   -26.743 1.00 68.97 ? 69  C   A "C2'" 1 
ATOM   476 O  "O2'" . C   A 1 23 ? -4.053  8.929   -26.348 1.00 68.28 ? 69  C   A "O2'" 1 
ATOM   477 C  "C1'" . C   A 1 23 ? -3.220  6.728   -25.703 1.00 68.48 ? 69  C   A "C1'" 1 
ATOM   478 N  N1    . C   A 1 23 ? -1.881  6.097   -25.556 1.00 68.04 ? 69  C   A N1    1 
ATOM   479 C  C2    . C   A 1 23 ? -0.880  6.709   -24.771 1.00 67.76 ? 69  C   A C2    1 
ATOM   480 O  O2    . C   A 1 23 ? -1.080  7.785   -24.189 1.00 67.35 ? 69  C   A O2    1 
ATOM   481 N  N3    . C   A 1 23 ? 0.318   6.085   -24.663 1.00 67.79 ? 69  C   A N3    1 
ATOM   482 C  C4    . C   A 1 23 ? 0.530   4.923   -25.296 1.00 68.09 ? 69  C   A C4    1 
ATOM   483 N  N4    . C   A 1 23 ? 1.731   4.356   -25.161 1.00 68.22 ? 69  C   A N4    1 
ATOM   484 C  C5    . C   A 1 23 ? -0.465  4.287   -26.099 1.00 67.77 ? 69  C   A C5    1 
ATOM   485 C  C6    . C   A 1 23 ? -1.643  4.905   -26.193 1.00 67.83 ? 69  C   A C6    1 
ATOM   486 P  P     . C   A 1 24 ? -3.716  8.260   -30.240 1.00 69.29 ? 70  C   A P     1 
ATOM   487 O  OP1   . C   A 1 24 ? -4.765  8.729   -31.178 1.00 69.20 ? 70  C   A OP1   1 
ATOM   488 O  OP2   . C   A 1 24 ? -2.817  7.122   -30.577 1.00 69.11 ? 70  C   A OP2   1 
ATOM   489 O  "O5'" . C   A 1 24 ? -2.824  9.524   -29.852 1.00 67.08 ? 70  C   A "O5'" 1 
ATOM   490 C  "C5'" . C   A 1 24 ? -3.489  10.622  -29.266 1.00 64.40 ? 70  C   A "C5'" 1 
ATOM   491 C  "C4'" . C   A 1 24 ? -2.483  11.550  -28.638 1.00 62.45 ? 70  C   A "C4'" 1 
ATOM   492 O  "O4'" . C   A 1 24 ? -2.108  11.108  -27.310 1.00 60.84 ? 70  C   A "O4'" 1 
ATOM   493 C  "C3'" . C   A 1 24 ? -1.130  11.623  -29.323 1.00 61.70 ? 70  C   A "C3'" 1 
ATOM   494 O  "O3'" . C   A 1 24 ? -1.220  12.273  -30.555 1.00 62.69 ? 70  C   A "O3'" 1 
ATOM   495 C  "C2'" . C   A 1 24 ? -0.484  12.497  -28.270 1.00 61.16 ? 70  C   A "C2'" 1 
ATOM   496 O  "O2'" . C   A 1 24 ? -1.118  13.761  -28.160 1.00 62.06 ? 70  C   A "O2'" 1 
ATOM   497 C  "C1'" . C   A 1 24 ? -0.822  11.651  -27.054 1.00 59.10 ? 70  C   A "C1'" 1 
ATOM   498 N  N1    . C   A 1 24 ? 0.199   10.582  -26.804 1.00 57.48 ? 70  C   A N1    1 
ATOM   499 C  C2    . C   A 1 24 ? 1.119   10.765  -25.761 1.00 57.19 ? 70  C   A C2    1 
ATOM   500 O  O2    . C   A 1 24 ? 1.063   11.791  -25.075 1.00 57.06 ? 70  C   A O2    1 
ATOM   501 N  N3    . C   A 1 24 ? 2.046   9.809   -25.515 1.00 56.73 ? 70  C   A N3    1 
ATOM   502 C  C4    . C   A 1 24 ? 2.074   8.715   -26.270 1.00 56.88 ? 70  C   A C4    1 
ATOM   503 N  N4    . C   A 1 24 ? 3.001   7.804   -25.994 1.00 57.04 ? 70  C   A N4    1 
ATOM   504 C  C5    . C   A 1 24 ? 1.156   8.506   -27.339 1.00 56.72 ? 70  C   A C5    1 
ATOM   505 C  C6    . C   A 1 24 ? 0.244   9.454   -27.569 1.00 56.91 ? 70  C   A C6    1 
ATOM   506 O  "O5'" . G   B 2 1  ? 6.374   9.291   -15.708 1.00 54.65 ? 98  G   B "O5'" 1 
ATOM   507 C  "C5'" . G   B 2 1  ? 5.976   9.434   -17.043 1.00 53.78 ? 98  G   B "C5'" 1 
ATOM   508 C  "C4'" . G   B 2 1  ? 5.028   10.602  -17.202 1.00 53.54 ? 98  G   B "C4'" 1 
ATOM   509 O  "O4'" . G   B 2 1  ? 5.012   10.933  -18.609 1.00 53.60 ? 98  G   B "O4'" 1 
ATOM   510 C  "C3'" . G   B 2 1  ? 3.578   10.281  -16.891 1.00 54.71 ? 98  G   B "C3'" 1 
ATOM   511 O  "O3'" . G   B 2 1  ? 3.257   10.662  -15.544 1.00 57.91 ? 98  G   B "O3'" 1 
ATOM   512 C  "C2'" . G   B 2 1  ? 2.794   11.007  -18.001 1.00 53.08 ? 98  G   B "C2'" 1 
ATOM   513 O  "O2'" . G   B 2 1  ? 2.667   12.403  -17.825 1.00 51.99 ? 98  G   B "O2'" 1 
ATOM   514 C  "C1'" . G   B 2 1  ? 3.722   10.783  -19.181 1.00 51.64 ? 98  G   B "C1'" 1 
ATOM   515 N  N9    . G   B 2 1  ? 3.643   9.506   -19.921 1.00 51.12 ? 98  G   B N9    1 
ATOM   516 C  C8    . G   B 2 1  ? 4.522   8.444   -19.837 1.00 50.73 ? 98  G   B C8    1 
ATOM   517 N  N7    . G   B 2 1  ? 4.227   7.441   -20.611 1.00 50.57 ? 98  G   B N7    1 
ATOM   518 C  C5    . G   B 2 1  ? 3.077   7.855   -21.265 1.00 50.60 ? 98  G   B C5    1 
ATOM   519 C  C6    . G   B 2 1  ? 2.306   7.180   -22.241 1.00 50.75 ? 98  G   B C6    1 
ATOM   520 O  O6    . G   B 2 1  ? 2.512   6.056   -22.706 1.00 51.02 ? 98  G   B O6    1 
ATOM   521 N  N1    . G   B 2 1  ? 1.211   7.922   -22.677 1.00 50.57 ? 98  G   B N1    1 
ATOM   522 C  C2    . G   B 2 1  ? 0.915   9.180   -22.209 1.00 50.91 ? 98  G   B C2    1 
ATOM   523 N  N2    . G   B 2 1  ? -0.176  9.743   -22.729 1.00 51.04 ? 98  G   B N2    1 
ATOM   524 N  N3    . G   B 2 1  ? 1.631   9.840   -21.297 1.00 50.95 ? 98  G   B N3    1 
ATOM   525 C  C4    . G   B 2 1  ? 2.703   9.122   -20.863 1.00 50.81 ? 98  G   B C4    1 
ATOM   526 P  P     . C   B 2 2  ? 2.059   9.964   -14.723 1.00 59.32 ? 99  C   B P     1 
ATOM   527 O  OP1   . C   B 2 2  ? 2.079   10.625  -13.397 1.00 58.79 ? 99  C   B OP1   1 
ATOM   528 O  OP2   . C   B 2 2  ? 2.174   8.488   -14.845 1.00 57.61 ? 99  C   B OP2   1 
ATOM   529 O  "O5'" . C   B 2 2  ? 0.740   10.479  -15.484 1.00 59.58 ? 99  C   B "O5'" 1 
ATOM   530 C  "C5'" . C   B 2 2  ? -0.483  9.790   -15.361 1.00 60.89 ? 99  C   B "C5'" 1 
ATOM   531 C  "C4'" . C   B 2 2  ? -1.323  9.917   -16.615 1.00 62.11 ? 99  C   B "C4'" 1 
ATOM   532 O  "O4'" . C   B 2 2  ? -0.471  9.844   -17.780 1.00 62.09 ? 99  C   B "O4'" 1 
ATOM   533 C  "C3'" . C   B 2 2  ? -2.270  8.751   -16.874 1.00 63.50 ? 99  C   B "C3'" 1 
ATOM   534 O  "O3'" . C   B 2 2  ? -3.436  8.797   -16.094 1.00 65.45 ? 99  C   B "O3'" 1 
ATOM   535 C  "C2'" . C   B 2 2  ? -2.560  8.911   -18.355 1.00 62.97 ? 99  C   B "C2'" 1 
ATOM   536 O  "O2'" . C   B 2 2  ? -3.386  10.013  -18.662 1.00 63.93 ? 99  C   B "O2'" 1 
ATOM   537 C  "C1'" . C   B 2 2  ? -1.131  9.136   -18.826 1.00 61.58 ? 99  C   B "C1'" 1 
ATOM   538 N  N1    . C   B 2 2  ? -0.418  7.843   -19.101 1.00 60.63 ? 99  C   B N1    1 
ATOM   539 C  C2    . C   B 2 2  ? -0.932  6.903   -20.034 1.00 60.94 ? 99  C   B C2    1 
ATOM   540 O  O2    . C   B 2 2  ? -1.989  7.118   -20.659 1.00 60.79 ? 99  C   B O2    1 
ATOM   541 N  N3    . C   B 2 2  ? -0.243  5.751   -20.240 1.00 60.27 ? 99  C   B N3    1 
ATOM   542 C  C4    . C   B 2 2  ? 0.892   5.528   -19.572 1.00 60.50 ? 99  C   B C4    1 
ATOM   543 N  N4    . C   B 2 2  ? 1.539   4.384   -19.805 1.00 60.76 ? 99  C   B N4    1 
ATOM   544 C  C5    . C   B 2 2  ? 1.422   6.459   -18.626 1.00 60.18 ? 99  C   B C5    1 
ATOM   545 C  C6    . C   B 2 2  ? 0.743   7.589   -18.425 1.00 59.63 ? 99  C   B C6    1 
ATOM   546 P  P     . G   B 2 3  ? -3.388  8.008   -14.708 1.00 67.60 ? 100 G   B P     1 
ATOM   547 O  OP1   . G   B 2 3  ? -3.347  9.014   -13.608 1.00 67.59 ? 100 G   B OP1   1 
ATOM   548 O  OP2   . G   B 2 3  ? -2.336  6.961   -14.781 1.00 67.26 ? 100 G   B OP2   1 
ATOM   549 O  "O5'" . G   B 2 3  ? -4.801  7.282   -14.725 1.00 67.02 ? 100 G   B "O5'" 1 
ATOM   550 C  "C5'" . G   B 2 3  ? -4.827  5.917   -15.006 1.00 66.40 ? 100 G   B "C5'" 1 
ATOM   551 C  "C4'" . G   B 2 3  ? -5.442  5.758   -16.364 1.00 65.84 ? 100 G   B "C4'" 1 
ATOM   552 O  "O4'" . G   B 2 3  ? -4.503  6.221   -17.349 1.00 64.60 ? 100 G   B "O4'" 1 
ATOM   553 C  "C3'" . G   B 2 3  ? -5.722  4.314   -16.697 1.00 67.04 ? 100 G   B "C3'" 1 
ATOM   554 O  "O3'" . G   B 2 3  ? -7.020  3.997   -16.268 1.00 69.65 ? 100 G   B "O3'" 1 
ATOM   555 C  "C2'" . G   B 2 3  ? -5.591  4.301   -18.211 1.00 66.29 ? 100 G   B "C2'" 1 
ATOM   556 O  "O2'" . G   B 2 3  ? -6.772  4.675   -18.899 1.00 66.80 ? 100 G   B "O2'" 1 
ATOM   557 C  "C1'" . G   B 2 3  ? -4.425  5.277   -18.399 1.00 64.48 ? 100 G   B "C1'" 1 
ATOM   558 N  N9    . G   B 2 3  ? -3.143  4.572   -18.314 1.00 64.06 ? 100 G   B N9    1 
ATOM   559 C  C8    . G   B 2 3  ? -2.077  4.842   -17.486 1.00 63.80 ? 100 G   B C8    1 
ATOM   560 N  N7    . G   B 2 3  ? -1.078  4.020   -17.638 1.00 63.34 ? 100 G   B N7    1 
ATOM   561 C  C5    . G   B 2 3  ? -1.511  3.146   -18.624 1.00 63.37 ? 100 G   B C5    1 
ATOM   562 C  C6    . G   B 2 3  ? -0.871  2.036   -19.216 1.00 63.56 ? 100 G   B C6    1 
ATOM   563 O  O6    . G   B 2 3  ? 0.250   1.597   -18.971 1.00 64.21 ? 100 G   B O6    1 
ATOM   564 N  N1    . G   B 2 3  ? -1.641  1.407   -20.184 1.00 63.59 ? 100 G   B N1    1 
ATOM   565 C  C2    . G   B 2 3  ? -2.901  1.811   -20.531 1.00 63.78 ? 100 G   B C2    1 
ATOM   566 N  N2    . G   B 2 3  ? -3.523  1.102   -21.478 1.00 64.01 ? 100 G   B N2    1 
ATOM   567 N  N3    . G   B 2 3  ? -3.519  2.847   -19.992 1.00 63.78 ? 100 G   B N3    1 
ATOM   568 C  C4    . G   B 2 3  ? -2.771  3.469   -19.049 1.00 63.66 ? 100 G   B C4    1 
HETATM 569 P  P     . 5BU B 2 4  ? -7.214  3.127   -14.943 1.00 71.85 ? 101 5BU B P     1 
HETATM 570 O  OP1   . 5BU B 2 4  ? -8.613  3.357   -14.518 1.00 72.07 ? 101 5BU B OP1   1 
HETATM 571 O  OP2   . 5BU B 2 4  ? -6.110  3.377   -13.978 1.00 71.06 ? 101 5BU B OP2   1 
HETATM 572 O  "O5'" . 5BU B 2 4  ? -7.090  1.644   -15.516 1.00 72.39 ? 101 5BU B "O5'" 1 
HETATM 573 C  "C5'" . 5BU B 2 4  ? -8.130  1.213   -16.354 1.00 75.67 ? 101 5BU B "C5'" 1 
HETATM 574 C  "C4'" . 5BU B 2 4  ? -7.611  0.233   -17.375 1.00 78.57 ? 101 5BU B "C4'" 1 
HETATM 575 O  "O4'" . 5BU B 2 4  ? -6.426  0.736   -18.041 1.00 80.08 ? 101 5BU B "O4'" 1 
HETATM 576 C  "C3'" . 5BU B 2 4  ? -7.080  -1.078  -16.835 1.00 79.83 ? 101 5BU B "C3'" 1 
HETATM 577 O  "O3'" . 5BU B 2 4  ? -8.084  -1.878  -16.256 1.00 80.71 ? 101 5BU B "O3'" 1 
HETATM 578 C  "C2'" . 5BU B 2 4  ? -6.550  -1.607  -18.153 1.00 80.64 ? 101 5BU B "C2'" 1 
HETATM 579 O  "O2'" . 5BU B 2 4  ? -7.571  -1.836  -19.106 1.00 80.59 ? 101 5BU B "O2'" 1 
HETATM 580 C  "C1'" . 5BU B 2 4  ? -5.705  -0.388  -18.534 1.00 81.54 ? 101 5BU B "C1'" 1 
HETATM 581 N  N1    . 5BU B 2 4  ? -4.304  -0.427  -17.950 1.00 81.91 ? 101 5BU B N1    1 
HETATM 582 C  C2    . 5BU B 2 4  ? -3.411  -1.432  -18.317 1.00 82.33 ? 101 5BU B C2    1 
HETATM 583 O  O2    . 5BU B 2 4  ? -3.653  -2.329  -19.103 1.00 82.57 ? 101 5BU B O2    1 
HETATM 584 N  N3    . 5BU B 2 4  ? -2.181  -1.370  -17.723 1.00 82.15 ? 101 5BU B N3    1 
HETATM 585 C  C4    . 5BU B 2 4  ? -1.752  -0.429  -16.816 1.00 81.89 ? 101 5BU B C4    1 
HETATM 586 O  O4    . 5BU B 2 4  ? -0.618  -0.493  -16.358 1.00 81.92 ? 101 5BU B O4    1 
HETATM 587 C  C5    . 5BU B 2 4  ? -2.721  0.573   -16.484 1.00 82.13 ? 101 5BU B C5    1 
HETATM 588 C  C6    . 5BU B 2 4  ? -3.931  0.544   -17.045 1.00 81.56 ? 101 5BU B C6    1 
HETATM 589 BR BR    . 5BU B 2 4  ? -2.260  1.920   -15.252 1.00 84.06 ? 101 5BU B BR    1 
ATOM   590 P  P     . G   B 2 5  ? -8.101  -2.068  -14.661 1.00 81.29 ? 102 G   B P     1 
ATOM   591 O  OP1   . G   B 2 5  ? -9.526  -2.235  -14.289 1.00 81.43 ? 102 G   B OP1   1 
ATOM   592 O  OP2   . G   B 2 5  ? -7.363  -0.957  -14.018 1.00 81.23 ? 102 G   B OP2   1 
ATOM   593 O  "O5'" . G   B 2 5  ? -7.239  -3.416  -14.439 1.00 80.08 ? 102 G   B "O5'" 1 
ATOM   594 C  "C5'" . G   B 2 5  ? -7.767  -4.721  -14.727 1.00 78.59 ? 102 G   B "C5'" 1 
ATOM   595 C  "C4'" . G   B 2 5  ? -6.978  -5.440  -15.808 1.00 77.62 ? 102 G   B "C4'" 1 
ATOM   596 O  "O4'" . G   B 2 5  ? -6.275  -4.498  -16.665 1.00 77.03 ? 102 G   B "O4'" 1 
ATOM   597 C  "C3'" . G   B 2 5  ? -5.857  -6.335  -15.308 1.00 77.36 ? 102 G   B "C3'" 1 
ATOM   598 O  "O3'" . G   B 2 5  ? -6.323  -7.588  -14.840 1.00 77.64 ? 102 G   B "O3'" 1 
ATOM   599 C  "C2'" . G   B 2 5  ? -5.037  -6.473  -16.582 1.00 76.68 ? 102 G   B "C2'" 1 
ATOM   600 O  "O2'" . G   B 2 5  ? -5.688  -7.239  -17.566 1.00 76.29 ? 102 G   B "O2'" 1 
ATOM   601 C  "C1'" . G   B 2 5  ? -5.001  -5.017  -17.012 1.00 76.60 ? 102 G   B "C1'" 1 
ATOM   602 N  N9    . G   B 2 5  ? -3.953  -4.268  -16.322 1.00 76.47 ? 102 G   B N9    1 
ATOM   603 C  C8    . G   B 2 5  ? -4.117  -3.160  -15.531 1.00 76.61 ? 102 G   B C8    1 
ATOM   604 N  N7    . G   B 2 5  ? -3.003  -2.702  -15.031 1.00 76.79 ? 102 G   B N7    1 
ATOM   605 C  C5    . G   B 2 5  ? -2.025  -3.557  -15.516 1.00 76.83 ? 102 G   B C5    1 
ATOM   606 C  C6    . G   B 2 5  ? -0.611  -3.554  -15.312 1.00 76.90 ? 102 G   B C6    1 
ATOM   607 O  O6    . G   B 2 5  ? 0.075   -2.770  -14.635 1.00 76.77 ? 102 G   B O6    1 
ATOM   608 N  N1    . G   B 2 5  ? 0.020   -4.601  -15.981 1.00 76.42 ? 102 G   B N1    1 
ATOM   609 C  C2    . G   B 2 5  ? -0.649  -5.527  -16.753 1.00 76.68 ? 102 G   B C2    1 
ATOM   610 N  N2    . G   B 2 5  ? 0.103   -6.472  -17.335 1.00 76.71 ? 102 G   B N2    1 
ATOM   611 N  N3    . G   B 2 5  ? -1.966  -5.536  -16.952 1.00 76.58 ? 102 G   B N3    1 
ATOM   612 C  C4    . G   B 2 5  ? -2.598  -4.529  -16.308 1.00 76.50 ? 102 G   B C4    1 
ATOM   613 P  P     . U   B 2 6  ? -6.138  -7.989  -13.293 1.00 78.28 ? 103 U   B P     1 
ATOM   614 O  OP1   . U   B 2 6  ? -7.183  -8.993  -12.996 1.00 78.32 ? 103 U   B OP1   1 
ATOM   615 O  OP2   . U   B 2 6  ? -6.067  -6.733  -12.502 1.00 77.89 ? 103 U   B OP2   1 
ATOM   616 O  "O5'" . U   B 2 6  ? -4.721  -8.728  -13.166 1.00 77.20 ? 103 U   B "O5'" 1 
ATOM   617 C  "C5'" . U   B 2 6  ? -4.253  -9.663  -14.129 1.00 76.32 ? 103 U   B "C5'" 1 
ATOM   618 C  "C4'" . U   B 2 6  ? -2.750  -9.513  -14.292 1.00 76.15 ? 103 U   B "C4'" 1 
ATOM   619 O  "O4'" . U   B 2 6  ? -2.411  -8.148  -14.637 1.00 75.83 ? 103 U   B "O4'" 1 
ATOM   620 C  "C3'" . U   B 2 6  ? -1.950  -9.746  -13.019 1.00 76.31 ? 103 U   B "C3'" 1 
ATOM   621 O  "O3'" . U   B 2 6  ? -1.738  -11.135 -12.782 1.00 76.46 ? 103 U   B "O3'" 1 
ATOM   622 C  "C2'" . U   B 2 6  ? -0.648  -8.998  -13.287 1.00 75.90 ? 103 U   B "C2'" 1 
ATOM   623 O  "O2'" . U   B 2 6  ? 0.345   -9.767  -13.923 1.00 75.71 ? 103 U   B "O2'" 1 
ATOM   624 C  "C1'" . U   B 2 6  ? -1.090  -7.865  -14.205 1.00 76.00 ? 103 U   B "C1'" 1 
ATOM   625 N  N1    . U   B 2 6  ? -1.003  -6.539  -13.504 1.00 76.08 ? 103 U   B N1    1 
ATOM   626 C  C2    . U   B 2 6  ? 0.246   -5.996  -13.243 1.00 76.39 ? 103 U   B C2    1 
ATOM   627 O  O2    . U   B 2 6  ? 1.299   -6.525  -13.558 1.00 76.36 ? 103 U   B O2    1 
ATOM   628 N  N3    . U   B 2 6  ? 0.229   -4.788  -12.587 1.00 76.65 ? 103 U   B N3    1 
ATOM   629 C  C4    . U   B 2 6  ? -0.882  -4.078  -12.164 1.00 76.47 ? 103 U   B C4    1 
ATOM   630 O  O4    . U   B 2 6  ? -0.730  -2.998  -11.594 1.00 76.61 ? 103 U   B O4    1 
ATOM   631 C  C5    . U   B 2 6  ? -2.144  -4.708  -12.468 1.00 76.19 ? 103 U   B C5    1 
ATOM   632 C  C6    . U   B 2 6  ? -2.156  -5.886  -13.108 1.00 75.82 ? 103 U   B C6    1 
ATOM   633 P  P     . C   B 2 7  ? -1.590  -11.683 -11.285 1.00 76.01 ? 104 C   B P     1 
ATOM   634 O  OP1   . C   B 2 7  ? -1.746  -13.156 -11.351 1.00 76.35 ? 104 C   B OP1   1 
ATOM   635 O  OP2   . C   B 2 7  ? -2.473  -10.897 -10.390 1.00 76.43 ? 104 C   B OP2   1 
ATOM   636 O  "O5'" . C   B 2 7  ? -0.072  -11.325 -10.952 1.00 72.91 ? 104 C   B "O5'" 1 
ATOM   637 C  "C5'" . C   B 2 7  ? 0.915   -12.088 -11.611 1.00 69.90 ? 104 C   B "C5'" 1 
ATOM   638 C  "C4'" . C   B 2 7  ? 2.278   -11.642 -11.151 1.00 67.79 ? 104 C   B "C4'" 1 
ATOM   639 O  "O4'" . C   B 2 7  ? 2.478   -10.287 -11.580 1.00 66.60 ? 104 C   B "O4'" 1 
ATOM   640 C  "C3'" . C   B 2 7  ? 2.397   -11.537 -9.649  1.00 66.90 ? 104 C   B "C3'" 1 
ATOM   641 O  "O3'" . C   B 2 7  ? 2.615   -12.838 -9.127  1.00 66.96 ? 104 C   B "O3'" 1 
ATOM   642 C  "C2'" . C   B 2 7  ? 3.524   -10.527 -9.446  1.00 65.82 ? 104 C   B "C2'" 1 
ATOM   643 O  "O2'" . C   B 2 7  ? 4.835   -11.061 -9.473  1.00 65.18 ? 104 C   B "O2'" 1 
ATOM   644 C  "C1'" . C   B 2 7  ? 3.282   -9.608  -10.642 1.00 64.91 ? 104 C   B "C1'" 1 
ATOM   645 N  N1    . C   B 2 7  ? 2.555   -8.354  -10.316 1.00 64.22 ? 104 C   B N1    1 
ATOM   646 C  C2    . C   B 2 7  ? 3.277   -7.272  -9.778  1.00 64.05 ? 104 C   B C2    1 
ATOM   647 O  O2    . C   B 2 7  ? 4.505   -7.379  -9.575  1.00 63.74 ? 104 C   B O2    1 
ATOM   648 N  N3    . C   B 2 7  ? 2.588   -6.136  -9.486  1.00 63.39 ? 104 C   B N3    1 
ATOM   649 C  C4    . C   B 2 7  ? 1.272   -6.069  -9.717  1.00 63.56 ? 104 C   B C4    1 
ATOM   650 N  N4    . C   B 2 7  ? 0.659   -4.926  -9.416  1.00 63.72 ? 104 C   B N4    1 
ATOM   651 C  C5    . C   B 2 7  ? 0.528   -7.162  -10.259 1.00 63.10 ? 104 C   B C5    1 
ATOM   652 C  C6    . C   B 2 7  ? 1.205   -8.273  -10.545 1.00 63.11 ? 104 C   B C6    1 
ATOM   653 P  P     . G   B 2 8  ? 1.544   -13.370 -8.071  1.00 66.89 ? 105 G   B P     1 
ATOM   654 O  OP1   . G   B 2 8  ? 1.595   -14.853 -8.047  1.00 66.14 ? 105 G   B OP1   1 
ATOM   655 O  OP2   . G   B 2 8  ? 0.253   -12.684 -8.330  1.00 66.64 ? 105 G   B OP2   1 
ATOM   656 O  "O5'" . G   B 2 8  ? 2.208   -12.758 -6.749  1.00 66.16 ? 105 G   B "O5'" 1 
ATOM   657 C  "C5'" . G   B 2 8  ? 3.555   -13.143 -6.534  1.00 66.43 ? 105 G   B "C5'" 1 
ATOM   658 C  "C4'" . G   B 2 8  ? 4.306   -12.201 -5.632  1.00 66.48 ? 105 G   B "C4'" 1 
ATOM   659 O  "O4'" . G   B 2 8  ? 4.492   -10.947 -6.335  1.00 65.46 ? 105 G   B "O4'" 1 
ATOM   660 C  "C3'" . G   B 2 8  ? 3.597   -11.821 -4.338  1.00 67.24 ? 105 G   B "C3'" 1 
ATOM   661 O  "O3'" . G   B 2 8  ? 3.603   -12.880 -3.317  1.00 69.26 ? 105 G   B "O3'" 1 
ATOM   662 C  "C2'" . G   B 2 8  ? 4.426   -10.565 -4.003  1.00 66.35 ? 105 G   B "C2'" 1 
ATOM   663 O  "O2'" . G   B 2 8  ? 5.769   -10.782 -3.560  1.00 65.64 ? 105 G   B "O2'" 1 
ATOM   664 C  "C1'" . G   B 2 8  ? 4.453   -9.895  -5.386  1.00 63.84 ? 105 G   B "C1'" 1 
ATOM   665 N  N9    . G   B 2 8  ? 3.319   -8.994  -5.652  1.00 62.94 ? 105 G   B N9    1 
ATOM   666 C  C8    . G   B 2 8  ? 2.032   -9.313  -6.034  1.00 62.51 ? 105 G   B C8    1 
ATOM   667 N  N7    . G   B 2 8  ? 1.252   -8.272  -6.182  1.00 62.01 ? 105 G   B N7    1 
ATOM   668 C  C5    . G   B 2 8  ? 2.069   -7.191  -5.879  1.00 61.90 ? 105 G   B C5    1 
ATOM   669 C  C6    . G   B 2 8  ? 1.795   -5.800  -5.865  1.00 62.11 ? 105 G   B C6    1 
ATOM   670 O  O6    . G   B 2 8  ? 0.735   -5.229  -6.130  1.00 62.07 ? 105 G   B O6    1 
ATOM   671 N  N1    . G   B 2 8  ? 2.908   -5.038  -5.498  1.00 62.56 ? 105 G   B N1    1 
ATOM   672 C  C2    . G   B 2 8  ? 4.147   -5.562  -5.187  1.00 62.39 ? 105 G   B C2    1 
ATOM   673 N  N2    . G   B 2 8  ? 5.117   -4.697  -4.857  1.00 62.11 ? 105 G   B N2    1 
ATOM   674 N  N3    . G   B 2 8  ? 4.415   -6.864  -5.198  1.00 62.24 ? 105 G   B N3    1 
ATOM   675 C  C4    . G   B 2 8  ? 3.339   -7.619  -5.552  1.00 62.32 ? 105 G   B C4    1 
ATOM   676 P  P     . U   B 2 9  ? 2.608   -14.163 -3.206  1.00 70.66 ? 106 U   B P     1 
ATOM   677 O  OP1   . U   B 2 9  ? 3.191   -15.004 -2.148  1.00 70.91 ? 106 U   B OP1   1 
ATOM   678 O  OP2   . U   B 2 9  ? 2.377   -14.763 -4.532  1.00 70.92 ? 106 U   B OP2   1 
ATOM   679 O  "O5'" . U   B 2 9  ? 1.165   -13.686 -2.688  1.00 71.48 ? 106 U   B "O5'" 1 
ATOM   680 C  "C5'" . U   B 2 9  ? 0.775   -12.316 -2.529  1.00 72.15 ? 106 U   B "C5'" 1 
ATOM   681 C  "C4'" . U   B 2 9  ? 0.752   -11.912 -1.061  1.00 71.67 ? 106 U   B "C4'" 1 
ATOM   682 O  "O4'" . U   B 2 9  ? -0.094  -12.822 -0.320  1.00 72.83 ? 106 U   B "O4'" 1 
ATOM   683 C  "C3'" . U   B 2 9  ? 2.103   -11.901 -0.338  1.00 70.64 ? 106 U   B "C3'" 1 
ATOM   684 O  "O3'" . U   B 2 9  ? 2.251   -10.709 0.481   1.00 66.26 ? 106 U   B "O3'" 1 
ATOM   685 C  "C2'" . U   B 2 9  ? 2.088   -13.197 0.482   1.00 72.16 ? 106 U   B "C2'" 1 
ATOM   686 O  "O2'" . U   B 2 9  ? 2.880   -13.111 1.656   1.00 72.46 ? 106 U   B "O2'" 1 
ATOM   687 C  "C1'" . U   B 2 9  ? 0.599   -13.310 0.813   1.00 74.17 ? 106 U   B "C1'" 1 
ATOM   688 N  N1    . U   B 2 9  ? 0.040   -14.680 1.098   1.00 75.89 ? 106 U   B N1    1 
ATOM   689 C  C2    . U   B 2 9  ? 0.416   -15.381 2.241   1.00 76.76 ? 106 U   B C2    1 
ATOM   690 O  O2    . U   B 2 9  ? 1.224   -14.965 3.066   1.00 76.98 ? 106 U   B O2    1 
ATOM   691 N  N3    . U   B 2 9  ? -0.195  -16.615 2.380   1.00 76.61 ? 106 U   B N3    1 
ATOM   692 C  C4    . U   B 2 9  ? -1.116  -17.203 1.525   1.00 76.01 ? 106 U   B C4    1 
ATOM   693 O  O4    . U   B 2 9  ? -1.569  -18.314 1.787   1.00 75.84 ? 106 U   B O4    1 
ATOM   694 C  C5    . U   B 2 9  ? -1.463  -16.415 0.365   1.00 76.65 ? 106 U   B C5    1 
ATOM   695 C  C6    . U   B 2 9  ? -0.890  -15.211 0.209   1.00 76.61 ? 106 U   B C6    1 
ATOM   696 P  P     . G   B 2 10 ? 2.083   -9.208  -0.086  1.00 61.62 ? 107 G   B P     1 
ATOM   697 O  OP1   . G   B 2 10 ? 0.689   -8.814  0.231   1.00 61.29 ? 107 G   B OP1   1 
ATOM   698 O  OP2   . G   B 2 10 ? 2.558   -9.159  -1.493  1.00 62.70 ? 107 G   B OP2   1 
ATOM   699 O  "O5'" . G   B 2 10 ? 3.141   -8.346  0.763   1.00 56.71 ? 107 G   B "O5'" 1 
ATOM   700 C  "C5'" . G   B 2 10 ? 4.539   -8.685  0.770   1.00 50.44 ? 107 G   B "C5'" 1 
ATOM   701 C  "C4'" . G   B 2 10 ? 5.424   -7.536  0.310   1.00 45.92 ? 107 G   B "C4'" 1 
ATOM   702 O  "O4'" . G   B 2 10 ? 5.110   -7.222  -1.070  1.00 43.87 ? 107 G   B "O4'" 1 
ATOM   703 C  "C3'" . G   B 2 10 ? 5.252   -6.206  1.045   1.00 44.16 ? 107 G   B "C3'" 1 
ATOM   704 O  "O3'" . G   B 2 10 ? 6.054   -6.127  2.242   1.00 43.00 ? 107 G   B "O3'" 1 
ATOM   705 C  "C2'" . G   B 2 10 ? 5.677   -5.182  -0.006  1.00 42.89 ? 107 G   B "C2'" 1 
ATOM   706 O  "O2'" . G   B 2 10 ? 7.071   -4.970  -0.015  1.00 43.26 ? 107 G   B "O2'" 1 
ATOM   707 C  "C1'" . G   B 2 10 ? 5.217   -5.829  -1.313  1.00 40.48 ? 107 G   B "C1'" 1 
ATOM   708 N  N9    . G   B 2 10 ? 3.915   -5.369  -1.791  1.00 39.41 ? 107 G   B N9    1 
ATOM   709 C  C8    . G   B 2 10 ? 2.896   -6.171  -2.253  1.00 39.19 ? 107 G   B C8    1 
ATOM   710 N  N7    . G   B 2 10 ? 1.831   -5.512  -2.618  1.00 39.12 ? 107 G   B N7    1 
ATOM   711 C  C5    . G   B 2 10 ? 2.164   -4.185  -2.385  1.00 38.44 ? 107 G   B C5    1 
ATOM   712 C  C6    . G   B 2 10 ? 1.399   -3.019  -2.598  1.00 39.05 ? 107 G   B C6    1 
ATOM   713 O  O6    . G   B 2 10 ? 0.240   -2.931  -3.038  1.00 39.13 ? 107 G   B O6    1 
ATOM   714 N  N1    . G   B 2 10 ? 2.103   -1.880  -2.227  1.00 39.04 ? 107 G   B N1    1 
ATOM   715 C  C2    . G   B 2 10 ? 3.385   -1.881  -1.724  1.00 38.93 ? 107 G   B C2    1 
ATOM   716 N  N2    . G   B 2 10 ? 3.916   -0.688  -1.419  1.00 39.04 ? 107 G   B N2    1 
ATOM   717 N  N3    . G   B 2 10 ? 4.106   -2.972  -1.525  1.00 37.82 ? 107 G   B N3    1 
ATOM   718 C  C4    . G   B 2 10 ? 3.439   -4.081  -1.877  1.00 38.01 ? 107 G   B C4    1 
ATOM   719 P  P     . C   B 2 11 ? 5.347   -5.918  3.676   1.00 41.51 ? 108 C   B P     1 
ATOM   720 O  OP1   . C   B 2 11 ? 6.345   -6.190  4.739   1.00 40.22 ? 108 C   B OP1   1 
ATOM   721 O  OP2   . C   B 2 11 ? 4.071   -6.673  3.673   1.00 40.05 ? 108 C   B OP2   1 
ATOM   722 O  "O5'" . C   B 2 11 ? 5.003   -4.348  3.644   1.00 39.43 ? 108 C   B "O5'" 1 
ATOM   723 C  "C5'" . C   B 2 11 ? 6.008   -3.376  3.929   1.00 36.42 ? 108 C   B "C5'" 1 
ATOM   724 C  "C4'" . C   B 2 11 ? 5.531   -1.961  3.654   1.00 33.48 ? 108 C   B "C4'" 1 
ATOM   725 O  "O4'" . C   B 2 11 ? 5.129   -1.857  2.279   1.00 31.70 ? 108 C   B "O4'" 1 
ATOM   726 C  "C3'" . C   B 2 11 ? 4.291   -1.542  4.401   1.00 32.31 ? 108 C   B "C3'" 1 
ATOM   727 O  "O3'" . C   B 2 11 ? 4.663   -1.013  5.637   1.00 33.05 ? 108 C   B "O3'" 1 
ATOM   728 C  "C2'" . C   B 2 11 ? 3.680   -0.473  3.515   1.00 31.45 ? 108 C   B "C2'" 1 
ATOM   729 O  "O2'" . C   B 2 11 ? 4.238   0.819   3.645   1.00 32.16 ? 108 C   B "O2'" 1 
ATOM   730 C  "C1'" . C   B 2 11 ? 4.009   -1.021  2.152   1.00 29.46 ? 108 C   B "C1'" 1 
ATOM   731 N  N1    . C   B 2 11 ? 2.922   -1.813  1.630   1.00 27.57 ? 108 C   B N1    1 
ATOM   732 C  C2    . C   B 2 11 ? 1.791   -1.151  1.200   1.00 27.53 ? 108 C   B C2    1 
ATOM   733 O  O2    . C   B 2 11 ? 1.769   0.084   1.313   1.00 27.95 ? 108 C   B O2    1 
ATOM   734 N  N3    . C   B 2 11 ? 0.770   -1.889  0.686   1.00 27.96 ? 108 C   B N3    1 
ATOM   735 C  C4    . C   B 2 11 ? 0.871   -3.223  0.617   1.00 28.30 ? 108 C   B C4    1 
ATOM   736 N  N4    . C   B 2 11 ? -0.146  -3.929  0.112   1.00 28.35 ? 108 C   B N4    1 
ATOM   737 C  C5    . C   B 2 11 ? 2.036   -3.909  1.048   1.00 27.83 ? 108 C   B C5    1 
ATOM   738 C  C6    . C   B 2 11 ? 3.023   -3.163  1.543   1.00 27.87 ? 108 C   B C6    1 
ATOM   739 P  P     . A   B 2 12 ? 3.730   -1.514  6.823   1.00 32.56 ? 109 A   B P     1 
ATOM   740 O  OP1   . A   B 2 12 ? 4.457   -1.299  8.099   1.00 31.77 ? 109 A   B OP1   1 
ATOM   741 O  OP2   . A   B 2 12 ? 3.247   -2.861  6.438   1.00 31.46 ? 109 A   B OP2   1 
ATOM   742 O  "O5'" . A   B 2 12 ? 2.488   -0.518  6.682   1.00 28.76 ? 109 A   B "O5'" 1 
ATOM   743 C  "C5'" . A   B 2 12 ? 2.581   0.849   7.056   1.00 25.11 ? 109 A   B "C5'" 1 
ATOM   744 C  "C4'" . A   B 2 12 ? 1.542   1.622   6.270   1.00 23.01 ? 109 A   B "C4'" 1 
ATOM   745 O  "O4'" . A   B 2 12 ? 1.316   0.980   5.000   1.00 21.59 ? 109 A   B "O4'" 1 
ATOM   746 C  "C3'" . A   B 2 12 ? 0.146   1.584   6.807   1.00 22.26 ? 109 A   B "C3'" 1 
ATOM   747 O  "O3'" . A   B 2 12 ? 0.049   2.540   7.800   1.00 23.76 ? 109 A   B "O3'" 1 
ATOM   748 C  "C2'" . A   B 2 12 ? -0.633  2.036   5.583   1.00 22.29 ? 109 A   B "C2'" 1 
ATOM   749 O  "O2'" . A   B 2 12 ? -0.609  3.436   5.415   1.00 25.42 ? 109 A   B "O2'" 1 
ATOM   750 C  "C1'" . A   B 2 12 ? 0.127   1.436   4.431   1.00 18.98 ? 109 A   B "C1'" 1 
ATOM   751 N  N9    . A   B 2 12 ? -0.519  0.263   3.929   1.00 17.40 ? 109 A   B N9    1 
ATOM   752 C  C8    . A   B 2 12 ? -0.120  -1.020  4.127   1.00 18.67 ? 109 A   B C8    1 
ATOM   753 N  N7    . A   B 2 12 ? -0.887  -1.920  3.554   1.00 18.30 ? 109 A   B N7    1 
ATOM   754 C  C5    . A   B 2 12 ? -1.854  -1.152  2.963   1.00 16.39 ? 109 A   B C5    1 
ATOM   755 C  C6    . A   B 2 12 ? -2.960  -1.502  2.202   1.00 17.49 ? 109 A   B C6    1 
ATOM   756 N  N6    . A   B 2 12 ? -3.275  -2.764  1.923   1.00 17.73 ? 109 A   B N6    1 
ATOM   757 N  N1    . A   B 2 12 ? -3.743  -0.510  1.749   1.00 18.63 ? 109 A   B N1    1 
ATOM   758 C  C2    . A   B 2 12 ? -3.416  0.746   2.055   1.00 18.89 ? 109 A   B C2    1 
ATOM   759 N  N3    . A   B 2 12 ? -2.370  1.188   2.759   1.00 17.92 ? 109 A   B N3    1 
ATOM   760 C  C4    . A   B 2 12 ? -1.638  0.179   3.186   1.00 16.05 ? 109 A   B C4    1 
ATOM   761 P  P     . G   B 2 13 ? -0.895  2.167   9.024   1.00 26.24 ? 110 G   B P     1 
ATOM   762 O  OP1   . G   B 2 13 ? -0.657  3.196   10.058  1.00 25.45 ? 110 G   B OP1   1 
ATOM   763 O  OP2   . G   B 2 13 ? -0.739  0.718   9.297   1.00 25.08 ? 110 G   B OP2   1 
ATOM   764 O  "O5'" . G   B 2 13 ? -2.365  2.321   8.480   1.00 23.59 ? 110 G   B "O5'" 1 
ATOM   765 C  "C5'" . G   B 2 13 ? -2.815  3.578   8.126   1.00 22.59 ? 110 G   B "C5'" 1 
ATOM   766 C  "C4'" . G   B 2 13 ? -4.039  3.298   7.316   1.00 22.04 ? 110 G   B "C4'" 1 
ATOM   767 O  "O4'" . G   B 2 13 ? -3.757  2.077   6.632   1.00 20.59 ? 110 G   B "O4'" 1 
ATOM   768 C  "C3'" . G   B 2 13 ? -5.263  2.958   8.141   1.00 22.45 ? 110 G   B "C3'" 1 
ATOM   769 O  "O3'" . G   B 2 13 ? -6.193  3.987   7.937   1.00 22.76 ? 110 G   B "O3'" 1 
ATOM   770 C  "C2'" . G   B 2 13 ? -5.793  1.686   7.491   1.00 22.66 ? 110 G   B "C2'" 1 
ATOM   771 O  "O2'" . G   B 2 13 ? -7.195  1.832   7.247   1.00 25.93 ? 110 G   B "O2'" 1 
ATOM   772 C  "C1'" . G   B 2 13 ? -4.979  1.600   6.198   1.00 19.98 ? 110 G   B "C1'" 1 
ATOM   773 N  N9    . G   B 2 13 ? -4.742  0.238   5.781   1.00 19.31 ? 110 G   B N9    1 
ATOM   774 C  C8    . G   B 2 13 ? -3.693  -0.575  6.132   1.00 19.80 ? 110 G   B C8    1 
ATOM   775 N  N7    . G   B 2 13 ? -3.748  -1.776  5.616   1.00 19.18 ? 110 G   B N7    1 
ATOM   776 C  C5    . G   B 2 13 ? -4.919  -1.752  4.882   1.00 18.84 ? 110 G   B C5    1 
ATOM   777 C  C6    . G   B 2 13 ? -5.527  -2.760  4.110   1.00 19.27 ? 110 G   B C6    1 
ATOM   778 O  O6    . G   B 2 13 ? -5.139  -3.910  3.908   1.00 20.17 ? 110 G   B O6    1 
ATOM   779 N  N1    . G   B 2 13 ? -6.704  -2.344  3.522   1.00 19.12 ? 110 G   B N1    1 
ATOM   780 C  C2    . G   B 2 13 ? -7.219  -1.088  3.671   1.00 19.51 ? 110 G   B C2    1 
ATOM   781 N  N2    . G   B 2 13 ? -8.366  -0.846  3.024   1.00 19.96 ? 110 G   B N2    1 
ATOM   782 N  N3    . G   B 2 13 ? -6.664  -0.126  4.389   1.00 19.28 ? 110 G   B N3    1 
ATOM   783 C  C4    . G   B 2 13 ? -5.526  -0.527  4.970   1.00 18.68 ? 110 G   B C4    1 
ATOM   784 P  P     . C   B 2 14 ? -6.630  4.937   9.125   1.00 24.40 ? 111 C   B P     1 
ATOM   785 O  OP1   . C   B 2 14 ? -7.729  5.720   8.551   1.00 22.22 ? 111 C   B OP1   1 
ATOM   786 O  OP2   . C   B 2 14 ? -5.432  5.546   9.724   1.00 24.22 ? 111 C   B OP2   1 
ATOM   787 O  "O5'" . C   B 2 14 ? -7.187  3.999   10.300  1.00 24.27 ? 111 C   B "O5'" 1 
ATOM   788 C  "C5'" . C   B 2 14 ? -8.504  3.428   10.268  1.00 22.03 ? 111 C   B "C5'" 1 
ATOM   789 C  "C4'" . C   B 2 14 ? -8.840  2.756   11.591  1.00 20.40 ? 111 C   B "C4'" 1 
ATOM   790 O  "O4'" . C   B 2 14 ? -8.426  1.365   11.559  1.00 20.40 ? 111 C   B "O4'" 1 
ATOM   791 C  "C3'" . C   B 2 14 ? -8.084  3.316   12.774  1.00 19.51 ? 111 C   B "C3'" 1 
ATOM   792 O  "O3'" . C   B 2 14 ? -8.800  4.329   13.385  1.00 20.48 ? 111 C   B "O3'" 1 
ATOM   793 C  "C2'" . C   B 2 14 ? -8.010  2.137   13.719  1.00 18.88 ? 111 C   B "C2'" 1 
ATOM   794 O  "O2'" . C   B 2 14 ? -9.225  1.909   14.375  1.00 20.26 ? 111 C   B "O2'" 1 
ATOM   795 C  "C1'" . C   B 2 14 ? -7.774  1.000   12.769  1.00 19.11 ? 111 C   B "C1'" 1 
ATOM   796 N  N1    . C   B 2 14 ? -6.315  0.723   12.598  1.00 18.52 ? 111 C   B N1    1 
ATOM   797 C  C2    . C   B 2 14 ? -5.553  0.087   13.590  1.00 19.75 ? 111 C   B C2    1 
ATOM   798 O  O2    . C   B 2 14 ? -6.045  -0.263  14.665  1.00 21.40 ? 111 C   B O2    1 
ATOM   799 N  N3    . C   B 2 14 ? -4.250  -0.156  13.386  1.00 19.71 ? 111 C   B N3    1 
ATOM   800 C  C4    . C   B 2 14 ? -3.698  0.207   12.256  1.00 19.14 ? 111 C   B C4    1 
ATOM   801 N  N4    . C   B 2 14 ? -2.416  -0.044  12.090  1.00 19.90 ? 111 C   B N4    1 
ATOM   802 C  C5    . C   B 2 14 ? -4.432  0.838   11.233  1.00 20.46 ? 111 C   B C5    1 
ATOM   803 C  C6    . C   B 2 14 ? -5.724  1.076   11.444  1.00 18.96 ? 111 C   B C6    1 
ATOM   804 P  P     . C   B 2 15 ? -8.069  5.266   14.449  1.00 21.21 ? 112 C   B P     1 
ATOM   805 O  OP1   . C   B 2 15 ? -9.036  6.344   14.660  1.00 22.52 ? 112 C   B OP1   1 
ATOM   806 O  OP2   . C   B 2 15 ? -6.709  5.584   13.998  1.00 22.30 ? 112 C   B OP2   1 
ATOM   807 O  "O5'" . C   B 2 15 ? -7.774  4.414   15.762  1.00 20.60 ? 112 C   B "O5'" 1 
ATOM   808 C  "C5'" . C   B 2 15 ? -8.782  4.150   16.716  1.00 22.28 ? 112 C   B "C5'" 1 
ATOM   809 C  "C4'" . C   B 2 15 ? -8.166  3.322   17.812  1.00 22.39 ? 112 C   B "C4'" 1 
ATOM   810 O  "O4'" . C   B 2 15 ? -7.460  2.259   17.143  1.00 23.58 ? 112 C   B "O4'" 1 
ATOM   811 C  "C3'" . C   B 2 15 ? -7.071  4.038   18.578  1.00 22.01 ? 112 C   B "C3'" 1 
ATOM   812 O  "O3'" . C   B 2 15 ? -7.656  4.753   19.604  1.00 22.24 ? 112 C   B "O3'" 1 
ATOM   813 C  "C2'" . C   B 2 15 ? -6.250  2.859   19.092  1.00 22.97 ? 112 C   B "C2'" 1 
ATOM   814 O  "O2'" . C   B 2 15 ? -6.756  2.166   20.208  1.00 24.00 ? 112 C   B "O2'" 1 
ATOM   815 C  "C1'" . C   B 2 15 ? -6.328  1.910   17.910  1.00 23.60 ? 112 C   B "C1'" 1 
ATOM   816 N  N1    . C   B 2 15 ? -5.109  2.004   17.126  1.00 23.07 ? 112 C   B N1    1 
ATOM   817 C  C2    . C   B 2 15 ? -3.961  1.497   17.704  1.00 24.31 ? 112 C   B C2    1 
ATOM   818 O  O2    . C   B 2 15 ? -4.022  0.986   18.821  1.00 25.12 ? 112 C   B O2    1 
ATOM   819 N  N3    . C   B 2 15 ? -2.803  1.574   17.028  1.00 25.41 ? 112 C   B N3    1 
ATOM   820 C  C4    . C   B 2 15 ? -2.775  2.147   15.835  1.00 24.44 ? 112 C   B C4    1 
ATOM   821 N  N4    . C   B 2 15 ? -1.599  2.167   15.221  1.00 24.69 ? 112 C   B N4    1 
ATOM   822 C  C5    . C   B 2 15 ? -3.936  2.687   15.223  1.00 24.20 ? 112 C   B C5    1 
ATOM   823 C  C6    . C   B 2 15 ? -5.079  2.596   15.911  1.00 23.58 ? 112 C   B C6    1 
HETATM 824 P  P     . 5BU B 2 16 ? -6.898  5.888   20.410  1.00 23.30 ? 113 5BU B P     1 
HETATM 825 O  OP1   . 5BU B 2 16 ? -7.916  6.451   21.307  1.00 24.17 ? 113 5BU B OP1   1 
HETATM 826 O  OP2   . 5BU B 2 16 ? -6.246  6.767   19.440  1.00 24.33 ? 113 5BU B OP2   1 
HETATM 827 O  "O5'" . 5BU B 2 16 ? -5.737  5.197   21.263  1.00 23.72 ? 113 5BU B "O5'" 1 
HETATM 828 C  "C5'" . 5BU B 2 16 ? -6.095  4.569   22.444  1.00 27.72 ? 113 5BU B "C5'" 1 
HETATM 829 C  "C4'" . 5BU B 2 16 ? -4.920  3.903   23.098  1.00 31.14 ? 113 5BU B "C4'" 1 
HETATM 830 O  "O4'" . 5BU B 2 16 ? -4.278  2.998   22.186  1.00 33.59 ? 113 5BU B "O4'" 1 
HETATM 831 C  "C3'" . 5BU B 2 16 ? -3.801  4.855   23.418  1.00 32.02 ? 113 5BU B "C3'" 1 
HETATM 832 O  "O3'" . 5BU B 2 16 ? -4.108  5.575   24.569  1.00 28.47 ? 113 5BU B "O3'" 1 
HETATM 833 C  "C2'" . 5BU B 2 16 ? -2.679  3.867   23.669  1.00 34.94 ? 113 5BU B "C2'" 1 
HETATM 834 O  "O2'" . 5BU B 2 16 ? -2.824  3.203   24.899  1.00 37.32 ? 113 5BU B "O2'" 1 
HETATM 835 C  "C1'" . 5BU B 2 16 ? -2.923  2.875   22.556  1.00 38.70 ? 113 5BU B "C1'" 1 
HETATM 836 N  N1    . 5BU B 2 16 ? -2.113  3.179   21.388  1.00 41.27 ? 113 5BU B N1    1 
HETATM 837 C  C2    . 5BU B 2 16 ? -0.783  2.834   21.342  1.00 43.62 ? 113 5BU B C2    1 
HETATM 838 O  O2    . 5BU B 2 16 ? -0.201  2.262   22.249  1.00 44.30 ? 113 5BU B O2    1 
HETATM 839 N  N3    . 5BU B 2 16 ? -0.145  3.179   20.177  1.00 43.38 ? 113 5BU B N3    1 
HETATM 840 C  C4    . 5BU B 2 16 ? -0.686  3.823   19.086  1.00 42.04 ? 113 5BU B C4    1 
HETATM 841 O  O4    . 5BU B 2 16 ? -0.002  4.062   18.095  1.00 41.53 ? 113 5BU B O4    1 
HETATM 842 C  C5    . 5BU B 2 16 ? -2.071  4.148   19.229  1.00 43.21 ? 113 5BU B C5    1 
HETATM 843 C  C6    . 5BU B 2 16 ? -2.711  3.818   20.342  1.00 42.02 ? 113 5BU B C6    1 
HETATM 844 BR BR    . 5BU B 2 16 ? -3.027  5.035   17.869  1.00 47.37 ? 113 5BU B BR    1 
ATOM   845 P  P     . C   B 2 17 ? -3.412  6.989   24.733  1.00 26.24 ? 114 C   B P     1 
ATOM   846 O  OP1   . C   B 2 17 ? -3.948  7.652   25.937  1.00 24.92 ? 114 C   B OP1   1 
ATOM   847 O  OP2   . C   B 2 17 ? -3.573  7.684   23.444  1.00 25.94 ? 114 C   B OP2   1 
ATOM   848 O  "O5'" . C   B 2 17 ? -1.878  6.591   24.912  1.00 23.74 ? 114 C   B "O5'" 1 
ATOM   849 C  "C5'" . C   B 2 17 ? -1.324  6.370   26.172  1.00 24.08 ? 114 C   B "C5'" 1 
ATOM   850 C  "C4'" . C   B 2 17 ? 0.092   5.834   26.068  1.00 25.41 ? 114 C   B "C4'" 1 
ATOM   851 O  "O4'" . C   B 2 17 ? 0.223   4.879   24.969  1.00 25.88 ? 114 C   B "O4'" 1 
ATOM   852 C  "C3'" . C   B 2 17 ? 1.141   6.876   25.762  1.00 26.51 ? 114 C   B "C3'" 1 
ATOM   853 O  "O3'" . C   B 2 17 ? 1.562   7.521   26.926  1.00 29.11 ? 114 C   B "O3'" 1 
ATOM   854 C  "C2'" . C   B 2 17 ? 2.249   5.998   25.196  1.00 26.56 ? 114 C   B "C2'" 1 
ATOM   855 O  "O2'" . C   B 2 17 ? 2.914   5.278   26.203  1.00 29.06 ? 114 C   B "O2'" 1 
ATOM   856 C  "C1'" . C   B 2 17 ? 1.464   5.042   24.308  1.00 24.49 ? 114 C   B "C1'" 1 
ATOM   857 N  N1    . C   B 2 17 ? 1.285   5.627   22.941  1.00 22.77 ? 114 C   B N1    1 
ATOM   858 C  C2    . C   B 2 17 ? 2.365   5.640   22.041  1.00 23.62 ? 114 C   B C2    1 
ATOM   859 O  O2    . C   B 2 17 ? 3.448   5.147   22.377  1.00 24.32 ? 114 C   B O2    1 
ATOM   860 N  N3    . C   B 2 17 ? 2.216   6.181   20.808  1.00 22.62 ? 114 C   B N3    1 
ATOM   861 C  C4    . C   B 2 17 ? 1.042   6.702   20.487  1.00 23.60 ? 114 C   B C4    1 
ATOM   862 N  N4    . C   B 2 17 ? 0.909   7.234   19.273  1.00 23.98 ? 114 C   B N4    1 
ATOM   863 C  C5    . C   B 2 17 ? -0.063  6.702   21.385  1.00 22.80 ? 114 C   B C5    1 
ATOM   864 C  C6    . C   B 2 17 ? 0.099   6.164   22.583  1.00 21.05 ? 114 C   B C6    1 
ATOM   865 P  P     . C   B 2 18 ? 1.748   9.120   26.902  1.00 32.20 ? 115 C   B P     1 
ATOM   866 O  OP1   . C   B 2 18 ? 1.465   9.599   28.269  1.00 31.21 ? 115 C   B OP1   1 
ATOM   867 O  OP2   . C   B 2 18 ? 0.996   9.682   25.756  1.00 31.38 ? 115 C   B OP2   1 
ATOM   868 O  "O5'" . C   B 2 18 ? 3.293   9.341   26.612  1.00 30.18 ? 115 C   B "O5'" 1 
ATOM   869 C  "C5'" . C   B 2 18 ? 4.169   8.413   27.188  1.00 31.25 ? 115 C   B "C5'" 1 
ATOM   870 C  "C4'" . C   B 2 18 ? 5.458   8.411   26.403  1.00 31.65 ? 115 C   B "C4'" 1 
ATOM   871 O  "O4'" . C   B 2 18 ? 5.348   7.568   25.229  1.00 29.71 ? 115 C   B "O4'" 1 
ATOM   872 C  "C3'" . C   B 2 18 ? 5.819   9.776   25.838  1.00 32.48 ? 115 C   B "C3'" 1 
ATOM   873 O  "O3'" . C   B 2 18 ? 6.375   10.640  26.817  1.00 34.06 ? 115 C   B "O3'" 1 
ATOM   874 C  "C2'" . C   B 2 18 ? 6.847   9.340   24.812  1.00 31.20 ? 115 C   B "C2'" 1 
ATOM   875 O  "O2'" . C   B 2 18 ? 8.061   9.026   25.453  1.00 33.29 ? 115 C   B "O2'" 1 
ATOM   876 C  "C1'" . C   B 2 18 ? 6.157   8.121   24.211  1.00 28.07 ? 115 C   B "C1'" 1 
ATOM   877 N  N1    . C   B 2 18 ? 5.311   8.513   23.051  1.00 26.00 ? 115 C   B N1    1 
ATOM   878 C  C2    . C   B 2 18 ? 5.902   8.643   21.789  1.00 26.45 ? 115 C   B C2    1 
ATOM   879 O  O2    . C   B 2 18 ? 7.113   8.423   21.675  1.00 27.08 ? 115 C   B O2    1 
ATOM   880 N  N3    . C   B 2 18 ? 5.149   9.001   20.718  1.00 25.53 ? 115 C   B N3    1 
ATOM   881 C  C4    . C   B 2 18 ? 3.851   9.239   20.890  1.00 25.90 ? 115 C   B C4    1 
ATOM   882 N  N4    . C   B 2 18 ? 3.134   9.597   19.826  1.00 26.37 ? 115 C   B N4    1 
ATOM   883 C  C5    . C   B 2 18 ? 3.227   9.120   22.161  1.00 25.41 ? 115 C   B C5    1 
ATOM   884 C  C6    . C   B 2 18 ? 3.984   8.760   23.201  1.00 25.17 ? 115 C   B C6    1 
ATOM   885 P  P     . G   B 2 19 ? 6.472   12.215  26.527  1.00 37.42 ? 116 G   B P     1 
ATOM   886 O  OP1   . G   B 2 19 ? 7.404   12.730  27.566  1.00 36.80 ? 116 G   B OP1   1 
ATOM   887 O  OP2   . G   B 2 19 ? 5.134   12.822  26.277  1.00 35.05 ? 116 G   B OP2   1 
ATOM   888 O  "O5'" . G   B 2 19 ? 7.246   12.329  25.144  1.00 36.14 ? 116 G   B "O5'" 1 
ATOM   889 C  "C5'" . G   B 2 19 ? 8.461   13.016  25.215  1.00 36.09 ? 116 G   B "C5'" 1 
ATOM   890 C  "C4'" . G   B 2 19 ? 9.192   12.847  23.925  1.00 35.65 ? 116 G   B "C4'" 1 
ATOM   891 O  "O4'" . G   B 2 19 ? 8.499   11.882  23.114  1.00 33.93 ? 116 G   B "O4'" 1 
ATOM   892 C  "C3'" . G   B 2 19 ? 9.158   14.058  23.039  1.00 36.66 ? 116 G   B "C3'" 1 
ATOM   893 O  "O3'" . G   B 2 19 ? 10.003  15.062  23.558  1.00 40.85 ? 116 G   B "O3'" 1 
ATOM   894 C  "C2'" . G   B 2 19 ? 9.679   13.379  21.779  1.00 35.07 ? 116 G   B "C2'" 1 
ATOM   895 O  "O2'" . G   B 2 19 ? 11.002  12.883  21.930  1.00 33.94 ? 116 G   B "O2'" 1 
ATOM   896 C  "C1'" . G   B 2 19 ? 8.717   12.197  21.760  1.00 32.20 ? 116 G   B "C1'" 1 
ATOM   897 N  N9    . G   B 2 19 ? 7.385   12.359  21.201  1.00 31.05 ? 116 G   B N9    1 
ATOM   898 C  C8    . G   B 2 19 ? 6.248   12.232  21.938  1.00 31.27 ? 116 G   B C8    1 
ATOM   899 N  N7    . G   B 2 19 ? 5.163   12.386  21.246  1.00 31.65 ? 116 G   B N7    1 
ATOM   900 C  C5    . G   B 2 19 ? 5.603   12.630  19.962  1.00 31.05 ? 116 G   B C5    1 
ATOM   901 C  C6    . G   B 2 19 ? 4.843   12.875  18.798  1.00 31.30 ? 116 G   B C6    1 
ATOM   902 O  O6    . G   B 2 19 ? 3.616   12.925  18.669  1.00 31.31 ? 116 G   B O6    1 
ATOM   903 N  N1    . G   B 2 19 ? 5.653   13.078  17.703  1.00 31.19 ? 116 G   B N1    1 
ATOM   904 C  C2    . G   B 2 19 ? 7.016   13.047  17.743  1.00 31.43 ? 116 G   B C2    1 
ATOM   905 N  N2    . G   B 2 19 ? 7.610   13.267  16.565  1.00 31.91 ? 116 G   B N2    1 
ATOM   906 N  N3    . G   B 2 19 ? 7.743   12.827  18.831  1.00 30.71 ? 116 G   B N3    1 
ATOM   907 C  C4    . G   B 2 19 ? 6.972   12.616  19.913  1.00 30.46 ? 116 G   B C4    1 
ATOM   908 P  P     . G   B 2 20 ? 9.540   16.603  23.534  1.00 44.87 ? 117 G   B P     1 
ATOM   909 O  OP1   . G   B 2 20 ? 10.722  17.341  24.033  1.00 45.31 ? 117 G   B OP1   1 
ATOM   910 O  OP2   . G   B 2 20 ? 8.250   16.719  24.261  1.00 44.19 ? 117 G   B OP2   1 
ATOM   911 O  "O5'" . G   B 2 20 ? 9.355   16.984  21.985  1.00 43.25 ? 117 G   B "O5'" 1 
ATOM   912 C  "C5'" . G   B 2 20 ? 10.563  17.045  21.224  1.00 43.27 ? 117 G   B "C5'" 1 
ATOM   913 C  "C4'" . G   B 2 20 ? 10.311  17.144  19.740  1.00 43.48 ? 117 G   B "C4'" 1 
ATOM   914 O  "O4'" . G   B 2 20 ? 9.284   16.209  19.372  1.00 42.72 ? 117 G   B "O4'" 1 
ATOM   915 C  "C3'" . G   B 2 20 ? 9.727   18.474  19.311  1.00 44.46 ? 117 G   B "C3'" 1 
ATOM   916 O  "O3'" . G   B 2 20 ? 10.786  19.406  19.082  1.00 48.20 ? 117 G   B "O3'" 1 
ATOM   917 C  "C2'" . G   B 2 20 ? 9.019   18.133  18.009  1.00 42.32 ? 117 G   B "C2'" 1 
ATOM   918 O  "O2'" . G   B 2 20 ? 9.921   18.158  16.925  1.00 41.83 ? 117 G   B "O2'" 1 
ATOM   919 C  "C1'" . G   B 2 20 ? 8.564   16.703  18.258  1.00 39.78 ? 117 G   B "C1'" 1 
ATOM   920 N  N9    . G   B 2 20 ? 7.137   16.491  18.486  1.00 38.55 ? 117 G   B N9    1 
ATOM   921 C  C8    . G   B 2 20 ? 6.525   16.121  19.663  1.00 38.66 ? 117 G   B C8    1 
ATOM   922 N  N7    . G   B 2 20 ? 5.233   15.985  19.564  1.00 37.88 ? 117 G   B N7    1 
ATOM   923 C  C5    . G   B 2 20 ? 4.983   16.269  18.236  1.00 37.57 ? 117 G   B C5    1 
ATOM   924 C  C6    . G   B 2 20 ? 3.764   16.281  17.530  1.00 38.49 ? 117 G   B C6    1 
ATOM   925 O  O6    . G   B 2 20 ? 2.639   16.031  17.962  1.00 38.83 ? 117 G   B O6    1 
ATOM   926 N  N1    . G   B 2 20 ? 3.913   16.636  16.197  1.00 38.35 ? 117 G   B N1    1 
ATOM   927 C  C2    . G   B 2 20 ? 5.121   16.926  15.630  1.00 38.13 ? 117 G   B C2    1 
ATOM   928 N  N2    . G   B 2 20 ? 5.086   17.242  14.332  1.00 38.74 ? 117 G   B N2    1 
ATOM   929 N  N3    . G   B 2 20 ? 6.277   16.912  16.278  1.00 36.92 ? 117 G   B N3    1 
ATOM   930 C  C4    . G   B 2 20 ? 6.134   16.576  17.566  1.00 36.84 ? 117 G   B C4    1 
HETATM 931 MG MG    . MG  C 3 .  ? -0.959  -5.103  5.245   1.00 46.62 ? 1   MG  A MG    1 
HETATM 932 MG MG    . MG  D 3 .  ? -2.751  -3.412  -3.922  1.00 56.21 ? 2   MG  A MG    1 
# 
